data_1HYZ
# 
_entry.id   1HYZ 
# 
_audit_conform.dict_name       mmcif_pdbx.dic 
_audit_conform.dict_version    5.397 
_audit_conform.dict_location   http://mmcif.pdb.org/dictionaries/ascii/mmcif_pdbx.dic 
# 
loop_
_database_2.database_id 
_database_2.database_code 
_database_2.pdbx_database_accession 
_database_2.pdbx_DOI 
PDB   1HYZ         pdb_00001hyz 10.2210/pdb1hyz/pdb 
RCSB  RCSB012698   ?            ?                   
WWPDB D_1000012698 ?            ?                   
# 
loop_
_pdbx_audit_revision_history.ordinal 
_pdbx_audit_revision_history.data_content_type 
_pdbx_audit_revision_history.major_revision 
_pdbx_audit_revision_history.minor_revision 
_pdbx_audit_revision_history.revision_date 
1 'Structure model' 1 0 2001-04-04 
2 'Structure model' 1 1 2008-04-27 
3 'Structure model' 1 2 2011-07-13 
4 'Structure model' 1 3 2017-10-04 
5 'Structure model' 1 4 2021-10-27 
6 'Structure model' 1 5 2024-10-16 
# 
_pdbx_audit_revision_details.ordinal             1 
_pdbx_audit_revision_details.revision_ordinal    1 
_pdbx_audit_revision_details.data_content_type   'Structure model' 
_pdbx_audit_revision_details.provider            repository 
_pdbx_audit_revision_details.type                'Initial release' 
_pdbx_audit_revision_details.description         ? 
_pdbx_audit_revision_details.details             ? 
# 
loop_
_pdbx_audit_revision_group.ordinal 
_pdbx_audit_revision_group.revision_ordinal 
_pdbx_audit_revision_group.data_content_type 
_pdbx_audit_revision_group.group 
1 2 'Structure model' 'Version format compliance' 
2 3 'Structure model' 'Version format compliance' 
3 4 'Structure model' 'Refinement description'    
4 5 'Structure model' 'Database references'       
5 5 'Structure model' 'Derived calculations'      
6 6 'Structure model' 'Data collection'           
7 6 'Structure model' 'Structure summary'         
# 
loop_
_pdbx_audit_revision_category.ordinal 
_pdbx_audit_revision_category.revision_ordinal 
_pdbx_audit_revision_category.data_content_type 
_pdbx_audit_revision_category.category 
1 4 'Structure model' software                  
2 5 'Structure model' database_2                
3 5 'Structure model' struct_conn               
4 5 'Structure model' struct_ref_seq_dif        
5 5 'Structure model' struct_site               
6 6 'Structure model' chem_comp_atom            
7 6 'Structure model' chem_comp_bond            
8 6 'Structure model' pdbx_entry_details        
9 6 'Structure model' pdbx_modification_feature 
# 
loop_
_pdbx_audit_revision_item.ordinal 
_pdbx_audit_revision_item.revision_ordinal 
_pdbx_audit_revision_item.data_content_type 
_pdbx_audit_revision_item.item 
1  5 'Structure model' '_database_2.pdbx_DOI'                 
2  5 'Structure model' '_database_2.pdbx_database_accession'  
3  5 'Structure model' '_struct_conn.conn_type_id'            
4  5 'Structure model' '_struct_conn.id'                      
5  5 'Structure model' '_struct_conn.pdbx_dist_value'         
6  5 'Structure model' '_struct_conn.pdbx_leaving_atom_flag'  
7  5 'Structure model' '_struct_conn.pdbx_ptnr1_label_alt_id' 
8  5 'Structure model' '_struct_conn.pdbx_ptnr2_label_alt_id' 
9  5 'Structure model' '_struct_conn.ptnr1_auth_comp_id'      
10 5 'Structure model' '_struct_conn.ptnr1_auth_seq_id'       
11 5 'Structure model' '_struct_conn.ptnr1_label_atom_id'     
12 5 'Structure model' '_struct_conn.ptnr1_label_comp_id'     
13 5 'Structure model' '_struct_conn.ptnr1_label_seq_id'      
14 5 'Structure model' '_struct_conn.ptnr2_auth_comp_id'      
15 5 'Structure model' '_struct_conn.ptnr2_auth_seq_id'       
16 5 'Structure model' '_struct_conn.ptnr2_label_atom_id'     
17 5 'Structure model' '_struct_conn.ptnr2_label_comp_id'     
18 5 'Structure model' '_struct_conn.ptnr2_label_seq_id'      
19 5 'Structure model' '_struct_ref_seq_dif.details'          
20 5 'Structure model' '_struct_site.pdbx_auth_asym_id'       
21 5 'Structure model' '_struct_site.pdbx_auth_comp_id'       
22 5 'Structure model' '_struct_site.pdbx_auth_seq_id'        
# 
_pdbx_database_status.status_code                     REL 
_pdbx_database_status.entry_id                        1HYZ 
_pdbx_database_status.recvd_initial_deposition_date   2001-01-22 
_pdbx_database_status.deposit_site                    RCSB 
_pdbx_database_status.process_site                    RCSB 
_pdbx_database_status.status_code_sf                  REL 
_pdbx_database_status.SG_entry                        . 
_pdbx_database_status.pdb_format_compatible           Y 
_pdbx_database_status.status_code_mr                  ? 
_pdbx_database_status.status_code_cs                  ? 
_pdbx_database_status.methods_development_category    ? 
_pdbx_database_status.status_code_nmr_data            ? 
# 
_pdbx_database_related.db_name        PDB 
_pdbx_database_related.db_id          1HYV 
_pdbx_database_related.details        '1HYV contains the same protein' 
_pdbx_database_related.content_type   unspecified 
# 
loop_
_audit_author.name 
_audit_author.pdbx_ordinal 
'Molteni, V.'     1 
'Greenwald, J.'   2 
'Rhodes, D.'      3 
'Hwang, Y.'       4 
'Kwiatkowski, W.' 5 
'Bushman, F.D.'   6 
'Siegel, J.S.'    7 
'Choe, S.'        8 
# 
_citation.id                        primary 
_citation.title                     
'Identification of a small-molecule binding site at the dimer interface of the HIV integrase catalytic domain.' 
_citation.journal_abbrev            'Acta Crystallogr.,Sect.D' 
_citation.journal_volume            57 
_citation.page_first                536 
_citation.page_last                 544 
_citation.year                      2001 
_citation.journal_id_ASTM           ABCRE6 
_citation.country                   DK 
_citation.journal_id_ISSN           0907-4449 
_citation.journal_id_CSD            0766 
_citation.book_publisher            ? 
_citation.pdbx_database_id_PubMed   11264582 
_citation.pdbx_database_id_DOI      10.1107/S0907444901001652 
# 
loop_
_citation_author.citation_id 
_citation_author.name 
_citation_author.ordinal 
_citation_author.identifier_ORCID 
primary 'Molteni, V.'     1 ? 
primary 'Greenwald, J.'   2 ? 
primary 'Rhodes, D.'      3 ? 
primary 'Hwang, Y.'       4 ? 
primary 'Kwiatkowski, W.' 5 ? 
primary 'Bushman, F.D.'   6 ? 
primary 'Siegel, J.S.'    7 ? 
primary 'Choe, S.'        8 ? 
# 
loop_
_entity.id 
_entity.type 
_entity.src_method 
_entity.pdbx_description 
_entity.formula_weight 
_entity.pdbx_number_of_molecules 
_entity.pdbx_ec 
_entity.pdbx_mutation 
_entity.pdbx_fragment 
_entity.details 
1 polymer     man INTEGRASE                                   18434.723 1  2.7.7.49 F185K 
'CATALYTIC CORE DOMAIN (RESIDUES 50-212)' ? 
2 non-polymer syn 'SULFATE ION'                               96.063    1  ?        ?     ? ? 
3 non-polymer syn 'CHLORIDE ION'                              35.453    1  ?        ?     ? ? 
4 non-polymer syn '(3,4-DIHYDROXY-PHENYL)-TRIPHENYL-ARSONIUM' 415.336   1  ?        ?     ? ? 
5 water       nat water                                       18.015    81 ?        ?     ? ? 
# 
_entity_poly.entity_id                      1 
_entity_poly.type                           'polypeptide(L)' 
_entity_poly.nstd_linkage                   no 
_entity_poly.nstd_monomer                   yes 
_entity_poly.pdbx_seq_one_letter_code       
;GSHMHGQVDCSPGIWQLD(CAF)THLEGKVILVAVHVASGYIEAEVIPAETGQETAYFLLKLAGRWPVKTVHTDNGSNFT
STTVKAA(CAF)WWAGIKQEFGIPYNPQSQGVIESMNKELKKIIGQVRDQAEHLKTAVQMAVFIHNKKRKGGIGGYSAGE
RIVDIIATDIQTKE
;
_entity_poly.pdbx_seq_one_letter_code_can   
;GSHMHGQVDCSPGIWQLDCTHLEGKVILVAVHVASGYIEAEVIPAETGQETAYFLLKLAGRWPVKTVHTDNGSNFTSTTV
KAACWWAGIKQEFGIPYNPQSQGVIESMNKELKKIIGQVRDQAEHLKTAVQMAVFIHNKKRKGGIGGYSAGERIVDIIAT
DIQTKE
;
_entity_poly.pdbx_strand_id                 A 
_entity_poly.pdbx_target_identifier         ? 
# 
loop_
_pdbx_entity_nonpoly.entity_id 
_pdbx_entity_nonpoly.name 
_pdbx_entity_nonpoly.comp_id 
2 'SULFATE ION'                               SO4 
3 'CHLORIDE ION'                              CL  
4 '(3,4-DIHYDROXY-PHENYL)-TRIPHENYL-ARSONIUM' TTO 
5 water                                       HOH 
# 
loop_
_entity_poly_seq.entity_id 
_entity_poly_seq.num 
_entity_poly_seq.mon_id 
_entity_poly_seq.hetero 
1 1   GLY n 
1 2   SER n 
1 3   HIS n 
1 4   MET n 
1 5   HIS n 
1 6   GLY n 
1 7   GLN n 
1 8   VAL n 
1 9   ASP n 
1 10  CYS n 
1 11  SER n 
1 12  PRO n 
1 13  GLY n 
1 14  ILE n 
1 15  TRP n 
1 16  GLN n 
1 17  LEU n 
1 18  ASP n 
1 19  CAF n 
1 20  THR n 
1 21  HIS n 
1 22  LEU n 
1 23  GLU n 
1 24  GLY n 
1 25  LYS n 
1 26  VAL n 
1 27  ILE n 
1 28  LEU n 
1 29  VAL n 
1 30  ALA n 
1 31  VAL n 
1 32  HIS n 
1 33  VAL n 
1 34  ALA n 
1 35  SER n 
1 36  GLY n 
1 37  TYR n 
1 38  ILE n 
1 39  GLU n 
1 40  ALA n 
1 41  GLU n 
1 42  VAL n 
1 43  ILE n 
1 44  PRO n 
1 45  ALA n 
1 46  GLU n 
1 47  THR n 
1 48  GLY n 
1 49  GLN n 
1 50  GLU n 
1 51  THR n 
1 52  ALA n 
1 53  TYR n 
1 54  PHE n 
1 55  LEU n 
1 56  LEU n 
1 57  LYS n 
1 58  LEU n 
1 59  ALA n 
1 60  GLY n 
1 61  ARG n 
1 62  TRP n 
1 63  PRO n 
1 64  VAL n 
1 65  LYS n 
1 66  THR n 
1 67  VAL n 
1 68  HIS n 
1 69  THR n 
1 70  ASP n 
1 71  ASN n 
1 72  GLY n 
1 73  SER n 
1 74  ASN n 
1 75  PHE n 
1 76  THR n 
1 77  SER n 
1 78  THR n 
1 79  THR n 
1 80  VAL n 
1 81  LYS n 
1 82  ALA n 
1 83  ALA n 
1 84  CAF n 
1 85  TRP n 
1 86  TRP n 
1 87  ALA n 
1 88  GLY n 
1 89  ILE n 
1 90  LYS n 
1 91  GLN n 
1 92  GLU n 
1 93  PHE n 
1 94  GLY n 
1 95  ILE n 
1 96  PRO n 
1 97  TYR n 
1 98  ASN n 
1 99  PRO n 
1 100 GLN n 
1 101 SER n 
1 102 GLN n 
1 103 GLY n 
1 104 VAL n 
1 105 ILE n 
1 106 GLU n 
1 107 SER n 
1 108 MET n 
1 109 ASN n 
1 110 LYS n 
1 111 GLU n 
1 112 LEU n 
1 113 LYS n 
1 114 LYS n 
1 115 ILE n 
1 116 ILE n 
1 117 GLY n 
1 118 GLN n 
1 119 VAL n 
1 120 ARG n 
1 121 ASP n 
1 122 GLN n 
1 123 ALA n 
1 124 GLU n 
1 125 HIS n 
1 126 LEU n 
1 127 LYS n 
1 128 THR n 
1 129 ALA n 
1 130 VAL n 
1 131 GLN n 
1 132 MET n 
1 133 ALA n 
1 134 VAL n 
1 135 PHE n 
1 136 ILE n 
1 137 HIS n 
1 138 ASN n 
1 139 LYS n 
1 140 LYS n 
1 141 ARG n 
1 142 LYS n 
1 143 GLY n 
1 144 GLY n 
1 145 ILE n 
1 146 GLY n 
1 147 GLY n 
1 148 TYR n 
1 149 SER n 
1 150 ALA n 
1 151 GLY n 
1 152 GLU n 
1 153 ARG n 
1 154 ILE n 
1 155 VAL n 
1 156 ASP n 
1 157 ILE n 
1 158 ILE n 
1 159 ALA n 
1 160 THR n 
1 161 ASP n 
1 162 ILE n 
1 163 GLN n 
1 164 THR n 
1 165 LYS n 
1 166 GLU n 
# 
_entity_src_gen.entity_id                          1 
_entity_src_gen.pdbx_src_id                        1 
_entity_src_gen.pdbx_alt_source_flag               sample 
_entity_src_gen.pdbx_seq_type                      ? 
_entity_src_gen.pdbx_beg_seq_num                   ? 
_entity_src_gen.pdbx_end_seq_num                   ? 
_entity_src_gen.gene_src_common_name               ? 
_entity_src_gen.gene_src_genus                     Lentivirus 
_entity_src_gen.pdbx_gene_src_gene                 ? 
_entity_src_gen.gene_src_species                   ? 
_entity_src_gen.gene_src_strain                    ? 
_entity_src_gen.gene_src_tissue                    ? 
_entity_src_gen.gene_src_tissue_fraction           ? 
_entity_src_gen.gene_src_details                   ? 
_entity_src_gen.pdbx_gene_src_fragment             ? 
_entity_src_gen.pdbx_gene_src_scientific_name      'Human immunodeficiency virus 1' 
_entity_src_gen.pdbx_gene_src_ncbi_taxonomy_id     11676 
_entity_src_gen.pdbx_gene_src_variant              ? 
_entity_src_gen.pdbx_gene_src_cell_line            ? 
_entity_src_gen.pdbx_gene_src_atcc                 ? 
_entity_src_gen.pdbx_gene_src_organ                ? 
_entity_src_gen.pdbx_gene_src_organelle            ? 
_entity_src_gen.pdbx_gene_src_cell                 ? 
_entity_src_gen.pdbx_gene_src_cellular_location    ? 
_entity_src_gen.host_org_common_name               ? 
_entity_src_gen.pdbx_host_org_scientific_name      'Escherichia coli' 
_entity_src_gen.pdbx_host_org_ncbi_taxonomy_id     562 
_entity_src_gen.host_org_genus                     Escherichia 
_entity_src_gen.pdbx_host_org_gene                 ? 
_entity_src_gen.pdbx_host_org_organ                ? 
_entity_src_gen.host_org_species                   ? 
_entity_src_gen.pdbx_host_org_tissue               ? 
_entity_src_gen.pdbx_host_org_tissue_fraction      ? 
_entity_src_gen.pdbx_host_org_strain               ? 
_entity_src_gen.pdbx_host_org_variant              ? 
_entity_src_gen.pdbx_host_org_cell_line            ? 
_entity_src_gen.pdbx_host_org_atcc                 ? 
_entity_src_gen.pdbx_host_org_culture_collection   ? 
_entity_src_gen.pdbx_host_org_cell                 ? 
_entity_src_gen.pdbx_host_org_organelle            ? 
_entity_src_gen.pdbx_host_org_cellular_location    ? 
_entity_src_gen.pdbx_host_org_vector_type          ? 
_entity_src_gen.pdbx_host_org_vector               ? 
_entity_src_gen.host_org_details                   ? 
_entity_src_gen.expression_system_id               ? 
_entity_src_gen.plasmid_name                       ? 
_entity_src_gen.plasmid_details                    ? 
_entity_src_gen.pdbx_description                   ? 
# 
loop_
_chem_comp.id 
_chem_comp.type 
_chem_comp.mon_nstd_flag 
_chem_comp.name 
_chem_comp.pdbx_synonyms 
_chem_comp.formula 
_chem_comp.formula_weight 
ALA 'L-peptide linking' y ALANINE                                     ?                         'C3 H7 N O2'       89.093  
ARG 'L-peptide linking' y ARGININE                                    ?                         'C6 H15 N4 O2 1'   175.209 
ASN 'L-peptide linking' y ASPARAGINE                                  ?                         'C4 H8 N2 O3'      132.118 
ASP 'L-peptide linking' y 'ASPARTIC ACID'                             ?                         'C4 H7 N O4'       133.103 
CAF 'L-peptide linking' n S-DIMETHYLARSINOYL-CYSTEINE                 'CYSTEIN-S-YL CACODYLATE' 'C5 H12 As N O3 S' 241.140 
CL  non-polymer         . 'CHLORIDE ION'                              ?                         'Cl -1'            35.453  
CYS 'L-peptide linking' y CYSTEINE                                    ?                         'C3 H7 N O2 S'     121.158 
GLN 'L-peptide linking' y GLUTAMINE                                   ?                         'C5 H10 N2 O3'     146.144 
GLU 'L-peptide linking' y 'GLUTAMIC ACID'                             ?                         'C5 H9 N O4'       147.129 
GLY 'peptide linking'   y GLYCINE                                     ?                         'C2 H5 N O2'       75.067  
HIS 'L-peptide linking' y HISTIDINE                                   ?                         'C6 H10 N3 O2 1'   156.162 
HOH non-polymer         . WATER                                       ?                         'H2 O'             18.015  
ILE 'L-peptide linking' y ISOLEUCINE                                  ?                         'C6 H13 N O2'      131.173 
LEU 'L-peptide linking' y LEUCINE                                     ?                         'C6 H13 N O2'      131.173 
LYS 'L-peptide linking' y LYSINE                                      ?                         'C6 H15 N2 O2 1'   147.195 
MET 'L-peptide linking' y METHIONINE                                  ?                         'C5 H11 N O2 S'    149.211 
PHE 'L-peptide linking' y PHENYLALANINE                               ?                         'C9 H11 N O2'      165.189 
PRO 'L-peptide linking' y PROLINE                                     ?                         'C5 H9 N O2'       115.130 
SER 'L-peptide linking' y SERINE                                      ?                         'C3 H7 N O3'       105.093 
SO4 non-polymer         . 'SULFATE ION'                               ?                         'O4 S -2'          96.063  
THR 'L-peptide linking' y THREONINE                                   ?                         'C4 H9 N O3'       119.119 
TRP 'L-peptide linking' y TRYPTOPHAN                                  ?                         'C11 H12 N2 O2'    204.225 
TTO non-polymer         . '(3,4-DIHYDROXY-PHENYL)-TRIPHENYL-ARSONIUM' ?                         'C24 H20 As O2 1'  415.336 
TYR 'L-peptide linking' y TYROSINE                                    ?                         'C9 H11 N O3'      181.189 
VAL 'L-peptide linking' y VALINE                                      ?                         'C5 H11 N O2'      117.146 
# 
loop_
_pdbx_poly_seq_scheme.asym_id 
_pdbx_poly_seq_scheme.entity_id 
_pdbx_poly_seq_scheme.seq_id 
_pdbx_poly_seq_scheme.mon_id 
_pdbx_poly_seq_scheme.ndb_seq_num 
_pdbx_poly_seq_scheme.pdb_seq_num 
_pdbx_poly_seq_scheme.auth_seq_num 
_pdbx_poly_seq_scheme.pdb_mon_id 
_pdbx_poly_seq_scheme.auth_mon_id 
_pdbx_poly_seq_scheme.pdb_strand_id 
_pdbx_poly_seq_scheme.pdb_ins_code 
_pdbx_poly_seq_scheme.hetero 
A 1 1   GLY 1   47  ?   ?   ?   A . n 
A 1 2   SER 2   48  ?   ?   ?   A . n 
A 1 3   HIS 3   49  ?   ?   ?   A . n 
A 1 4   MET 4   50  ?   ?   ?   A . n 
A 1 5   HIS 5   51  ?   ?   ?   A . n 
A 1 6   GLY 6   52  ?   ?   ?   A . n 
A 1 7   GLN 7   53  ?   ?   ?   A . n 
A 1 8   VAL 8   54  ?   ?   ?   A . n 
A 1 9   ASP 9   55  ?   ?   ?   A . n 
A 1 10  CYS 10  56  ?   ?   ?   A . n 
A 1 11  SER 11  57  57  SER SER A . n 
A 1 12  PRO 12  58  58  PRO PRO A . n 
A 1 13  GLY 13  59  59  GLY GLY A . n 
A 1 14  ILE 14  60  60  ILE ILE A . n 
A 1 15  TRP 15  61  61  TRP TRP A . n 
A 1 16  GLN 16  62  62  GLN GLN A . n 
A 1 17  LEU 17  63  63  LEU LEU A . n 
A 1 18  ASP 18  64  64  ASP ASP A . n 
A 1 19  CAF 19  65  65  CAF CYS A . n 
A 1 20  THR 20  66  66  THR THR A . n 
A 1 21  HIS 21  67  67  HIS HIS A . n 
A 1 22  LEU 22  68  68  LEU LEU A . n 
A 1 23  GLU 23  69  69  GLU GLU A . n 
A 1 24  GLY 24  70  70  GLY GLY A . n 
A 1 25  LYS 25  71  71  LYS LYS A . n 
A 1 26  VAL 26  72  72  VAL VAL A . n 
A 1 27  ILE 27  73  73  ILE ILE A . n 
A 1 28  LEU 28  74  74  LEU LEU A . n 
A 1 29  VAL 29  75  75  VAL VAL A . n 
A 1 30  ALA 30  76  76  ALA ALA A . n 
A 1 31  VAL 31  77  77  VAL VAL A . n 
A 1 32  HIS 32  78  78  HIS HIS A . n 
A 1 33  VAL 33  79  79  VAL VAL A . n 
A 1 34  ALA 34  80  80  ALA ALA A . n 
A 1 35  SER 35  81  81  SER SER A . n 
A 1 36  GLY 36  82  82  GLY GLY A . n 
A 1 37  TYR 37  83  83  TYR TYR A . n 
A 1 38  ILE 38  84  84  ILE ILE A . n 
A 1 39  GLU 39  85  85  GLU GLU A . n 
A 1 40  ALA 40  86  86  ALA ALA A . n 
A 1 41  GLU 41  87  87  GLU GLU A . n 
A 1 42  VAL 42  88  88  VAL VAL A . n 
A 1 43  ILE 43  89  89  ILE ILE A . n 
A 1 44  PRO 44  90  90  PRO PRO A . n 
A 1 45  ALA 45  91  91  ALA ALA A . n 
A 1 46  GLU 46  92  92  GLU GLU A . n 
A 1 47  THR 47  93  93  THR THR A . n 
A 1 48  GLY 48  94  94  GLY GLY A . n 
A 1 49  GLN 49  95  95  GLN GLN A . n 
A 1 50  GLU 50  96  96  GLU GLU A . n 
A 1 51  THR 51  97  97  THR THR A . n 
A 1 52  ALA 52  98  98  ALA ALA A . n 
A 1 53  TYR 53  99  99  TYR TYR A . n 
A 1 54  PHE 54  100 100 PHE PHE A . n 
A 1 55  LEU 55  101 101 LEU LEU A . n 
A 1 56  LEU 56  102 102 LEU LEU A . n 
A 1 57  LYS 57  103 103 LYS LYS A . n 
A 1 58  LEU 58  104 104 LEU LEU A . n 
A 1 59  ALA 59  105 105 ALA ALA A . n 
A 1 60  GLY 60  106 106 GLY GLY A . n 
A 1 61  ARG 61  107 107 ARG ARG A . n 
A 1 62  TRP 62  108 108 TRP TRP A . n 
A 1 63  PRO 63  109 109 PRO PRO A . n 
A 1 64  VAL 64  110 110 VAL VAL A . n 
A 1 65  LYS 65  111 111 LYS ALA A . n 
A 1 66  THR 66  112 112 THR THR A . n 
A 1 67  VAL 67  113 113 VAL VAL A . n 
A 1 68  HIS 68  114 114 HIS HIS A . n 
A 1 69  THR 69  115 115 THR THR A . n 
A 1 70  ASP 70  116 116 ASP ASP A . n 
A 1 71  ASN 71  117 117 ASN ASN A . n 
A 1 72  GLY 72  118 118 GLY GLY A . n 
A 1 73  SER 73  119 119 SER SER A . n 
A 1 74  ASN 74  120 120 ASN ASN A . n 
A 1 75  PHE 75  121 121 PHE PHE A . n 
A 1 76  THR 76  122 122 THR THR A . n 
A 1 77  SER 77  123 123 SER SER A . n 
A 1 78  THR 78  124 124 THR THR A . n 
A 1 79  THR 79  125 125 THR THR A . n 
A 1 80  VAL 80  126 126 VAL VAL A . n 
A 1 81  LYS 81  127 127 LYS LYS A . n 
A 1 82  ALA 82  128 128 ALA ALA A . n 
A 1 83  ALA 83  129 129 ALA ALA A . n 
A 1 84  CAF 84  130 130 CAF CYS A . n 
A 1 85  TRP 85  131 131 TRP TRP A . n 
A 1 86  TRP 86  132 132 TRP TRP A . n 
A 1 87  ALA 87  133 133 ALA ALA A . n 
A 1 88  GLY 88  134 134 GLY GLY A . n 
A 1 89  ILE 89  135 135 ILE ILE A . n 
A 1 90  LYS 90  136 136 LYS LYS A . n 
A 1 91  GLN 91  137 137 GLN GLN A . n 
A 1 92  GLU 92  138 138 GLU GLU A . n 
A 1 93  PHE 93  139 139 PHE PHE A . n 
A 1 94  GLY 94  140 140 GLY GLY A . n 
A 1 95  ILE 95  141 ?   ?   ?   A . n 
A 1 96  PRO 96  142 ?   ?   ?   A . n 
A 1 97  TYR 97  143 ?   ?   ?   A . n 
A 1 98  ASN 98  144 ?   ?   ?   A . n 
A 1 99  PRO 99  145 ?   ?   ?   A . n 
A 1 100 GLN 100 146 ?   ?   ?   A . n 
A 1 101 SER 101 147 ?   ?   ?   A . n 
A 1 102 GLN 102 148 148 GLN ALA A . n 
A 1 103 GLY 103 149 149 GLY GLY A . n 
A 1 104 VAL 104 150 150 VAL ALA A . n 
A 1 105 ILE 105 151 151 ILE ILE A . n 
A 1 106 GLU 106 152 152 GLU GLU A . n 
A 1 107 SER 107 153 153 SER ALA A . n 
A 1 108 MET 108 154 154 MET MET A . n 
A 1 109 ASN 109 155 155 ASN ASN A . n 
A 1 110 LYS 110 156 156 LYS LYS A . n 
A 1 111 GLU 111 157 157 GLU GLU A . n 
A 1 112 LEU 112 158 158 LEU LEU A . n 
A 1 113 LYS 113 159 159 LYS LYS A . n 
A 1 114 LYS 114 160 160 LYS LYS A . n 
A 1 115 ILE 115 161 161 ILE ILE A . n 
A 1 116 ILE 116 162 162 ILE ILE A . n 
A 1 117 GLY 117 163 163 GLY GLY A . n 
A 1 118 GLN 118 164 164 GLN GLN A . n 
A 1 119 VAL 119 165 165 VAL VAL A . n 
A 1 120 ARG 120 166 166 ARG ARG A . n 
A 1 121 ASP 121 167 167 ASP ALA A . n 
A 1 122 GLN 122 168 168 GLN GLN A . n 
A 1 123 ALA 123 169 169 ALA ALA A . n 
A 1 124 GLU 124 170 170 GLU GLU A . n 
A 1 125 HIS 125 171 171 HIS HIS A . n 
A 1 126 LEU 126 172 172 LEU LEU A . n 
A 1 127 LYS 127 173 173 LYS LYS A . n 
A 1 128 THR 128 174 174 THR THR A . n 
A 1 129 ALA 129 175 175 ALA ALA A . n 
A 1 130 VAL 130 176 176 VAL VAL A . n 
A 1 131 GLN 131 177 177 GLN GLN A . n 
A 1 132 MET 132 178 178 MET MET A . n 
A 1 133 ALA 133 179 179 ALA ALA A . n 
A 1 134 VAL 134 180 180 VAL VAL A . n 
A 1 135 PHE 135 181 181 PHE PHE A . n 
A 1 136 ILE 136 182 182 ILE ILE A . n 
A 1 137 HIS 137 183 183 HIS HIS A . n 
A 1 138 ASN 138 184 184 ASN ASN A . n 
A 1 139 LYS 139 185 185 LYS LYS A . n 
A 1 140 LYS 140 186 186 LYS LYS A . n 
A 1 141 ARG 141 187 187 ARG ARG A . n 
A 1 142 LYS 142 188 188 LYS LYS A . n 
A 1 143 GLY 143 189 189 GLY GLY A . n 
A 1 144 GLY 144 190 ?   ?   ?   A . n 
A 1 145 ILE 145 191 ?   ?   ?   A . n 
A 1 146 GLY 146 192 ?   ?   ?   A . n 
A 1 147 GLY 147 193 193 GLY GLY A . n 
A 1 148 TYR 148 194 194 TYR TYR A . n 
A 1 149 SER 149 195 195 SER SER A . n 
A 1 150 ALA 150 196 196 ALA ALA A . n 
A 1 151 GLY 151 197 197 GLY GLY A . n 
A 1 152 GLU 152 198 198 GLU GLU A . n 
A 1 153 ARG 153 199 199 ARG ARG A . n 
A 1 154 ILE 154 200 200 ILE ILE A . n 
A 1 155 VAL 155 201 201 VAL VAL A . n 
A 1 156 ASP 156 202 202 ASP ASP A . n 
A 1 157 ILE 157 203 203 ILE ILE A . n 
A 1 158 ILE 158 204 204 ILE ILE A . n 
A 1 159 ALA 159 205 205 ALA ALA A . n 
A 1 160 THR 160 206 206 THR THR A . n 
A 1 161 ASP 161 207 207 ASP ASP A . n 
A 1 162 ILE 162 208 208 ILE ILE A . n 
A 1 163 GLN 163 209 209 GLN GLN A . n 
A 1 164 THR 164 210 210 THR ALA A . n 
A 1 165 LYS 165 211 ?   ?   ?   A . n 
A 1 166 GLU 166 212 ?   ?   ?   A . n 
# 
loop_
_pdbx_nonpoly_scheme.asym_id 
_pdbx_nonpoly_scheme.entity_id 
_pdbx_nonpoly_scheme.mon_id 
_pdbx_nonpoly_scheme.ndb_seq_num 
_pdbx_nonpoly_scheme.pdb_seq_num 
_pdbx_nonpoly_scheme.auth_seq_num 
_pdbx_nonpoly_scheme.pdb_mon_id 
_pdbx_nonpoly_scheme.auth_mon_id 
_pdbx_nonpoly_scheme.pdb_strand_id 
_pdbx_nonpoly_scheme.pdb_ins_code 
B 2 SO4 1  302 302 SO4 SUL A . 
C 3 CL  1  303 303 CL  IUM A . 
D 4 TTO 1  304 1   TTO TAC A . 
E 5 HOH 1  305 1   HOH WAT A . 
E 5 HOH 2  306 2   HOH WAT A . 
E 5 HOH 3  307 3   HOH WAT A . 
E 5 HOH 4  308 4   HOH WAT A . 
E 5 HOH 5  309 5   HOH WAT A . 
E 5 HOH 6  310 6   HOH WAT A . 
E 5 HOH 7  311 7   HOH WAT A . 
E 5 HOH 8  312 8   HOH WAT A . 
E 5 HOH 9  313 9   HOH WAT A . 
E 5 HOH 10 314 10  HOH WAT A . 
E 5 HOH 11 315 11  HOH WAT A . 
E 5 HOH 12 316 12  HOH WAT A . 
E 5 HOH 13 317 13  HOH WAT A . 
E 5 HOH 14 318 14  HOH WAT A . 
E 5 HOH 15 319 15  HOH WAT A . 
E 5 HOH 16 320 16  HOH WAT A . 
E 5 HOH 17 321 17  HOH WAT A . 
E 5 HOH 18 322 18  HOH WAT A . 
E 5 HOH 19 323 19  HOH WAT A . 
E 5 HOH 20 324 20  HOH WAT A . 
E 5 HOH 21 325 21  HOH WAT A . 
E 5 HOH 22 326 22  HOH WAT A . 
E 5 HOH 23 327 23  HOH WAT A . 
E 5 HOH 24 328 24  HOH WAT A . 
E 5 HOH 25 329 25  HOH WAT A . 
E 5 HOH 26 330 26  HOH WAT A . 
E 5 HOH 27 331 27  HOH WAT A . 
E 5 HOH 28 332 28  HOH WAT A . 
E 5 HOH 29 333 29  HOH WAT A . 
E 5 HOH 30 334 30  HOH WAT A . 
E 5 HOH 31 335 31  HOH WAT A . 
E 5 HOH 32 336 32  HOH WAT A . 
E 5 HOH 33 337 33  HOH WAT A . 
E 5 HOH 34 338 34  HOH WAT A . 
E 5 HOH 35 339 35  HOH WAT A . 
E 5 HOH 36 340 36  HOH WAT A . 
E 5 HOH 37 341 37  HOH WAT A . 
E 5 HOH 38 342 38  HOH WAT A . 
E 5 HOH 39 343 39  HOH WAT A . 
E 5 HOH 40 344 40  HOH WAT A . 
E 5 HOH 41 345 41  HOH WAT A . 
E 5 HOH 42 346 42  HOH WAT A . 
E 5 HOH 43 347 43  HOH WAT A . 
E 5 HOH 44 348 44  HOH WAT A . 
E 5 HOH 45 349 45  HOH WAT A . 
E 5 HOH 46 350 46  HOH WAT A . 
E 5 HOH 47 351 47  HOH WAT A . 
E 5 HOH 48 352 48  HOH WAT A . 
E 5 HOH 49 353 49  HOH WAT A . 
E 5 HOH 50 354 50  HOH WAT A . 
E 5 HOH 51 355 51  HOH WAT A . 
E 5 HOH 52 356 52  HOH WAT A . 
E 5 HOH 53 357 53  HOH WAT A . 
E 5 HOH 54 358 54  HOH WAT A . 
E 5 HOH 55 359 55  HOH WAT A . 
E 5 HOH 56 360 56  HOH WAT A . 
E 5 HOH 57 361 57  HOH WAT A . 
E 5 HOH 58 362 58  HOH WAT A . 
E 5 HOH 59 363 59  HOH WAT A . 
E 5 HOH 60 364 60  HOH WAT A . 
E 5 HOH 61 365 61  HOH WAT A . 
E 5 HOH 62 366 62  HOH WAT A . 
E 5 HOH 63 367 63  HOH WAT A . 
E 5 HOH 64 368 64  HOH WAT A . 
E 5 HOH 65 369 65  HOH WAT A . 
E 5 HOH 66 370 66  HOH WAT A . 
E 5 HOH 67 371 67  HOH WAT A . 
E 5 HOH 68 372 68  HOH WAT A . 
E 5 HOH 69 373 69  HOH WAT A . 
E 5 HOH 70 374 70  HOH WAT A . 
E 5 HOH 71 375 71  HOH WAT A . 
E 5 HOH 72 376 72  HOH WAT A . 
E 5 HOH 73 377 73  HOH WAT A . 
E 5 HOH 74 378 74  HOH WAT A . 
E 5 HOH 75 379 75  HOH WAT A . 
E 5 HOH 76 380 76  HOH WAT A . 
E 5 HOH 77 381 77  HOH WAT A . 
E 5 HOH 78 382 78  HOH WAT A . 
E 5 HOH 79 383 79  HOH WAT A . 
E 5 HOH 80 384 80  HOH WAT A . 
E 5 HOH 81 385 81  HOH WAT A . 
# 
loop_
_pdbx_unobs_or_zero_occ_atoms.id 
_pdbx_unobs_or_zero_occ_atoms.PDB_model_num 
_pdbx_unobs_or_zero_occ_atoms.polymer_flag 
_pdbx_unobs_or_zero_occ_atoms.occupancy_flag 
_pdbx_unobs_or_zero_occ_atoms.auth_asym_id 
_pdbx_unobs_or_zero_occ_atoms.auth_comp_id 
_pdbx_unobs_or_zero_occ_atoms.auth_seq_id 
_pdbx_unobs_or_zero_occ_atoms.PDB_ins_code 
_pdbx_unobs_or_zero_occ_atoms.auth_atom_id 
_pdbx_unobs_or_zero_occ_atoms.label_alt_id 
_pdbx_unobs_or_zero_occ_atoms.label_asym_id 
_pdbx_unobs_or_zero_occ_atoms.label_comp_id 
_pdbx_unobs_or_zero_occ_atoms.label_seq_id 
_pdbx_unobs_or_zero_occ_atoms.label_atom_id 
1  1 Y 1 A LYS 111 ? CG  ? A LYS 65  CG  
2  1 Y 1 A LYS 111 ? CD  ? A LYS 65  CD  
3  1 Y 1 A LYS 111 ? CE  ? A LYS 65  CE  
4  1 Y 1 A LYS 111 ? NZ  ? A LYS 65  NZ  
5  1 Y 1 A CAF 130 ? CE1 ? A CAF 84  CE1 
6  1 Y 1 A CAF 130 ? CE2 ? A CAF 84  CE2 
7  1 Y 1 A CAF 130 ? O1  ? A CAF 84  O1  
8  1 Y 1 A GLN 148 ? CG  ? A GLN 102 CG  
9  1 Y 1 A GLN 148 ? CD  ? A GLN 102 CD  
10 1 Y 1 A GLN 148 ? OE1 ? A GLN 102 OE1 
11 1 Y 1 A GLN 148 ? NE2 ? A GLN 102 NE2 
12 1 Y 1 A VAL 150 ? CG1 ? A VAL 104 CG1 
13 1 Y 1 A VAL 150 ? CG2 ? A VAL 104 CG2 
14 1 Y 1 A SER 153 ? OG  ? A SER 107 OG  
15 1 Y 1 A ASP 167 ? CG  ? A ASP 121 CG  
16 1 Y 1 A ASP 167 ? OD1 ? A ASP 121 OD1 
17 1 Y 1 A ASP 167 ? OD2 ? A ASP 121 OD2 
18 1 Y 1 A THR 210 ? OG1 ? A THR 164 OG1 
19 1 Y 1 A THR 210 ? CG2 ? A THR 164 CG2 
20 1 N 1 A TTO 304 ? C7  ? D TTO 1   C7  
21 1 N 1 A TTO 304 ? C8  ? D TTO 1   C8  
22 1 N 1 A TTO 304 ? C9  ? D TTO 1   C9  
23 1 N 1 A TTO 304 ? C10 ? D TTO 1   C10 
24 1 N 1 A TTO 304 ? C11 ? D TTO 1   C11 
25 1 N 1 A TTO 304 ? C12 ? D TTO 1   C12 
26 1 N 1 A TTO 304 ? C13 ? D TTO 1   C13 
27 1 N 1 A TTO 304 ? C14 ? D TTO 1   C14 
28 1 N 1 A TTO 304 ? C15 ? D TTO 1   C15 
29 1 N 1 A TTO 304 ? C16 ? D TTO 1   C16 
30 1 N 1 A TTO 304 ? C17 ? D TTO 1   C17 
31 1 N 1 A TTO 304 ? C18 ? D TTO 1   C18 
32 1 N 1 A TTO 304 ? C19 ? D TTO 1   C19 
33 1 N 1 A TTO 304 ? C20 ? D TTO 1   C20 
34 1 N 1 A TTO 304 ? C21 ? D TTO 1   C21 
35 1 N 1 A TTO 304 ? C22 ? D TTO 1   C22 
36 1 N 1 A TTO 304 ? C23 ? D TTO 1   C23 
37 1 N 1 A TTO 304 ? C24 ? D TTO 1   C24 
38 1 N 1 A TTO 304 ? O1  ? D TTO 1   O1  
39 1 N 1 A TTO 304 ? O2  ? D TTO 1   O2  
# 
loop_
_software.name 
_software.classification 
_software.version 
_software.citation_id 
_software.pdbx_ordinal 
REFMAC    refinement       . ? 1 
DENZO     'data reduction' . ? 2 
SCALEPACK 'data scaling'   . ? 3 
# 
_cell.entry_id           1HYZ 
_cell.length_a           72.220 
_cell.length_b           72.220 
_cell.length_c           65.160 
_cell.angle_alpha        90.00 
_cell.angle_beta         90.00 
_cell.angle_gamma        120.00 
_cell.Z_PDB              6 
_cell.pdbx_unique_axis   ? 
# 
_symmetry.entry_id                         1HYZ 
_symmetry.space_group_name_H-M             'P 31 2 1' 
_symmetry.pdbx_full_space_group_name_H-M   ? 
_symmetry.cell_setting                     ? 
_symmetry.Int_Tables_number                152 
# 
_exptl.entry_id          1HYZ 
_exptl.method            'X-RAY DIFFRACTION' 
_exptl.crystals_number   1 
# 
_exptl_crystal.id                    1 
_exptl_crystal.density_meas          ? 
_exptl_crystal.density_Matthews      2.66 
_exptl_crystal.density_percent_sol   53.76 
_exptl_crystal.description           ? 
# 
_exptl_crystal_grow.crystal_id      1 
_exptl_crystal_grow.method          'VAPOR DIFFUSION, HANGING DROP' 
_exptl_crystal_grow.temp            277 
_exptl_crystal_grow.temp_details    ? 
_exptl_crystal_grow.pH              6.5 
_exptl_crystal_grow.pdbx_details    'PEG8000, NH4SO4, Cacodylate, pH 6.5, VAPOR DIFFUSION, HANGING DROP, temperature 277K' 
_exptl_crystal_grow.pdbx_pH_range   . 
# 
_diffrn.id                     1 
_diffrn.ambient_temp           100 
_diffrn.ambient_temp_details   ? 
_diffrn.crystal_id             1 
# 
_diffrn_detector.diffrn_id              1 
_diffrn_detector.detector               'IMAGE PLATE' 
_diffrn_detector.type                   MACSCIENCE 
_diffrn_detector.pdbx_collection_date   1997-05-01 
_diffrn_detector.details                'focusing mirror' 
# 
_diffrn_radiation.diffrn_id                        1 
_diffrn_radiation.wavelength_id                    1 
_diffrn_radiation.pdbx_monochromatic_or_laue_m_l   M 
_diffrn_radiation.monochromator                    ? 
_diffrn_radiation.pdbx_diffrn_protocol             'SINGLE WAVELENGTH' 
_diffrn_radiation.pdbx_scattering_type             x-ray 
# 
_diffrn_radiation_wavelength.id           1 
_diffrn_radiation_wavelength.wavelength   1.54 
_diffrn_radiation_wavelength.wt           1.0 
# 
_diffrn_source.diffrn_id                   1 
_diffrn_source.source                      'ROTATING ANODE' 
_diffrn_source.type                        OTHER 
_diffrn_source.pdbx_synchrotron_site       ? 
_diffrn_source.pdbx_synchrotron_beamline   ? 
_diffrn_source.pdbx_wavelength             ? 
_diffrn_source.pdbx_wavelength_list        1.54 
# 
_reflns.entry_id                     1HYZ 
_reflns.observed_criterion_sigma_I   0 
_reflns.observed_criterion_sigma_F   0 
_reflns.d_resolution_low             25 
_reflns.d_resolution_high            2.3 
_reflns.number_obs                   15753 
_reflns.number_all                   15753 
_reflns.percent_possible_obs         92.7 
_reflns.pdbx_Rmerge_I_obs            0.0430000 
_reflns.pdbx_Rsym_value              ? 
_reflns.pdbx_netI_over_sigmaI        24 
_reflns.B_iso_Wilson_estimate        48 
_reflns.pdbx_redundancy              11 
_reflns.R_free_details               ? 
_reflns.limit_h_max                  ? 
_reflns.limit_h_min                  ? 
_reflns.limit_k_max                  ? 
_reflns.limit_k_min                  ? 
_reflns.limit_l_max                  ? 
_reflns.limit_l_min                  ? 
_reflns.observed_criterion_F_max     ? 
_reflns.observed_criterion_F_min     ? 
_reflns.pdbx_diffrn_id               1 
_reflns.pdbx_ordinal                 1 
# 
_reflns_shell.d_res_high             2.3 
_reflns_shell.d_res_low              2.38 
_reflns_shell.percent_possible_all   92.6 
_reflns_shell.Rmerge_I_obs           0.2880000 
_reflns_shell.pdbx_Rsym_value        ? 
_reflns_shell.meanI_over_sigI_obs    ? 
_reflns_shell.pdbx_redundancy        ? 
_reflns_shell.percent_possible_obs   ? 
_reflns_shell.number_unique_all      ? 
_reflns_shell.pdbx_diffrn_id         ? 
_reflns_shell.pdbx_ordinal           1 
# 
_refine.entry_id                                 1HYZ 
_refine.ls_number_reflns_obs                     8501 
_refine.ls_number_reflns_all                     8501 
_refine.pdbx_ls_sigma_I                          0 
_refine.pdbx_ls_sigma_F                          0 
_refine.pdbx_data_cutoff_high_absF               ? 
_refine.pdbx_data_cutoff_low_absF                ? 
_refine.ls_d_res_low                             24 
_refine.ls_d_res_high                            2.3 
_refine.ls_percent_reflns_obs                    ? 
_refine.ls_R_factor_obs                          ? 
_refine.ls_R_factor_all                          ? 
_refine.ls_R_factor_R_work                       0.2370000 
_refine.ls_R_factor_R_free                       0.2910000 
_refine.ls_R_factor_R_free_error                 ? 
_refine.ls_R_factor_R_free_error_details         ? 
_refine.ls_percent_reflns_R_free                 ? 
_refine.ls_number_reflns_R_free                  447 
_refine.ls_number_parameters                     ? 
_refine.ls_number_restraints                     ? 
_refine.occupancy_min                            ? 
_refine.occupancy_max                            ? 
_refine.B_iso_mean                               ? 
_refine.aniso_B[1][1]                            ? 
_refine.aniso_B[2][2]                            ? 
_refine.aniso_B[3][3]                            ? 
_refine.aniso_B[1][2]                            ? 
_refine.aniso_B[1][3]                            ? 
_refine.aniso_B[2][3]                            ? 
_refine.solvent_model_details                    ? 
_refine.solvent_model_param_ksol                 ? 
_refine.solvent_model_param_bsol                 ? 
_refine.pdbx_ls_cross_valid_method               ? 
_refine.details                                  ? 
_refine.pdbx_starting_model                      ? 
_refine.pdbx_method_to_determine_struct          'MOLECULAR REPLACEMENT' 
_refine.pdbx_isotropic_thermal_model             ? 
_refine.pdbx_stereochemistry_target_values       'default for refmac' 
_refine.pdbx_stereochem_target_val_spec_case     ? 
_refine.pdbx_R_Free_selection_details            'Same 5% as starting model for MR.' 
_refine.pdbx_overall_ESU_R_Free                  ? 
_refine.overall_SU_B                             ? 
_refine.ls_redundancy_reflns_obs                 ? 
_refine.B_iso_min                                ? 
_refine.B_iso_max                                ? 
_refine.correlation_coeff_Fo_to_Fc               ? 
_refine.correlation_coeff_Fo_to_Fc_free          ? 
_refine.overall_SU_R_Cruickshank_DPI             ? 
_refine.overall_SU_R_free                        ? 
_refine.overall_SU_ML                            ? 
_refine.pdbx_overall_ESU_R                       ? 
_refine.pdbx_data_cutoff_high_rms_absF           ? 
_refine.pdbx_refine_id                           'X-RAY DIFFRACTION' 
_refine.pdbx_diffrn_id                           1 
_refine.pdbx_TLS_residual_ADP_flag               ? 
_refine.pdbx_solvent_vdw_probe_radii             ? 
_refine.pdbx_solvent_ion_probe_radii             ? 
_refine.pdbx_solvent_shrinkage_radii             ? 
_refine.pdbx_overall_phase_error                 ? 
_refine.pdbx_overall_SU_R_free_Cruickshank_DPI   ? 
_refine.pdbx_overall_SU_R_Blow_DPI               ? 
_refine.pdbx_overall_SU_R_free_Blow_DPI          ? 
# 
_refine_hist.pdbx_refine_id                   'X-RAY DIFFRACTION' 
_refine_hist.cycle_id                         LAST 
_refine_hist.pdbx_number_atoms_protein        1150 
_refine_hist.pdbx_number_atoms_nucleic_acid   0 
_refine_hist.pdbx_number_atoms_ligand         13 
_refine_hist.number_atoms_solvent             81 
_refine_hist.number_atoms_total               1244 
_refine_hist.d_res_high                       2.3 
_refine_hist.d_res_low                        24 
# 
_struct.entry_id                  1HYZ 
_struct.title                     'HIV INTEGRASE CORE DOMAIN COMPLEXED WITH A DERIVATIVE OF TETRAPHENYL ARSONIUM.' 
_struct.pdbx_model_details        ? 
_struct.pdbx_CASP_flag            ? 
_struct.pdbx_model_type_details   ? 
# 
_struct_keywords.entry_id        1HYZ 
_struct_keywords.pdbx_keywords   TRANSFERASE 
_struct_keywords.text            'DNA INTEGRATION, TRANSFERASE' 
# 
loop_
_struct_asym.id 
_struct_asym.pdbx_blank_PDB_chainid_flag 
_struct_asym.pdbx_modified 
_struct_asym.entity_id 
_struct_asym.details 
A N N 1 ? 
B N N 2 ? 
C N N 3 ? 
D N N 4 ? 
E N N 5 ? 
# 
_struct_ref.id                         1 
_struct_ref.db_name                    UNP 
_struct_ref.db_code                    Q76353_9HIV1 
_struct_ref.entity_id                  1 
_struct_ref.pdbx_db_accession          Q76353 
_struct_ref.pdbx_align_begin           50 
_struct_ref.pdbx_seq_one_letter_code   
;MHGQVDCSPGIWQLDCTHLEGKVILVAVHVASGYIEAEVIPAETGQETAYFLLKLAGRWPVKTVHTDNGSNFTSTTVKAA
CWWAGIKQEFGIPYNPQSQGVIESMNKELKKIIGQVRDQAEHLKTAVQMAVFIHNFKRKGGIGGYSAGERIVDIIATDIQ
TKE
;
_struct_ref.pdbx_db_isoform            ? 
# 
_struct_ref_seq.align_id                      1 
_struct_ref_seq.ref_id                        1 
_struct_ref_seq.pdbx_PDB_id_code              1HYZ 
_struct_ref_seq.pdbx_strand_id                A 
_struct_ref_seq.seq_align_beg                 4 
_struct_ref_seq.pdbx_seq_align_beg_ins_code   ? 
_struct_ref_seq.seq_align_end                 166 
_struct_ref_seq.pdbx_seq_align_end_ins_code   ? 
_struct_ref_seq.pdbx_db_accession             Q76353 
_struct_ref_seq.db_align_beg                  50 
_struct_ref_seq.pdbx_db_align_beg_ins_code    ? 
_struct_ref_seq.db_align_end                  212 
_struct_ref_seq.pdbx_db_align_end_ins_code    ? 
_struct_ref_seq.pdbx_auth_seq_align_beg       50 
_struct_ref_seq.pdbx_auth_seq_align_end       212 
# 
loop_
_struct_ref_seq_dif.align_id 
_struct_ref_seq_dif.pdbx_pdb_id_code 
_struct_ref_seq_dif.mon_id 
_struct_ref_seq_dif.pdbx_pdb_strand_id 
_struct_ref_seq_dif.seq_num 
_struct_ref_seq_dif.pdbx_pdb_ins_code 
_struct_ref_seq_dif.pdbx_seq_db_name 
_struct_ref_seq_dif.pdbx_seq_db_accession_code 
_struct_ref_seq_dif.db_mon_id 
_struct_ref_seq_dif.pdbx_seq_db_seq_num 
_struct_ref_seq_dif.details 
_struct_ref_seq_dif.pdbx_auth_seq_num 
_struct_ref_seq_dif.pdbx_ordinal 
1 1HYZ GLY A 1   ? UNP Q76353 ?   ?   'SEE REMARK 999'      47  1 
1 1HYZ SER A 2   ? UNP Q76353 ?   ?   'SEE REMARK 999'      48  2 
1 1HYZ HIS A 3   ? UNP Q76353 ?   ?   'SEE REMARK 999'      49  3 
1 1HYZ CAF A 19  ? UNP Q76353 CYS 65  'modified residue'    65  4 
1 1HYZ CAF A 84  ? UNP Q76353 CYS 130 'modified residue'    130 5 
1 1HYZ LYS A 139 ? UNP Q76353 PHE 185 'engineered mutation' 185 6 
# 
_pdbx_struct_assembly.id                   1 
_pdbx_struct_assembly.details              author_defined_assembly 
_pdbx_struct_assembly.method_details       ? 
_pdbx_struct_assembly.oligomeric_details   dimeric 
_pdbx_struct_assembly.oligomeric_count     2 
# 
_pdbx_struct_assembly_gen.assembly_id       1 
_pdbx_struct_assembly_gen.oper_expression   1,2 
_pdbx_struct_assembly_gen.asym_id_list      A,B,C,D,E 
# 
loop_
_pdbx_struct_oper_list.id 
_pdbx_struct_oper_list.type 
_pdbx_struct_oper_list.name 
_pdbx_struct_oper_list.symmetry_operation 
_pdbx_struct_oper_list.matrix[1][1] 
_pdbx_struct_oper_list.matrix[1][2] 
_pdbx_struct_oper_list.matrix[1][3] 
_pdbx_struct_oper_list.vector[1] 
_pdbx_struct_oper_list.matrix[2][1] 
_pdbx_struct_oper_list.matrix[2][2] 
_pdbx_struct_oper_list.matrix[2][3] 
_pdbx_struct_oper_list.vector[2] 
_pdbx_struct_oper_list.matrix[3][1] 
_pdbx_struct_oper_list.matrix[3][2] 
_pdbx_struct_oper_list.matrix[3][3] 
_pdbx_struct_oper_list.vector[3] 
1 'identity operation'         1_555 x,y,z  1.0000000000 0.0000000000 0.0000000000 0.0000000000  0.0000000000 1.0000000000  0.0000000000 0.0000000000  0.0000000000 0.0000000000 1.0000000000  0.0000000000  
2 'crystal symmetry operation' 4_555 y,x,-z 0.0977217221 0.2934775589 0.9509581418 -1.4937789592 0.2934775589 -0.9215383318 0.2542400943 19.4474546625 0.9509581418 0.2542400943 -0.1761833904 -4.2774100465 
# 
_struct_biol.id                    1 
_struct_biol.details               'Crystallographic 2-fold creates biologically relevant dimer' 
_struct_biol.pdbx_parent_biol_id   ? 
# 
loop_
_struct_conf.conf_type_id 
_struct_conf.id 
_struct_conf.pdbx_PDB_helix_id 
_struct_conf.beg_label_comp_id 
_struct_conf.beg_label_asym_id 
_struct_conf.beg_label_seq_id 
_struct_conf.pdbx_beg_PDB_ins_code 
_struct_conf.end_label_comp_id 
_struct_conf.end_label_asym_id 
_struct_conf.end_label_seq_id 
_struct_conf.pdbx_end_PDB_ins_code 
_struct_conf.beg_auth_comp_id 
_struct_conf.beg_auth_asym_id 
_struct_conf.beg_auth_seq_id 
_struct_conf.end_auth_comp_id 
_struct_conf.end_auth_asym_id 
_struct_conf.end_auth_seq_id 
_struct_conf.pdbx_PDB_helix_class 
_struct_conf.details 
_struct_conf.pdbx_PDB_helix_length 
HELX_P HELX_P1 1 THR A 47  ? GLY A 60  ? THR A 93  GLY A 106 1 ? 14 
HELX_P HELX_P2 2 ASN A 71  ? THR A 76  ? ASN A 117 THR A 122 5 ? 6  
HELX_P HELX_P3 3 SER A 77  ? GLY A 88  ? SER A 123 GLY A 134 1 ? 12 
HELX_P HELX_P4 4 GLN A 102 ? ARG A 120 ? GLN A 148 ARG A 166 1 ? 19 
HELX_P HELX_P5 5 ASP A 121 ? ALA A 123 ? ASP A 167 ALA A 169 5 ? 3  
HELX_P HELX_P6 6 HIS A 125 ? LYS A 140 ? HIS A 171 LYS A 186 1 ? 16 
HELX_P HELX_P7 7 SER A 149 ? GLN A 163 ? SER A 195 GLN A 209 1 ? 15 
# 
_struct_conf_type.id          HELX_P 
_struct_conf_type.criteria    ? 
_struct_conf_type.reference   ? 
# 
loop_
_struct_conn.id 
_struct_conn.conn_type_id 
_struct_conn.pdbx_leaving_atom_flag 
_struct_conn.pdbx_PDB_id 
_struct_conn.ptnr1_label_asym_id 
_struct_conn.ptnr1_label_comp_id 
_struct_conn.ptnr1_label_seq_id 
_struct_conn.ptnr1_label_atom_id 
_struct_conn.pdbx_ptnr1_label_alt_id 
_struct_conn.pdbx_ptnr1_PDB_ins_code 
_struct_conn.pdbx_ptnr1_standard_comp_id 
_struct_conn.ptnr1_symmetry 
_struct_conn.ptnr2_label_asym_id 
_struct_conn.ptnr2_label_comp_id 
_struct_conn.ptnr2_label_seq_id 
_struct_conn.ptnr2_label_atom_id 
_struct_conn.pdbx_ptnr2_label_alt_id 
_struct_conn.pdbx_ptnr2_PDB_ins_code 
_struct_conn.ptnr1_auth_asym_id 
_struct_conn.ptnr1_auth_comp_id 
_struct_conn.ptnr1_auth_seq_id 
_struct_conn.ptnr2_auth_asym_id 
_struct_conn.ptnr2_auth_comp_id 
_struct_conn.ptnr2_auth_seq_id 
_struct_conn.ptnr2_symmetry 
_struct_conn.pdbx_ptnr3_label_atom_id 
_struct_conn.pdbx_ptnr3_label_seq_id 
_struct_conn.pdbx_ptnr3_label_comp_id 
_struct_conn.pdbx_ptnr3_label_asym_id 
_struct_conn.pdbx_ptnr3_label_alt_id 
_struct_conn.pdbx_ptnr3_PDB_ins_code 
_struct_conn.details 
_struct_conn.pdbx_dist_value 
_struct_conn.pdbx_value_order 
_struct_conn.pdbx_role 
covale1 covale both ? A ASP 18 C  A ? ? 1_555 A CAF 19 N   A ? A ASP 64  A CAF 65  1_555 ? ? ? ? ? ? ? 1.331 ? ? 
covale2 covale both ? A ASP 18 C  B ? ? 1_555 A CAF 19 N   B ? A ASP 64  A CAF 65  1_555 ? ? ? ? ? ? ? 1.331 ? ? 
covale3 covale both ? A CAF 19 C  A ? ? 1_555 A THR 20 N   A ? A CAF 65  A THR 66  1_555 ? ? ? ? ? ? ? 1.322 ? ? 
covale4 covale both ? A CAF 19 C  B ? ? 1_555 A THR 20 N   B ? A CAF 65  A THR 66  1_555 ? ? ? ? ? ? ? 1.321 ? ? 
covale5 covale both ? A ALA 83 C  ? ? ? 1_555 A CAF 84 N   ? ? A ALA 129 A CAF 130 1_555 ? ? ? ? ? ? ? 1.345 ? ? 
covale6 covale both ? A CAF 84 C  ? ? ? 1_555 A TRP 85 N   ? ? A CAF 130 A TRP 131 1_555 ? ? ? ? ? ? ? 1.310 ? ? 
metalc1 metalc ?    ? A CAF 19 AS B ? ? 1_555 A HIS 21 NE2 B ? A CAF 65  A HIS 67  1_555 ? ? ? ? ? ? ? 2.454 ? ? 
# 
loop_
_struct_conn_type.id 
_struct_conn_type.criteria 
_struct_conn_type.reference 
covale ? ? 
metalc ? ? 
# 
_pdbx_struct_conn_angle.id                    1 
_pdbx_struct_conn_angle.ptnr1_label_atom_id   NE2 
_pdbx_struct_conn_angle.ptnr1_label_alt_id    B 
_pdbx_struct_conn_angle.ptnr1_label_asym_id   A 
_pdbx_struct_conn_angle.ptnr1_label_comp_id   HIS 
_pdbx_struct_conn_angle.ptnr1_label_seq_id    21 
_pdbx_struct_conn_angle.ptnr1_auth_atom_id    ? 
_pdbx_struct_conn_angle.ptnr1_auth_asym_id    A 
_pdbx_struct_conn_angle.ptnr1_auth_comp_id    HIS 
_pdbx_struct_conn_angle.ptnr1_auth_seq_id     67 
_pdbx_struct_conn_angle.ptnr1_PDB_ins_code    ? 
_pdbx_struct_conn_angle.ptnr1_symmetry        1_555 
_pdbx_struct_conn_angle.ptnr2_label_atom_id   AS 
_pdbx_struct_conn_angle.ptnr2_label_alt_id    B 
_pdbx_struct_conn_angle.ptnr2_label_asym_id   A 
_pdbx_struct_conn_angle.ptnr2_label_comp_id   CAF 
_pdbx_struct_conn_angle.ptnr2_label_seq_id    19 
_pdbx_struct_conn_angle.ptnr2_auth_atom_id    ? 
_pdbx_struct_conn_angle.ptnr2_auth_asym_id    A 
_pdbx_struct_conn_angle.ptnr2_auth_comp_id    CAF 
_pdbx_struct_conn_angle.ptnr2_auth_seq_id     65 
_pdbx_struct_conn_angle.ptnr2_PDB_ins_code    ? 
_pdbx_struct_conn_angle.ptnr2_symmetry        1_555 
_pdbx_struct_conn_angle.ptnr3_label_atom_id   SG 
_pdbx_struct_conn_angle.ptnr3_label_alt_id    B 
_pdbx_struct_conn_angle.ptnr3_label_asym_id   A 
_pdbx_struct_conn_angle.ptnr3_label_comp_id   CAF 
_pdbx_struct_conn_angle.ptnr3_label_seq_id    19 
_pdbx_struct_conn_angle.ptnr3_auth_atom_id    ? 
_pdbx_struct_conn_angle.ptnr3_auth_asym_id    A 
_pdbx_struct_conn_angle.ptnr3_auth_comp_id    CAF 
_pdbx_struct_conn_angle.ptnr3_auth_seq_id     65 
_pdbx_struct_conn_angle.ptnr3_PDB_ins_code    ? 
_pdbx_struct_conn_angle.ptnr3_symmetry        1_555 
_pdbx_struct_conn_angle.value                 134.5 
_pdbx_struct_conn_angle.value_esd             ? 
# 
loop_
_pdbx_modification_feature.ordinal 
_pdbx_modification_feature.label_comp_id 
_pdbx_modification_feature.label_asym_id 
_pdbx_modification_feature.label_seq_id 
_pdbx_modification_feature.label_alt_id 
_pdbx_modification_feature.modified_residue_label_comp_id 
_pdbx_modification_feature.modified_residue_label_asym_id 
_pdbx_modification_feature.modified_residue_label_seq_id 
_pdbx_modification_feature.modified_residue_label_alt_id 
_pdbx_modification_feature.auth_comp_id 
_pdbx_modification_feature.auth_asym_id 
_pdbx_modification_feature.auth_seq_id 
_pdbx_modification_feature.PDB_ins_code 
_pdbx_modification_feature.symmetry 
_pdbx_modification_feature.modified_residue_auth_comp_id 
_pdbx_modification_feature.modified_residue_auth_asym_id 
_pdbx_modification_feature.modified_residue_auth_seq_id 
_pdbx_modification_feature.modified_residue_PDB_ins_code 
_pdbx_modification_feature.modified_residue_symmetry 
_pdbx_modification_feature.comp_id_linking_atom 
_pdbx_modification_feature.modified_residue_id_linking_atom 
_pdbx_modification_feature.modified_residue_id 
_pdbx_modification_feature.ref_pcm_id 
_pdbx_modification_feature.ref_comp_id 
_pdbx_modification_feature.type 
_pdbx_modification_feature.category 
1 CAF A 19 A . . . . CAF A 65  ? 1_555 . . . . . . . CYS 1 CAF None 'Non-standard residue' 
2 CAF A 19 B . . . . CAF A 65  ? 1_555 . . . . . . . CYS 1 CAF None 'Non-standard residue' 
3 CAF A 84 ? . . . . CAF A 130 ? 1_555 . . . . . . . CYS 1 CAF None 'Non-standard residue' 
# 
_struct_sheet.id               A 
_struct_sheet.type             ? 
_struct_sheet.number_strands   5 
_struct_sheet.details          ? 
# 
loop_
_struct_sheet_order.sheet_id 
_struct_sheet_order.range_id_1 
_struct_sheet_order.range_id_2 
_struct_sheet_order.offset 
_struct_sheet_order.sense 
A 1 2 ? anti-parallel 
A 2 3 ? anti-parallel 
A 3 4 ? parallel      
A 4 5 ? parallel      
# 
loop_
_struct_sheet_range.sheet_id 
_struct_sheet_range.id 
_struct_sheet_range.beg_label_comp_id 
_struct_sheet_range.beg_label_asym_id 
_struct_sheet_range.beg_label_seq_id 
_struct_sheet_range.pdbx_beg_PDB_ins_code 
_struct_sheet_range.end_label_comp_id 
_struct_sheet_range.end_label_asym_id 
_struct_sheet_range.end_label_seq_id 
_struct_sheet_range.pdbx_end_PDB_ins_code 
_struct_sheet_range.beg_auth_comp_id 
_struct_sheet_range.beg_auth_asym_id 
_struct_sheet_range.beg_auth_seq_id 
_struct_sheet_range.end_auth_comp_id 
_struct_sheet_range.end_auth_asym_id 
_struct_sheet_range.end_auth_seq_id 
A 1 ILE A 38 ? ILE A 43 ? ILE A 84  ILE A 89  
A 2 LYS A 25 ? HIS A 32 ? LYS A 71  HIS A 78  
A 3 ILE A 14 ? LEU A 22 ? ILE A 60  LEU A 68  
A 4 THR A 66 ? HIS A 68 ? THR A 112 HIS A 114 
A 5 LYS A 90 ? GLN A 91 ? LYS A 136 GLN A 137 
# 
loop_
_pdbx_struct_sheet_hbond.sheet_id 
_pdbx_struct_sheet_hbond.range_id_1 
_pdbx_struct_sheet_hbond.range_id_2 
_pdbx_struct_sheet_hbond.range_1_label_atom_id 
_pdbx_struct_sheet_hbond.range_1_label_comp_id 
_pdbx_struct_sheet_hbond.range_1_label_asym_id 
_pdbx_struct_sheet_hbond.range_1_label_seq_id 
_pdbx_struct_sheet_hbond.range_1_PDB_ins_code 
_pdbx_struct_sheet_hbond.range_1_auth_atom_id 
_pdbx_struct_sheet_hbond.range_1_auth_comp_id 
_pdbx_struct_sheet_hbond.range_1_auth_asym_id 
_pdbx_struct_sheet_hbond.range_1_auth_seq_id 
_pdbx_struct_sheet_hbond.range_2_label_atom_id 
_pdbx_struct_sheet_hbond.range_2_label_comp_id 
_pdbx_struct_sheet_hbond.range_2_label_asym_id 
_pdbx_struct_sheet_hbond.range_2_label_seq_id 
_pdbx_struct_sheet_hbond.range_2_PDB_ins_code 
_pdbx_struct_sheet_hbond.range_2_auth_atom_id 
_pdbx_struct_sheet_hbond.range_2_auth_comp_id 
_pdbx_struct_sheet_hbond.range_2_auth_asym_id 
_pdbx_struct_sheet_hbond.range_2_auth_seq_id 
A 1 2 N ILE A 43 ? N ILE A 89  O VAL A 26 ? O VAL A 72  
A 2 3 N VAL A 31 ? N VAL A 77  O GLN A 16 ? O GLN A 62  
A 3 4 N TRP A 15 ? N TRP A 61  O THR A 66 ? O THR A 112 
A 4 5 N VAL A 67 ? N VAL A 113 O LYS A 90 ? O LYS A 136 
# 
loop_
_struct_site.id 
_struct_site.pdbx_evidence_code 
_struct_site.pdbx_auth_asym_id 
_struct_site.pdbx_auth_comp_id 
_struct_site.pdbx_auth_seq_id 
_struct_site.pdbx_auth_ins_code 
_struct_site.pdbx_num_residues 
_struct_site.details 
AC1 Software A SO4 302 ? 4 'BINDING SITE FOR RESIDUE SO4 A 302' 
AC2 Software A CL  303 ? 2 'BINDING SITE FOR RESIDUE CL A 303'  
AC3 Software A TTO 304 ? 3 'BINDING SITE FOR RESIDUE TTO A 304' 
# 
loop_
_struct_site_gen.id 
_struct_site_gen.site_id 
_struct_site_gen.pdbx_num_res 
_struct_site_gen.label_comp_id 
_struct_site_gen.label_asym_id 
_struct_site_gen.label_seq_id 
_struct_site_gen.pdbx_auth_ins_code 
_struct_site_gen.auth_comp_id 
_struct_site_gen.auth_asym_id 
_struct_site_gen.auth_seq_id 
_struct_site_gen.label_atom_id 
_struct_site_gen.label_alt_id 
_struct_site_gen.symmetry 
_struct_site_gen.details 
1 AC1 4 LYS A 25  ? LYS A 71  . ? 1_555 ? 
2 AC1 4 ARG A 120 ? ARG A 166 . ? 1_555 ? 
3 AC1 4 HIS A 125 ? HIS A 171 . ? 1_555 ? 
4 AC1 4 LEU A 126 ? LEU A 172 . ? 1_555 ? 
5 AC2 2 GLU A 124 ? GLU A 170 . ? 1_555 ? 
6 AC2 2 THR A 128 ? THR A 174 . ? 1_555 ? 
7 AC3 3 TRP A 85  ? TRP A 131 . ? 4_555 ? 
8 AC3 3 PHE A 93  ? PHE A 139 . ? 5_564 ? 
9 AC3 3 GLN A 122 ? GLN A 168 . ? 1_555 ? 
# 
_pdbx_entry_details.entry_id                   1HYZ 
_pdbx_entry_details.compound_details           ? 
_pdbx_entry_details.source_details             ? 
_pdbx_entry_details.nonpolymer_details         ? 
_pdbx_entry_details.sequence_details           ? 
_pdbx_entry_details.has_ligand_of_interest     ? 
_pdbx_entry_details.has_protein_modification   Y 
# 
_pdbx_validate_close_contact.id               1 
_pdbx_validate_close_contact.PDB_model_num    1 
_pdbx_validate_close_contact.auth_atom_id_1   CD1 
_pdbx_validate_close_contact.auth_asym_id_1   A 
_pdbx_validate_close_contact.auth_comp_id_1   LEU 
_pdbx_validate_close_contact.auth_seq_id_1    63 
_pdbx_validate_close_contact.PDB_ins_code_1   ? 
_pdbx_validate_close_contact.label_alt_id_1   B 
_pdbx_validate_close_contact.auth_atom_id_2   CD2 
_pdbx_validate_close_contact.auth_asym_id_2   A 
_pdbx_validate_close_contact.auth_comp_id_2   LEU 
_pdbx_validate_close_contact.auth_seq_id_2    74 
_pdbx_validate_close_contact.PDB_ins_code_2   ? 
_pdbx_validate_close_contact.label_alt_id_2   ? 
_pdbx_validate_close_contact.dist             2.03 
# 
loop_
_pdbx_validate_rmsd_angle.id 
_pdbx_validate_rmsd_angle.PDB_model_num 
_pdbx_validate_rmsd_angle.auth_atom_id_1 
_pdbx_validate_rmsd_angle.auth_asym_id_1 
_pdbx_validate_rmsd_angle.auth_comp_id_1 
_pdbx_validate_rmsd_angle.auth_seq_id_1 
_pdbx_validate_rmsd_angle.PDB_ins_code_1 
_pdbx_validate_rmsd_angle.label_alt_id_1 
_pdbx_validate_rmsd_angle.auth_atom_id_2 
_pdbx_validate_rmsd_angle.auth_asym_id_2 
_pdbx_validate_rmsd_angle.auth_comp_id_2 
_pdbx_validate_rmsd_angle.auth_seq_id_2 
_pdbx_validate_rmsd_angle.PDB_ins_code_2 
_pdbx_validate_rmsd_angle.label_alt_id_2 
_pdbx_validate_rmsd_angle.auth_atom_id_3 
_pdbx_validate_rmsd_angle.auth_asym_id_3 
_pdbx_validate_rmsd_angle.auth_comp_id_3 
_pdbx_validate_rmsd_angle.auth_seq_id_3 
_pdbx_validate_rmsd_angle.PDB_ins_code_3 
_pdbx_validate_rmsd_angle.label_alt_id_3 
_pdbx_validate_rmsd_angle.angle_value 
_pdbx_validate_rmsd_angle.angle_target_value 
_pdbx_validate_rmsd_angle.angle_deviation 
_pdbx_validate_rmsd_angle.angle_standard_deviation 
_pdbx_validate_rmsd_angle.linker_flag 
1 1 CB A ASP 64  ? A CG A ASP 64  ? A OD2 A ASP 64  ? A 124.44 118.30 6.14  0.90 N 
2 1 CA A GLU 87  ? ? CB A GLU 87  ? ? CG  A GLU 87  ? ? 130.54 113.40 17.14 2.20 N 
3 1 NE A ARG 107 ? ? CZ A ARG 107 ? ? NH2 A ARG 107 ? ? 115.33 120.30 -4.97 0.50 N 
4 1 CA A ASN 120 ? ? CB A ASN 120 ? ? CG  A ASN 120 ? ? 130.64 113.40 17.24 2.20 N 
5 1 NE A ARG 166 ? ? CZ A ARG 166 ? ? NH2 A ARG 166 ? ? 124.86 120.30 4.56  0.50 N 
# 
_pdbx_validate_torsion.id              1 
_pdbx_validate_torsion.PDB_model_num   1 
_pdbx_validate_torsion.auth_comp_id    GLU 
_pdbx_validate_torsion.auth_asym_id    A 
_pdbx_validate_torsion.auth_seq_id     92 
_pdbx_validate_torsion.PDB_ins_code    ? 
_pdbx_validate_torsion.label_alt_id    A 
_pdbx_validate_torsion.phi             -82.40 
_pdbx_validate_torsion.psi             48.84 
# 
loop_
_pdbx_validate_main_chain_plane.id 
_pdbx_validate_main_chain_plane.PDB_model_num 
_pdbx_validate_main_chain_plane.auth_comp_id 
_pdbx_validate_main_chain_plane.auth_asym_id 
_pdbx_validate_main_chain_plane.auth_seq_id 
_pdbx_validate_main_chain_plane.PDB_ins_code 
_pdbx_validate_main_chain_plane.label_alt_id 
_pdbx_validate_main_chain_plane.improper_torsion_angle 
1 1 GLU A 92  ? B 22.39  
2 1 THR A 125 ? ? -10.31 
3 1 MET A 178 ? ? -10.58 
# 
loop_
_pdbx_struct_mod_residue.id 
_pdbx_struct_mod_residue.label_asym_id 
_pdbx_struct_mod_residue.label_comp_id 
_pdbx_struct_mod_residue.label_seq_id 
_pdbx_struct_mod_residue.auth_asym_id 
_pdbx_struct_mod_residue.auth_comp_id 
_pdbx_struct_mod_residue.auth_seq_id 
_pdbx_struct_mod_residue.PDB_ins_code 
_pdbx_struct_mod_residue.parent_comp_id 
_pdbx_struct_mod_residue.details 
1 A CAF 19 A CAF 65  ? CYS S-DIMETHYLARSINOYL-CYSTEINE 
2 A CAF 84 A CAF 130 ? CYS S-DIMETHYLARSINOYL-CYSTEINE 
# 
_pdbx_database_remark.id     999 
_pdbx_database_remark.text   
;Sequence
The protein was expressed with N-term 6x histidine 
tag which when removed with thrombin leaves GSH at the 
N-terminus.
;
# 
loop_
_pdbx_unobs_or_zero_occ_residues.id 
_pdbx_unobs_or_zero_occ_residues.PDB_model_num 
_pdbx_unobs_or_zero_occ_residues.polymer_flag 
_pdbx_unobs_or_zero_occ_residues.occupancy_flag 
_pdbx_unobs_or_zero_occ_residues.auth_asym_id 
_pdbx_unobs_or_zero_occ_residues.auth_comp_id 
_pdbx_unobs_or_zero_occ_residues.auth_seq_id 
_pdbx_unobs_or_zero_occ_residues.PDB_ins_code 
_pdbx_unobs_or_zero_occ_residues.label_asym_id 
_pdbx_unobs_or_zero_occ_residues.label_comp_id 
_pdbx_unobs_or_zero_occ_residues.label_seq_id 
1  1 Y 1 A GLY 47  ? A GLY 1   
2  1 Y 1 A SER 48  ? A SER 2   
3  1 Y 1 A HIS 49  ? A HIS 3   
4  1 Y 1 A MET 50  ? A MET 4   
5  1 Y 1 A HIS 51  ? A HIS 5   
6  1 Y 1 A GLY 52  ? A GLY 6   
7  1 Y 1 A GLN 53  ? A GLN 7   
8  1 Y 1 A VAL 54  ? A VAL 8   
9  1 Y 1 A ASP 55  ? A ASP 9   
10 1 Y 1 A CYS 56  ? A CYS 10  
11 1 Y 1 A ILE 141 ? A ILE 95  
12 1 Y 1 A PRO 142 ? A PRO 96  
13 1 Y 1 A TYR 143 ? A TYR 97  
14 1 Y 1 A ASN 144 ? A ASN 98  
15 1 Y 1 A PRO 145 ? A PRO 99  
16 1 Y 1 A GLN 146 ? A GLN 100 
17 1 Y 1 A SER 147 ? A SER 101 
18 1 Y 1 A GLY 190 ? A GLY 144 
19 1 Y 1 A ILE 191 ? A ILE 145 
20 1 Y 1 A GLY 192 ? A GLY 146 
21 1 Y 1 A LYS 211 ? A LYS 165 
22 1 Y 1 A GLU 212 ? A GLU 166 
# 
loop_
_chem_comp_atom.comp_id 
_chem_comp_atom.atom_id 
_chem_comp_atom.type_symbol 
_chem_comp_atom.pdbx_aromatic_flag 
_chem_comp_atom.pdbx_stereo_config 
_chem_comp_atom.pdbx_ordinal 
ALA N    N  N N 1   
ALA CA   C  N S 2   
ALA C    C  N N 3   
ALA O    O  N N 4   
ALA CB   C  N N 5   
ALA OXT  O  N N 6   
ALA H    H  N N 7   
ALA H2   H  N N 8   
ALA HA   H  N N 9   
ALA HB1  H  N N 10  
ALA HB2  H  N N 11  
ALA HB3  H  N N 12  
ALA HXT  H  N N 13  
ARG N    N  N N 14  
ARG CA   C  N S 15  
ARG C    C  N N 16  
ARG O    O  N N 17  
ARG CB   C  N N 18  
ARG CG   C  N N 19  
ARG CD   C  N N 20  
ARG NE   N  N N 21  
ARG CZ   C  N N 22  
ARG NH1  N  N N 23  
ARG NH2  N  N N 24  
ARG OXT  O  N N 25  
ARG H    H  N N 26  
ARG H2   H  N N 27  
ARG HA   H  N N 28  
ARG HB2  H  N N 29  
ARG HB3  H  N N 30  
ARG HG2  H  N N 31  
ARG HG3  H  N N 32  
ARG HD2  H  N N 33  
ARG HD3  H  N N 34  
ARG HE   H  N N 35  
ARG HH11 H  N N 36  
ARG HH12 H  N N 37  
ARG HH21 H  N N 38  
ARG HH22 H  N N 39  
ARG HXT  H  N N 40  
ASN N    N  N N 41  
ASN CA   C  N S 42  
ASN C    C  N N 43  
ASN O    O  N N 44  
ASN CB   C  N N 45  
ASN CG   C  N N 46  
ASN OD1  O  N N 47  
ASN ND2  N  N N 48  
ASN OXT  O  N N 49  
ASN H    H  N N 50  
ASN H2   H  N N 51  
ASN HA   H  N N 52  
ASN HB2  H  N N 53  
ASN HB3  H  N N 54  
ASN HD21 H  N N 55  
ASN HD22 H  N N 56  
ASN HXT  H  N N 57  
ASP N    N  N N 58  
ASP CA   C  N S 59  
ASP C    C  N N 60  
ASP O    O  N N 61  
ASP CB   C  N N 62  
ASP CG   C  N N 63  
ASP OD1  O  N N 64  
ASP OD2  O  N N 65  
ASP OXT  O  N N 66  
ASP H    H  N N 67  
ASP H2   H  N N 68  
ASP HA   H  N N 69  
ASP HB2  H  N N 70  
ASP HB3  H  N N 71  
ASP HD2  H  N N 72  
ASP HXT  H  N N 73  
CAF N    N  N N 74  
CAF CA   C  N R 75  
CAF CB   C  N N 76  
CAF C    C  N N 77  
CAF O    O  N N 78  
CAF OXT  O  N N 79  
CAF SG   S  N N 80  
CAF AS   AS N N 81  
CAF CE1  C  N N 82  
CAF CE2  C  N N 83  
CAF O1   O  N N 84  
CAF H    H  N N 85  
CAF H2   H  N N 86  
CAF HA   H  N N 87  
CAF HB2  H  N N 88  
CAF HB3  H  N N 89  
CAF HXT  H  N N 90  
CAF HE11 H  N N 91  
CAF HE12 H  N N 92  
CAF HE13 H  N N 93  
CAF HE21 H  N N 94  
CAF HE22 H  N N 95  
CAF HE23 H  N N 96  
CL  CL   CL N N 97  
CYS N    N  N N 98  
CYS CA   C  N R 99  
CYS C    C  N N 100 
CYS O    O  N N 101 
CYS CB   C  N N 102 
CYS SG   S  N N 103 
CYS OXT  O  N N 104 
CYS H    H  N N 105 
CYS H2   H  N N 106 
CYS HA   H  N N 107 
CYS HB2  H  N N 108 
CYS HB3  H  N N 109 
CYS HG   H  N N 110 
CYS HXT  H  N N 111 
GLN N    N  N N 112 
GLN CA   C  N S 113 
GLN C    C  N N 114 
GLN O    O  N N 115 
GLN CB   C  N N 116 
GLN CG   C  N N 117 
GLN CD   C  N N 118 
GLN OE1  O  N N 119 
GLN NE2  N  N N 120 
GLN OXT  O  N N 121 
GLN H    H  N N 122 
GLN H2   H  N N 123 
GLN HA   H  N N 124 
GLN HB2  H  N N 125 
GLN HB3  H  N N 126 
GLN HG2  H  N N 127 
GLN HG3  H  N N 128 
GLN HE21 H  N N 129 
GLN HE22 H  N N 130 
GLN HXT  H  N N 131 
GLU N    N  N N 132 
GLU CA   C  N S 133 
GLU C    C  N N 134 
GLU O    O  N N 135 
GLU CB   C  N N 136 
GLU CG   C  N N 137 
GLU CD   C  N N 138 
GLU OE1  O  N N 139 
GLU OE2  O  N N 140 
GLU OXT  O  N N 141 
GLU H    H  N N 142 
GLU H2   H  N N 143 
GLU HA   H  N N 144 
GLU HB2  H  N N 145 
GLU HB3  H  N N 146 
GLU HG2  H  N N 147 
GLU HG3  H  N N 148 
GLU HE2  H  N N 149 
GLU HXT  H  N N 150 
GLY N    N  N N 151 
GLY CA   C  N N 152 
GLY C    C  N N 153 
GLY O    O  N N 154 
GLY OXT  O  N N 155 
GLY H    H  N N 156 
GLY H2   H  N N 157 
GLY HA2  H  N N 158 
GLY HA3  H  N N 159 
GLY HXT  H  N N 160 
HIS N    N  N N 161 
HIS CA   C  N S 162 
HIS C    C  N N 163 
HIS O    O  N N 164 
HIS CB   C  N N 165 
HIS CG   C  Y N 166 
HIS ND1  N  Y N 167 
HIS CD2  C  Y N 168 
HIS CE1  C  Y N 169 
HIS NE2  N  Y N 170 
HIS OXT  O  N N 171 
HIS H    H  N N 172 
HIS H2   H  N N 173 
HIS HA   H  N N 174 
HIS HB2  H  N N 175 
HIS HB3  H  N N 176 
HIS HD1  H  N N 177 
HIS HD2  H  N N 178 
HIS HE1  H  N N 179 
HIS HE2  H  N N 180 
HIS HXT  H  N N 181 
HOH O    O  N N 182 
HOH H1   H  N N 183 
HOH H2   H  N N 184 
ILE N    N  N N 185 
ILE CA   C  N S 186 
ILE C    C  N N 187 
ILE O    O  N N 188 
ILE CB   C  N S 189 
ILE CG1  C  N N 190 
ILE CG2  C  N N 191 
ILE CD1  C  N N 192 
ILE OXT  O  N N 193 
ILE H    H  N N 194 
ILE H2   H  N N 195 
ILE HA   H  N N 196 
ILE HB   H  N N 197 
ILE HG12 H  N N 198 
ILE HG13 H  N N 199 
ILE HG21 H  N N 200 
ILE HG22 H  N N 201 
ILE HG23 H  N N 202 
ILE HD11 H  N N 203 
ILE HD12 H  N N 204 
ILE HD13 H  N N 205 
ILE HXT  H  N N 206 
LEU N    N  N N 207 
LEU CA   C  N S 208 
LEU C    C  N N 209 
LEU O    O  N N 210 
LEU CB   C  N N 211 
LEU CG   C  N N 212 
LEU CD1  C  N N 213 
LEU CD2  C  N N 214 
LEU OXT  O  N N 215 
LEU H    H  N N 216 
LEU H2   H  N N 217 
LEU HA   H  N N 218 
LEU HB2  H  N N 219 
LEU HB3  H  N N 220 
LEU HG   H  N N 221 
LEU HD11 H  N N 222 
LEU HD12 H  N N 223 
LEU HD13 H  N N 224 
LEU HD21 H  N N 225 
LEU HD22 H  N N 226 
LEU HD23 H  N N 227 
LEU HXT  H  N N 228 
LYS N    N  N N 229 
LYS CA   C  N S 230 
LYS C    C  N N 231 
LYS O    O  N N 232 
LYS CB   C  N N 233 
LYS CG   C  N N 234 
LYS CD   C  N N 235 
LYS CE   C  N N 236 
LYS NZ   N  N N 237 
LYS OXT  O  N N 238 
LYS H    H  N N 239 
LYS H2   H  N N 240 
LYS HA   H  N N 241 
LYS HB2  H  N N 242 
LYS HB3  H  N N 243 
LYS HG2  H  N N 244 
LYS HG3  H  N N 245 
LYS HD2  H  N N 246 
LYS HD3  H  N N 247 
LYS HE2  H  N N 248 
LYS HE3  H  N N 249 
LYS HZ1  H  N N 250 
LYS HZ2  H  N N 251 
LYS HZ3  H  N N 252 
LYS HXT  H  N N 253 
MET N    N  N N 254 
MET CA   C  N S 255 
MET C    C  N N 256 
MET O    O  N N 257 
MET CB   C  N N 258 
MET CG   C  N N 259 
MET SD   S  N N 260 
MET CE   C  N N 261 
MET OXT  O  N N 262 
MET H    H  N N 263 
MET H2   H  N N 264 
MET HA   H  N N 265 
MET HB2  H  N N 266 
MET HB3  H  N N 267 
MET HG2  H  N N 268 
MET HG3  H  N N 269 
MET HE1  H  N N 270 
MET HE2  H  N N 271 
MET HE3  H  N N 272 
MET HXT  H  N N 273 
PHE N    N  N N 274 
PHE CA   C  N S 275 
PHE C    C  N N 276 
PHE O    O  N N 277 
PHE CB   C  N N 278 
PHE CG   C  Y N 279 
PHE CD1  C  Y N 280 
PHE CD2  C  Y N 281 
PHE CE1  C  Y N 282 
PHE CE2  C  Y N 283 
PHE CZ   C  Y N 284 
PHE OXT  O  N N 285 
PHE H    H  N N 286 
PHE H2   H  N N 287 
PHE HA   H  N N 288 
PHE HB2  H  N N 289 
PHE HB3  H  N N 290 
PHE HD1  H  N N 291 
PHE HD2  H  N N 292 
PHE HE1  H  N N 293 
PHE HE2  H  N N 294 
PHE HZ   H  N N 295 
PHE HXT  H  N N 296 
PRO N    N  N N 297 
PRO CA   C  N S 298 
PRO C    C  N N 299 
PRO O    O  N N 300 
PRO CB   C  N N 301 
PRO CG   C  N N 302 
PRO CD   C  N N 303 
PRO OXT  O  N N 304 
PRO H    H  N N 305 
PRO HA   H  N N 306 
PRO HB2  H  N N 307 
PRO HB3  H  N N 308 
PRO HG2  H  N N 309 
PRO HG3  H  N N 310 
PRO HD2  H  N N 311 
PRO HD3  H  N N 312 
PRO HXT  H  N N 313 
SER N    N  N N 314 
SER CA   C  N S 315 
SER C    C  N N 316 
SER O    O  N N 317 
SER CB   C  N N 318 
SER OG   O  N N 319 
SER OXT  O  N N 320 
SER H    H  N N 321 
SER H2   H  N N 322 
SER HA   H  N N 323 
SER HB2  H  N N 324 
SER HB3  H  N N 325 
SER HG   H  N N 326 
SER HXT  H  N N 327 
SO4 S    S  N N 328 
SO4 O1   O  N N 329 
SO4 O2   O  N N 330 
SO4 O3   O  N N 331 
SO4 O4   O  N N 332 
THR N    N  N N 333 
THR CA   C  N S 334 
THR C    C  N N 335 
THR O    O  N N 336 
THR CB   C  N R 337 
THR OG1  O  N N 338 
THR CG2  C  N N 339 
THR OXT  O  N N 340 
THR H    H  N N 341 
THR H2   H  N N 342 
THR HA   H  N N 343 
THR HB   H  N N 344 
THR HG1  H  N N 345 
THR HG21 H  N N 346 
THR HG22 H  N N 347 
THR HG23 H  N N 348 
THR HXT  H  N N 349 
TRP N    N  N N 350 
TRP CA   C  N S 351 
TRP C    C  N N 352 
TRP O    O  N N 353 
TRP CB   C  N N 354 
TRP CG   C  Y N 355 
TRP CD1  C  Y N 356 
TRP CD2  C  Y N 357 
TRP NE1  N  Y N 358 
TRP CE2  C  Y N 359 
TRP CE3  C  Y N 360 
TRP CZ2  C  Y N 361 
TRP CZ3  C  Y N 362 
TRP CH2  C  Y N 363 
TRP OXT  O  N N 364 
TRP H    H  N N 365 
TRP H2   H  N N 366 
TRP HA   H  N N 367 
TRP HB2  H  N N 368 
TRP HB3  H  N N 369 
TRP HD1  H  N N 370 
TRP HE1  H  N N 371 
TRP HE3  H  N N 372 
TRP HZ2  H  N N 373 
TRP HZ3  H  N N 374 
TRP HH2  H  N N 375 
TRP HXT  H  N N 376 
TTO AS   AS N N 377 
TTO C1   C  Y N 378 
TTO C2   C  Y N 379 
TTO C3   C  Y N 380 
TTO C4   C  Y N 381 
TTO C5   C  Y N 382 
TTO C6   C  Y N 383 
TTO C7   C  Y N 384 
TTO C8   C  Y N 385 
TTO C9   C  Y N 386 
TTO C10  C  Y N 387 
TTO C11  C  Y N 388 
TTO C12  C  Y N 389 
TTO C13  C  Y N 390 
TTO C14  C  Y N 391 
TTO C15  C  Y N 392 
TTO C16  C  Y N 393 
TTO C17  C  Y N 394 
TTO C18  C  Y N 395 
TTO C19  C  Y N 396 
TTO C20  C  Y N 397 
TTO C21  C  Y N 398 
TTO C22  C  Y N 399 
TTO C23  C  Y N 400 
TTO C24  C  Y N 401 
TTO O1   O  N N 402 
TTO O2   O  N N 403 
TTO HC2  H  N N 404 
TTO HC3  H  N N 405 
TTO HC4  H  N N 406 
TTO HC5  H  N N 407 
TTO HC6  H  N N 408 
TTO HC8  H  N N 409 
TTO HC9  H  N N 410 
TTO H10  H  N N 411 
TTO H11  H  N N 412 
TTO H12  H  N N 413 
TTO H14  H  N N 414 
TTO H15  H  N N 415 
TTO H16  H  N N 416 
TTO H17  H  N N 417 
TTO H18  H  N N 418 
TTO H20  H  N N 419 
TTO H23  H  N N 420 
TTO H24  H  N N 421 
TTO HO1  H  N N 422 
TTO HO2  H  N N 423 
TYR N    N  N N 424 
TYR CA   C  N S 425 
TYR C    C  N N 426 
TYR O    O  N N 427 
TYR CB   C  N N 428 
TYR CG   C  Y N 429 
TYR CD1  C  Y N 430 
TYR CD2  C  Y N 431 
TYR CE1  C  Y N 432 
TYR CE2  C  Y N 433 
TYR CZ   C  Y N 434 
TYR OH   O  N N 435 
TYR OXT  O  N N 436 
TYR H    H  N N 437 
TYR H2   H  N N 438 
TYR HA   H  N N 439 
TYR HB2  H  N N 440 
TYR HB3  H  N N 441 
TYR HD1  H  N N 442 
TYR HD2  H  N N 443 
TYR HE1  H  N N 444 
TYR HE2  H  N N 445 
TYR HH   H  N N 446 
TYR HXT  H  N N 447 
VAL N    N  N N 448 
VAL CA   C  N S 449 
VAL C    C  N N 450 
VAL O    O  N N 451 
VAL CB   C  N N 452 
VAL CG1  C  N N 453 
VAL CG2  C  N N 454 
VAL OXT  O  N N 455 
VAL H    H  N N 456 
VAL H2   H  N N 457 
VAL HA   H  N N 458 
VAL HB   H  N N 459 
VAL HG11 H  N N 460 
VAL HG12 H  N N 461 
VAL HG13 H  N N 462 
VAL HG21 H  N N 463 
VAL HG22 H  N N 464 
VAL HG23 H  N N 465 
VAL HXT  H  N N 466 
# 
loop_
_chem_comp_bond.comp_id 
_chem_comp_bond.atom_id_1 
_chem_comp_bond.atom_id_2 
_chem_comp_bond.value_order 
_chem_comp_bond.pdbx_aromatic_flag 
_chem_comp_bond.pdbx_stereo_config 
_chem_comp_bond.pdbx_ordinal 
ALA N   CA   sing N N 1   
ALA N   H    sing N N 2   
ALA N   H2   sing N N 3   
ALA CA  C    sing N N 4   
ALA CA  CB   sing N N 5   
ALA CA  HA   sing N N 6   
ALA C   O    doub N N 7   
ALA C   OXT  sing N N 8   
ALA CB  HB1  sing N N 9   
ALA CB  HB2  sing N N 10  
ALA CB  HB3  sing N N 11  
ALA OXT HXT  sing N N 12  
ARG N   CA   sing N N 13  
ARG N   H    sing N N 14  
ARG N   H2   sing N N 15  
ARG CA  C    sing N N 16  
ARG CA  CB   sing N N 17  
ARG CA  HA   sing N N 18  
ARG C   O    doub N N 19  
ARG C   OXT  sing N N 20  
ARG CB  CG   sing N N 21  
ARG CB  HB2  sing N N 22  
ARG CB  HB3  sing N N 23  
ARG CG  CD   sing N N 24  
ARG CG  HG2  sing N N 25  
ARG CG  HG3  sing N N 26  
ARG CD  NE   sing N N 27  
ARG CD  HD2  sing N N 28  
ARG CD  HD3  sing N N 29  
ARG NE  CZ   sing N N 30  
ARG NE  HE   sing N N 31  
ARG CZ  NH1  sing N N 32  
ARG CZ  NH2  doub N N 33  
ARG NH1 HH11 sing N N 34  
ARG NH1 HH12 sing N N 35  
ARG NH2 HH21 sing N N 36  
ARG NH2 HH22 sing N N 37  
ARG OXT HXT  sing N N 38  
ASN N   CA   sing N N 39  
ASN N   H    sing N N 40  
ASN N   H2   sing N N 41  
ASN CA  C    sing N N 42  
ASN CA  CB   sing N N 43  
ASN CA  HA   sing N N 44  
ASN C   O    doub N N 45  
ASN C   OXT  sing N N 46  
ASN CB  CG   sing N N 47  
ASN CB  HB2  sing N N 48  
ASN CB  HB3  sing N N 49  
ASN CG  OD1  doub N N 50  
ASN CG  ND2  sing N N 51  
ASN ND2 HD21 sing N N 52  
ASN ND2 HD22 sing N N 53  
ASN OXT HXT  sing N N 54  
ASP N   CA   sing N N 55  
ASP N   H    sing N N 56  
ASP N   H2   sing N N 57  
ASP CA  C    sing N N 58  
ASP CA  CB   sing N N 59  
ASP CA  HA   sing N N 60  
ASP C   O    doub N N 61  
ASP C   OXT  sing N N 62  
ASP CB  CG   sing N N 63  
ASP CB  HB2  sing N N 64  
ASP CB  HB3  sing N N 65  
ASP CG  OD1  doub N N 66  
ASP CG  OD2  sing N N 67  
ASP OD2 HD2  sing N N 68  
ASP OXT HXT  sing N N 69  
CAF N   CA   sing N N 70  
CAF N   H    sing N N 71  
CAF N   H2   sing N N 72  
CAF CA  CB   sing N N 73  
CAF CA  C    sing N N 74  
CAF CA  HA   sing N N 75  
CAF CB  SG   sing N N 76  
CAF CB  HB2  sing N N 77  
CAF CB  HB3  sing N N 78  
CAF C   O    doub N N 79  
CAF C   OXT  sing N N 80  
CAF OXT HXT  sing N N 81  
CAF SG  AS   sing N N 82  
CAF AS  CE1  sing N N 83  
CAF AS  CE2  sing N N 84  
CAF AS  O1   doub N N 85  
CAF CE1 HE11 sing N N 86  
CAF CE1 HE12 sing N N 87  
CAF CE1 HE13 sing N N 88  
CAF CE2 HE21 sing N N 89  
CAF CE2 HE22 sing N N 90  
CAF CE2 HE23 sing N N 91  
CYS N   CA   sing N N 92  
CYS N   H    sing N N 93  
CYS N   H2   sing N N 94  
CYS CA  C    sing N N 95  
CYS CA  CB   sing N N 96  
CYS CA  HA   sing N N 97  
CYS C   O    doub N N 98  
CYS C   OXT  sing N N 99  
CYS CB  SG   sing N N 100 
CYS CB  HB2  sing N N 101 
CYS CB  HB3  sing N N 102 
CYS SG  HG   sing N N 103 
CYS OXT HXT  sing N N 104 
GLN N   CA   sing N N 105 
GLN N   H    sing N N 106 
GLN N   H2   sing N N 107 
GLN CA  C    sing N N 108 
GLN CA  CB   sing N N 109 
GLN CA  HA   sing N N 110 
GLN C   O    doub N N 111 
GLN C   OXT  sing N N 112 
GLN CB  CG   sing N N 113 
GLN CB  HB2  sing N N 114 
GLN CB  HB3  sing N N 115 
GLN CG  CD   sing N N 116 
GLN CG  HG2  sing N N 117 
GLN CG  HG3  sing N N 118 
GLN CD  OE1  doub N N 119 
GLN CD  NE2  sing N N 120 
GLN NE2 HE21 sing N N 121 
GLN NE2 HE22 sing N N 122 
GLN OXT HXT  sing N N 123 
GLU N   CA   sing N N 124 
GLU N   H    sing N N 125 
GLU N   H2   sing N N 126 
GLU CA  C    sing N N 127 
GLU CA  CB   sing N N 128 
GLU CA  HA   sing N N 129 
GLU C   O    doub N N 130 
GLU C   OXT  sing N N 131 
GLU CB  CG   sing N N 132 
GLU CB  HB2  sing N N 133 
GLU CB  HB3  sing N N 134 
GLU CG  CD   sing N N 135 
GLU CG  HG2  sing N N 136 
GLU CG  HG3  sing N N 137 
GLU CD  OE1  doub N N 138 
GLU CD  OE2  sing N N 139 
GLU OE2 HE2  sing N N 140 
GLU OXT HXT  sing N N 141 
GLY N   CA   sing N N 142 
GLY N   H    sing N N 143 
GLY N   H2   sing N N 144 
GLY CA  C    sing N N 145 
GLY CA  HA2  sing N N 146 
GLY CA  HA3  sing N N 147 
GLY C   O    doub N N 148 
GLY C   OXT  sing N N 149 
GLY OXT HXT  sing N N 150 
HIS N   CA   sing N N 151 
HIS N   H    sing N N 152 
HIS N   H2   sing N N 153 
HIS CA  C    sing N N 154 
HIS CA  CB   sing N N 155 
HIS CA  HA   sing N N 156 
HIS C   O    doub N N 157 
HIS C   OXT  sing N N 158 
HIS CB  CG   sing N N 159 
HIS CB  HB2  sing N N 160 
HIS CB  HB3  sing N N 161 
HIS CG  ND1  sing Y N 162 
HIS CG  CD2  doub Y N 163 
HIS ND1 CE1  doub Y N 164 
HIS ND1 HD1  sing N N 165 
HIS CD2 NE2  sing Y N 166 
HIS CD2 HD2  sing N N 167 
HIS CE1 NE2  sing Y N 168 
HIS CE1 HE1  sing N N 169 
HIS NE2 HE2  sing N N 170 
HIS OXT HXT  sing N N 171 
HOH O   H1   sing N N 172 
HOH O   H2   sing N N 173 
ILE N   CA   sing N N 174 
ILE N   H    sing N N 175 
ILE N   H2   sing N N 176 
ILE CA  C    sing N N 177 
ILE CA  CB   sing N N 178 
ILE CA  HA   sing N N 179 
ILE C   O    doub N N 180 
ILE C   OXT  sing N N 181 
ILE CB  CG1  sing N N 182 
ILE CB  CG2  sing N N 183 
ILE CB  HB   sing N N 184 
ILE CG1 CD1  sing N N 185 
ILE CG1 HG12 sing N N 186 
ILE CG1 HG13 sing N N 187 
ILE CG2 HG21 sing N N 188 
ILE CG2 HG22 sing N N 189 
ILE CG2 HG23 sing N N 190 
ILE CD1 HD11 sing N N 191 
ILE CD1 HD12 sing N N 192 
ILE CD1 HD13 sing N N 193 
ILE OXT HXT  sing N N 194 
LEU N   CA   sing N N 195 
LEU N   H    sing N N 196 
LEU N   H2   sing N N 197 
LEU CA  C    sing N N 198 
LEU CA  CB   sing N N 199 
LEU CA  HA   sing N N 200 
LEU C   O    doub N N 201 
LEU C   OXT  sing N N 202 
LEU CB  CG   sing N N 203 
LEU CB  HB2  sing N N 204 
LEU CB  HB3  sing N N 205 
LEU CG  CD1  sing N N 206 
LEU CG  CD2  sing N N 207 
LEU CG  HG   sing N N 208 
LEU CD1 HD11 sing N N 209 
LEU CD1 HD12 sing N N 210 
LEU CD1 HD13 sing N N 211 
LEU CD2 HD21 sing N N 212 
LEU CD2 HD22 sing N N 213 
LEU CD2 HD23 sing N N 214 
LEU OXT HXT  sing N N 215 
LYS N   CA   sing N N 216 
LYS N   H    sing N N 217 
LYS N   H2   sing N N 218 
LYS CA  C    sing N N 219 
LYS CA  CB   sing N N 220 
LYS CA  HA   sing N N 221 
LYS C   O    doub N N 222 
LYS C   OXT  sing N N 223 
LYS CB  CG   sing N N 224 
LYS CB  HB2  sing N N 225 
LYS CB  HB3  sing N N 226 
LYS CG  CD   sing N N 227 
LYS CG  HG2  sing N N 228 
LYS CG  HG3  sing N N 229 
LYS CD  CE   sing N N 230 
LYS CD  HD2  sing N N 231 
LYS CD  HD3  sing N N 232 
LYS CE  NZ   sing N N 233 
LYS CE  HE2  sing N N 234 
LYS CE  HE3  sing N N 235 
LYS NZ  HZ1  sing N N 236 
LYS NZ  HZ2  sing N N 237 
LYS NZ  HZ3  sing N N 238 
LYS OXT HXT  sing N N 239 
MET N   CA   sing N N 240 
MET N   H    sing N N 241 
MET N   H2   sing N N 242 
MET CA  C    sing N N 243 
MET CA  CB   sing N N 244 
MET CA  HA   sing N N 245 
MET C   O    doub N N 246 
MET C   OXT  sing N N 247 
MET CB  CG   sing N N 248 
MET CB  HB2  sing N N 249 
MET CB  HB3  sing N N 250 
MET CG  SD   sing N N 251 
MET CG  HG2  sing N N 252 
MET CG  HG3  sing N N 253 
MET SD  CE   sing N N 254 
MET CE  HE1  sing N N 255 
MET CE  HE2  sing N N 256 
MET CE  HE3  sing N N 257 
MET OXT HXT  sing N N 258 
PHE N   CA   sing N N 259 
PHE N   H    sing N N 260 
PHE N   H2   sing N N 261 
PHE CA  C    sing N N 262 
PHE CA  CB   sing N N 263 
PHE CA  HA   sing N N 264 
PHE C   O    doub N N 265 
PHE C   OXT  sing N N 266 
PHE CB  CG   sing N N 267 
PHE CB  HB2  sing N N 268 
PHE CB  HB3  sing N N 269 
PHE CG  CD1  doub Y N 270 
PHE CG  CD2  sing Y N 271 
PHE CD1 CE1  sing Y N 272 
PHE CD1 HD1  sing N N 273 
PHE CD2 CE2  doub Y N 274 
PHE CD2 HD2  sing N N 275 
PHE CE1 CZ   doub Y N 276 
PHE CE1 HE1  sing N N 277 
PHE CE2 CZ   sing Y N 278 
PHE CE2 HE2  sing N N 279 
PHE CZ  HZ   sing N N 280 
PHE OXT HXT  sing N N 281 
PRO N   CA   sing N N 282 
PRO N   CD   sing N N 283 
PRO N   H    sing N N 284 
PRO CA  C    sing N N 285 
PRO CA  CB   sing N N 286 
PRO CA  HA   sing N N 287 
PRO C   O    doub N N 288 
PRO C   OXT  sing N N 289 
PRO CB  CG   sing N N 290 
PRO CB  HB2  sing N N 291 
PRO CB  HB3  sing N N 292 
PRO CG  CD   sing N N 293 
PRO CG  HG2  sing N N 294 
PRO CG  HG3  sing N N 295 
PRO CD  HD2  sing N N 296 
PRO CD  HD3  sing N N 297 
PRO OXT HXT  sing N N 298 
SER N   CA   sing N N 299 
SER N   H    sing N N 300 
SER N   H2   sing N N 301 
SER CA  C    sing N N 302 
SER CA  CB   sing N N 303 
SER CA  HA   sing N N 304 
SER C   O    doub N N 305 
SER C   OXT  sing N N 306 
SER CB  OG   sing N N 307 
SER CB  HB2  sing N N 308 
SER CB  HB3  sing N N 309 
SER OG  HG   sing N N 310 
SER OXT HXT  sing N N 311 
SO4 S   O1   doub N N 312 
SO4 S   O2   doub N N 313 
SO4 S   O3   sing N N 314 
SO4 S   O4   sing N N 315 
THR N   CA   sing N N 316 
THR N   H    sing N N 317 
THR N   H2   sing N N 318 
THR CA  C    sing N N 319 
THR CA  CB   sing N N 320 
THR CA  HA   sing N N 321 
THR C   O    doub N N 322 
THR C   OXT  sing N N 323 
THR CB  OG1  sing N N 324 
THR CB  CG2  sing N N 325 
THR CB  HB   sing N N 326 
THR OG1 HG1  sing N N 327 
THR CG2 HG21 sing N N 328 
THR CG2 HG22 sing N N 329 
THR CG2 HG23 sing N N 330 
THR OXT HXT  sing N N 331 
TRP N   CA   sing N N 332 
TRP N   H    sing N N 333 
TRP N   H2   sing N N 334 
TRP CA  C    sing N N 335 
TRP CA  CB   sing N N 336 
TRP CA  HA   sing N N 337 
TRP C   O    doub N N 338 
TRP C   OXT  sing N N 339 
TRP CB  CG   sing N N 340 
TRP CB  HB2  sing N N 341 
TRP CB  HB3  sing N N 342 
TRP CG  CD1  doub Y N 343 
TRP CG  CD2  sing Y N 344 
TRP CD1 NE1  sing Y N 345 
TRP CD1 HD1  sing N N 346 
TRP CD2 CE2  doub Y N 347 
TRP CD2 CE3  sing Y N 348 
TRP NE1 CE2  sing Y N 349 
TRP NE1 HE1  sing N N 350 
TRP CE2 CZ2  sing Y N 351 
TRP CE3 CZ3  doub Y N 352 
TRP CE3 HE3  sing N N 353 
TRP CZ2 CH2  doub Y N 354 
TRP CZ2 HZ2  sing N N 355 
TRP CZ3 CH2  sing Y N 356 
TRP CZ3 HZ3  sing N N 357 
TRP CH2 HH2  sing N N 358 
TRP OXT HXT  sing N N 359 
TTO AS  C1   sing N N 360 
TTO AS  C7   sing N N 361 
TTO AS  C13  sing N N 362 
TTO AS  C19  sing N N 363 
TTO C1  C2   doub Y N 364 
TTO C1  C6   sing Y N 365 
TTO C2  C3   sing Y N 366 
TTO C2  HC2  sing N N 367 
TTO C3  C4   doub Y N 368 
TTO C3  HC3  sing N N 369 
TTO C4  C5   sing Y N 370 
TTO C4  HC4  sing N N 371 
TTO C5  C6   doub Y N 372 
TTO C5  HC5  sing N N 373 
TTO C6  HC6  sing N N 374 
TTO C7  C8   doub Y N 375 
TTO C7  C12  sing Y N 376 
TTO C8  C9   sing Y N 377 
TTO C8  HC8  sing N N 378 
TTO C9  C10  doub Y N 379 
TTO C9  HC9  sing N N 380 
TTO C10 C11  sing Y N 381 
TTO C10 H10  sing N N 382 
TTO C11 C12  doub Y N 383 
TTO C11 H11  sing N N 384 
TTO C12 H12  sing N N 385 
TTO C13 C14  doub Y N 386 
TTO C13 C18  sing Y N 387 
TTO C14 C15  sing Y N 388 
TTO C14 H14  sing N N 389 
TTO C15 C16  doub Y N 390 
TTO C15 H15  sing N N 391 
TTO C16 C17  sing Y N 392 
TTO C16 H16  sing N N 393 
TTO C17 C18  doub Y N 394 
TTO C17 H17  sing N N 395 
TTO C18 H18  sing N N 396 
TTO C19 C20  doub Y N 397 
TTO C19 C24  sing Y N 398 
TTO C20 C21  sing Y N 399 
TTO C20 H20  sing N N 400 
TTO C21 C22  doub Y N 401 
TTO C21 O1   sing N N 402 
TTO C22 C23  sing Y N 403 
TTO C22 O2   sing N N 404 
TTO C23 C24  doub Y N 405 
TTO C23 H23  sing N N 406 
TTO C24 H24  sing N N 407 
TTO O1  HO1  sing N N 408 
TTO O2  HO2  sing N N 409 
TYR N   CA   sing N N 410 
TYR N   H    sing N N 411 
TYR N   H2   sing N N 412 
TYR CA  C    sing N N 413 
TYR CA  CB   sing N N 414 
TYR CA  HA   sing N N 415 
TYR C   O    doub N N 416 
TYR C   OXT  sing N N 417 
TYR CB  CG   sing N N 418 
TYR CB  HB2  sing N N 419 
TYR CB  HB3  sing N N 420 
TYR CG  CD1  doub Y N 421 
TYR CG  CD2  sing Y N 422 
TYR CD1 CE1  sing Y N 423 
TYR CD1 HD1  sing N N 424 
TYR CD2 CE2  doub Y N 425 
TYR CD2 HD2  sing N N 426 
TYR CE1 CZ   doub Y N 427 
TYR CE1 HE1  sing N N 428 
TYR CE2 CZ   sing Y N 429 
TYR CE2 HE2  sing N N 430 
TYR CZ  OH   sing N N 431 
TYR OH  HH   sing N N 432 
TYR OXT HXT  sing N N 433 
VAL N   CA   sing N N 434 
VAL N   H    sing N N 435 
VAL N   H2   sing N N 436 
VAL CA  C    sing N N 437 
VAL CA  CB   sing N N 438 
VAL CA  HA   sing N N 439 
VAL C   O    doub N N 440 
VAL C   OXT  sing N N 441 
VAL CB  CG1  sing N N 442 
VAL CB  CG2  sing N N 443 
VAL CB  HB   sing N N 444 
VAL CG1 HG11 sing N N 445 
VAL CG1 HG12 sing N N 446 
VAL CG1 HG13 sing N N 447 
VAL CG2 HG21 sing N N 448 
VAL CG2 HG22 sing N N 449 
VAL CG2 HG23 sing N N 450 
VAL OXT HXT  sing N N 451 
# 
_atom_sites.entry_id                    1HYZ 
_atom_sites.fract_transf_matrix[1][1]   0.00621447 
_atom_sites.fract_transf_matrix[1][2]   -0.00097858 
_atom_sites.fract_transf_matrix[1][3]   0.01469984 
_atom_sites.fract_transf_matrix[2][1]   0.01429916 
_atom_sites.fract_transf_matrix[2][2]   0.00646146 
_atom_sites.fract_transf_matrix[2][3]   0.00307633 
_atom_sites.fract_transf_matrix[3][1]   -0.00679211 
_atom_sites.fract_transf_matrix[3][2]   0.01324403 
_atom_sites.fract_transf_matrix[3][3]   0.00375308 
_atom_sites.fract_transf_vector[1]      0.516516 
_atom_sites.fract_transf_vector[2]      0.425460 
_atom_sites.fract_transf_vector[3]      -0.125828 
# 
loop_
_atom_type.symbol 
AS 
C  
CL 
N  
O  
S  
# 
loop_
_atom_site.group_PDB 
_atom_site.id 
_atom_site.type_symbol 
_atom_site.label_atom_id 
_atom_site.label_alt_id 
_atom_site.label_comp_id 
_atom_site.label_asym_id 
_atom_site.label_entity_id 
_atom_site.label_seq_id 
_atom_site.pdbx_PDB_ins_code 
_atom_site.Cartn_x 
_atom_site.Cartn_y 
_atom_site.Cartn_z 
_atom_site.occupancy 
_atom_site.B_iso_or_equiv 
_atom_site.pdbx_formal_charge 
_atom_site.auth_seq_id 
_atom_site.auth_comp_id 
_atom_site.auth_asym_id 
_atom_site.auth_atom_id 
_atom_site.pdbx_PDB_model_num 
ATOM   1    N  N   . SER A 1 11  ? -14.044 -6.210  -3.943  1.00 65.56  ? 57  SER A N   1 
ATOM   2    C  CA  . SER A 1 11  ? -14.642 -5.098  -3.129  1.00 65.35  ? 57  SER A CA  1 
ATOM   3    C  C   . SER A 1 11  ? -13.757 -3.861  -3.237  1.00 63.03  ? 57  SER A C   1 
ATOM   4    O  O   . SER A 1 11  ? -12.557 -3.878  -2.982  1.00 63.01  ? 57  SER A O   1 
ATOM   5    C  CB  . SER A 1 11  ? -14.887 -5.514  -1.691  1.00 66.68  ? 57  SER A CB  1 
ATOM   6    O  OG  . SER A 1 11  ? -15.872 -4.724  -1.038  1.00 68.01  ? 57  SER A OG  1 
ATOM   7    N  N   . PRO A 1 12  ? -14.337 -2.780  -3.764  1.00 60.32  ? 58  PRO A N   1 
ATOM   8    C  CA  . PRO A 1 12  ? -13.666 -1.532  -4.053  1.00 56.65  ? 58  PRO A CA  1 
ATOM   9    C  C   . PRO A 1 12  ? -12.941 -0.789  -2.937  1.00 50.66  ? 58  PRO A C   1 
ATOM   10   O  O   . PRO A 1 12  ? -12.043 0.002   -3.216  1.00 49.15  ? 58  PRO A O   1 
ATOM   11   C  CB  . PRO A 1 12  ? -14.805 -0.619  -4.559  1.00 58.76  ? 58  PRO A CB  1 
ATOM   12   C  CG  . PRO A 1 12  ? -15.892 -1.535  -5.021  1.00 59.63  ? 58  PRO A CG  1 
ATOM   13   C  CD  . PRO A 1 12  ? -15.784 -2.734  -4.130  1.00 60.17  ? 58  PRO A CD  1 
ATOM   14   N  N   . GLY A 1 13  ? -13.315 -0.954  -1.683  1.00 44.96  ? 59  GLY A N   1 
ATOM   15   C  CA  . GLY A 1 13  ? -12.707 -0.321  -0.562  1.00 40.03  ? 59  GLY A CA  1 
ATOM   16   C  C   . GLY A 1 13  ? -11.731 -1.173  0.238   1.00 38.35  ? 59  GLY A C   1 
ATOM   17   O  O   . GLY A 1 13  ? -11.446 -0.692  1.332   1.00 34.26  ? 59  GLY A O   1 
ATOM   18   N  N   . ILE A 1 14  ? -11.299 -2.369  -0.219  1.00 35.81  ? 60  ILE A N   1 
ATOM   19   C  CA  . ILE A 1 14  ? -10.417 -3.171  0.618   1.00 36.12  ? 60  ILE A CA  1 
ATOM   20   C  C   . ILE A 1 14  ? -8.960  -2.932  0.207   1.00 32.53  ? 60  ILE A C   1 
ATOM   21   O  O   . ILE A 1 14  ? -8.571  -2.968  -0.949  1.00 31.87  ? 60  ILE A O   1 
ATOM   22   C  CB  . ILE A 1 14  ? -10.632 -4.711  0.533   1.00 38.96  ? 60  ILE A CB  1 
ATOM   23   C  CG1 . ILE A 1 14  ? -12.060 -5.066  0.985   1.00 42.41  ? 60  ILE A CG1 1 
ATOM   24   C  CG2 . ILE A 1 14  ? -9.652  -5.495  1.410   1.00 36.71  ? 60  ILE A CG2 1 
ATOM   25   C  CD1 . ILE A 1 14  ? -12.527 -6.399  0.397   1.00 41.54  ? 60  ILE A CD1 1 
ATOM   26   N  N   . TRP A 1 15  ? -8.118  -2.678  1.158   1.00 29.64  ? 61  TRP A N   1 
ATOM   27   C  CA  . TRP A 1 15  ? -6.712  -2.451  1.003   1.00 31.35  ? 61  TRP A CA  1 
ATOM   28   C  C   . TRP A 1 15  ? -5.981  -3.449  1.924   1.00 33.49  ? 61  TRP A C   1 
ATOM   29   O  O   . TRP A 1 15  ? -6.540  -3.910  2.921   1.00 34.09  ? 61  TRP A O   1 
ATOM   30   C  CB  . TRP A 1 15  ? -6.318  -1.024  1.433   1.00 30.03  ? 61  TRP A CB  1 
ATOM   31   C  CG  . TRP A 1 15  ? -6.816  -0.004  0.422   1.00 28.77  ? 61  TRP A CG  1 
ATOM   32   C  CD1 . TRP A 1 15  ? -8.097  0.460   0.292   1.00 23.90  ? 61  TRP A CD1 1 
ATOM   33   C  CD2 . TRP A 1 15  ? -6.008  0.644   -0.563  1.00 27.25  ? 61  TRP A CD2 1 
ATOM   34   N  NE1 . TRP A 1 15  ? -8.101  1.353   -0.738  1.00 27.29  ? 61  TRP A NE1 1 
ATOM   35   C  CE2 . TRP A 1 15  ? -6.866  1.508   -1.275  1.00 27.98  ? 61  TRP A CE2 1 
ATOM   36   C  CE3 . TRP A 1 15  ? -4.677  0.590   -0.938  1.00 26.34  ? 61  TRP A CE3 1 
ATOM   37   C  CZ2 . TRP A 1 15  ? -6.415  2.292   -2.337  1.00 27.97  ? 61  TRP A CZ2 1 
ATOM   38   C  CZ3 . TRP A 1 15  ? -4.208  1.368   -1.963  1.00 26.15  ? 61  TRP A CZ3 1 
ATOM   39   C  CH2 . TRP A 1 15  ? -5.093  2.233   -2.647  1.00 26.84  ? 61  TRP A CH2 1 
ATOM   40   N  N   . GLN A 1 16  ? -4.750  -3.704  1.568   1.00 33.90  ? 62  GLN A N   1 
ATOM   41   C  CA  . GLN A 1 16  ? -3.844  -4.554  2.275   1.00 36.38  ? 62  GLN A CA  1 
ATOM   42   C  C   . GLN A 1 16  ? -2.646  -3.702  2.649   1.00 34.83  ? 62  GLN A C   1 
ATOM   43   O  O   . GLN A 1 16  ? -2.088  -3.055  1.764   1.00 33.06  ? 62  GLN A O   1 
ATOM   44   C  CB  . GLN A 1 16  ? -3.331  -5.720  1.401   1.00 39.16  ? 62  GLN A CB  1 
ATOM   45   C  CG  . GLN A 1 16  ? -2.249  -6.507  2.093   1.00 41.72  ? 62  GLN A CG  1 
ATOM   46   C  CD  . GLN A 1 16  ? -2.667  -7.730  2.898   1.00 42.67  ? 62  GLN A CD  1 
ATOM   47   O  OE1 . GLN A 1 16  ? -3.815  -8.168  2.947   1.00 40.00  ? 62  GLN A OE1 1 
ATOM   48   N  NE2 . GLN A 1 16  ? -1.618  -8.313  3.519   1.00 43.66  ? 62  GLN A NE2 1 
ATOM   49   N  N   A LEU A 1 17  ? -2.216  -3.806  3.906   0.80 31.86  ? 63  LEU A N   1 
ATOM   50   N  N   B LEU A 1 17  ? -2.284  -3.648  3.931   0.20 39.12  ? 63  LEU A N   1 
ATOM   51   C  CA  A LEU A 1 17  ? -1.045  -3.011  4.253   0.80 32.32  ? 63  LEU A CA  1 
ATOM   52   C  CA  B LEU A 1 17  ? -1.140  -2.804  4.319   0.20 44.90  ? 63  LEU A CA  1 
ATOM   53   C  C   A LEU A 1 17  ? 0.026   -3.856  4.923   0.80 31.99  ? 63  LEU A C   1 
ATOM   54   C  C   B LEU A 1 17  ? -0.115  -3.623  5.095   0.20 46.37  ? 63  LEU A C   1 
ATOM   55   O  O   A LEU A 1 17  ? -0.327  -4.590  5.856   0.80 32.07  ? 63  LEU A O   1 
ATOM   56   O  O   B LEU A 1 17  ? -0.402  -4.262  6.106   0.20 47.48  ? 63  LEU A O   1 
ATOM   57   C  CB  A LEU A 1 17  ? -1.556  -1.909  5.198   0.80 34.72  ? 63  LEU A CB  1 
ATOM   58   C  CB  B LEU A 1 17  ? -1.608  -1.588  5.129   0.20 45.06  ? 63  LEU A CB  1 
ATOM   59   C  CG  A LEU A 1 17  ? -0.559  -0.779  5.481   0.80 37.37  ? 63  LEU A CG  1 
ATOM   60   C  CG  B LEU A 1 17  ? -0.654  -0.483  5.519   0.20 42.71  ? 63  LEU A CG  1 
ATOM   61   C  CD1 A LEU A 1 17  ? -0.633  0.260   4.347   0.80 39.03  ? 63  LEU A CD1 1 
ATOM   62   C  CD1 B LEU A 1 17  ? 0.550   -0.266  4.630   0.20 46.64  ? 63  LEU A CD1 1 
ATOM   63   C  CD2 A LEU A 1 17  ? -0.883  -0.084  6.795   0.80 39.38  ? 63  LEU A CD2 1 
ATOM   64   C  CD2 B LEU A 1 17  ? -1.384  0.780   5.951   0.20 46.50  ? 63  LEU A CD2 1 
ATOM   65   N  N   A ASP A 1 18  ? 1.277   -3.715  4.554   0.80 30.70  ? 64  ASP A N   1 
ATOM   66   N  N   B ASP A 1 18  ? 1.117   -3.619  4.587   0.20 49.85  ? 64  ASP A N   1 
ATOM   67   C  CA  A ASP A 1 18  ? 2.352   -4.425  5.222   0.80 35.74  ? 64  ASP A CA  1 
ATOM   68   C  CA  B ASP A 1 18  ? 2.211   -4.348  5.202   0.20 53.86  ? 64  ASP A CA  1 
ATOM   69   C  C   A ASP A 1 18  ? 3.618   -3.588  5.230   0.80 36.39  ? 64  ASP A C   1 
ATOM   70   C  C   B ASP A 1 18  ? 3.525   -3.575  5.172   0.20 54.72  ? 64  ASP A C   1 
ATOM   71   O  O   A ASP A 1 18  ? 3.686   -2.601  4.484   0.80 35.47  ? 64  ASP A O   1 
ATOM   72   O  O   B ASP A 1 18  ? 3.681   -2.586  4.460   0.20 55.00  ? 64  ASP A O   1 
ATOM   73   C  CB  A ASP A 1 18  ? 2.626   -5.793  4.519   0.80 35.60  ? 64  ASP A CB  1 
ATOM   74   C  CB  B ASP A 1 18  ? 2.433   -5.691  4.487   0.20 54.15  ? 64  ASP A CB  1 
ATOM   75   C  CG  A ASP A 1 18  ? 1.363   -6.621  4.567   0.80 37.32  ? 64  ASP A CG  1 
ATOM   76   C  CG  B ASP A 1 18  ? 1.277   -6.650  4.678   0.20 54.62  ? 64  ASP A CG  1 
ATOM   77   O  OD1 A ASP A 1 18  ? 1.098   -7.240  5.626   0.80 38.49  ? 64  ASP A OD1 1 
ATOM   78   O  OD1 B ASP A 1 18  ? 1.241   -7.313  5.739   0.20 55.56  ? 64  ASP A OD1 1 
ATOM   79   O  OD2 A ASP A 1 18  ? 0.509   -6.672  3.641   0.80 39.84  ? 64  ASP A OD2 1 
ATOM   80   O  OD2 B ASP A 1 18  ? 0.400   -6.748  3.793   0.20 55.70  ? 64  ASP A OD2 1 
HETATM 81   N  N   A CAF A 1 19  ? 4.630   -3.985  5.998   0.80 38.19  ? 65  CAF A N   1 
HETATM 82   N  N   B CAF A 1 19  ? 4.490   -4.075  5.940   0.20 56.32  ? 65  CAF A N   1 
HETATM 83   C  CA  A CAF A 1 19  ? 5.943   -3.365  5.862   0.80 41.52  ? 65  CAF A CA  1 
HETATM 84   C  CA  B CAF A 1 19  ? 5.832   -3.511  5.967   0.20 57.84  ? 65  CAF A CA  1 
HETATM 85   C  CB  A CAF A 1 19  ? 6.568   -2.789  7.112   0.80 42.18  ? 65  CAF A CB  1 
HETATM 86   C  CB  B CAF A 1 19  ? 6.381   -3.358  7.381   0.20 56.83  ? 65  CAF A CB  1 
HETATM 87   C  C   A CAF A 1 19  ? 6.917   -4.403  5.273   0.80 44.60  ? 65  CAF A C   1 
HETATM 88   C  C   B CAF A 1 19  ? 6.765   -4.432  5.178   0.20 59.63  ? 65  CAF A C   1 
HETATM 89   O  O   A CAF A 1 19  ? 6.755   -5.627  5.371   0.80 45.09  ? 65  CAF A O   1 
HETATM 90   O  O   B CAF A 1 19  ? 6.428   -5.582  4.894   0.20 59.80  ? 65  CAF A O   1 
HETATM 91   S  SG  A CAF A 1 19  ? 5.675   -1.384  7.841   0.80 44.00  ? 65  CAF A SG  1 
HETATM 92   S  SG  B CAF A 1 19  ? 7.008   -4.867  8.159   0.20 54.39  ? 65  CAF A SG  1 
HETATM 93   AS AS  A CAF A 1 19  ? 4.020   -2.223  9.159   0.80 50.09  ? 65  CAF A AS  1 
HETATM 94   AS AS  B CAF A 1 19  ? 8.644   -4.177  9.369   0.20 38.88  ? 65  CAF A AS  1 
ATOM   95   N  N   A THR A 1 20  ? 7.977   -3.899  4.666   0.80 46.21  ? 66  THR A N   1 
ATOM   96   N  N   B THR A 1 20  ? 7.944   -3.935  4.848   0.20 60.99  ? 66  THR A N   1 
ATOM   97   C  CA  A THR A 1 20  ? 9.018   -4.749  4.119   0.80 48.95  ? 66  THR A CA  1 
ATOM   98   C  CA  B THR A 1 20  ? 8.952   -4.730  4.156   0.20 62.45  ? 66  THR A CA  1 
ATOM   99   C  C   A THR A 1 20  ? 10.336  -4.031  4.370   0.80 50.16  ? 66  THR A C   1 
ATOM   100  C  C   B THR A 1 20  ? 10.293  -4.026  4.366   0.20 62.51  ? 66  THR A C   1 
ATOM   101  O  O   A THR A 1 20  ? 10.360  -2.814  4.583   0.80 48.31  ? 66  THR A O   1 
ATOM   102  O  O   B THR A 1 20  ? 10.320  -2.797  4.453   0.20 62.57  ? 66  THR A O   1 
ATOM   103  C  CB  A THR A 1 20  ? 8.816   -5.174  2.660   0.80 50.26  ? 66  THR A CB  1 
ATOM   104  C  CB  B THR A 1 20  ? 8.672   -4.957  2.669   0.20 63.26  ? 66  THR A CB  1 
ATOM   105  O  OG1 A THR A 1 20  ? 9.015   -4.090  1.749   0.80 49.69  ? 66  THR A OG1 1 
ATOM   106  O  OG1 B THR A 1 20  ? 9.066   -3.802  1.916   0.20 63.08  ? 66  THR A OG1 1 
ATOM   107  C  CG2 A THR A 1 20  ? 7.388   -5.659  2.441   0.80 51.00  ? 66  THR A CG2 1 
ATOM   108  C  CG2 B THR A 1 20  ? 7.196   -5.228  2.416   0.20 63.23  ? 66  THR A CG2 1 
ATOM   109  N  N   A HIS A 1 21  ? 11.414  -4.819  4.501   0.80 52.41  ? 67  HIS A N   1 
ATOM   110  N  N   B HIS A 1 21  ? 11.362  -4.794  4.538   0.20 62.70  ? 67  HIS A N   1 
ATOM   111  C  CA  A HIS A 1 21  ? 12.692  -4.205  4.899   0.80 54.58  ? 67  HIS A CA  1 
ATOM   112  C  CA  B HIS A 1 21  ? 12.653  -4.195  4.870   0.20 62.27  ? 67  HIS A CA  1 
ATOM   113  C  C   A HIS A 1 21  ? 13.663  -4.300  3.740   0.80 54.94  ? 67  HIS A C   1 
ATOM   114  C  C   B HIS A 1 21  ? 13.669  -4.322  3.747   0.20 60.42  ? 67  HIS A C   1 
ATOM   115  O  O   A HIS A 1 21  ? 13.619  -5.245  2.964   0.80 54.69  ? 67  HIS A O   1 
ATOM   116  O  O   B HIS A 1 21  ? 13.560  -5.215  2.907   0.20 60.29  ? 67  HIS A O   1 
ATOM   117  C  CB  A HIS A 1 21  ? 13.221  -4.830  6.178   0.80 55.85  ? 67  HIS A CB  1 
ATOM   118  C  CB  B HIS A 1 21  ? 13.181  -4.823  6.165   0.20 63.91  ? 67  HIS A CB  1 
ATOM   119  C  CG  A HIS A 1 21  ? 12.302  -4.600  7.344   0.80 57.49  ? 67  HIS A CG  1 
ATOM   120  C  CG  B HIS A 1 21  ? 12.210  -4.674  7.301   0.20 65.33  ? 67  HIS A CG  1 
ATOM   121  N  ND1 A HIS A 1 21  ? 11.054  -5.185  7.414   0.80 58.09  ? 67  HIS A ND1 1 
ATOM   122  N  ND1 B HIS A 1 21  ? 11.064  -5.432  7.402   0.20 65.90  ? 67  HIS A ND1 1 
ATOM   123  C  CD2 A HIS A 1 21  ? 12.446  -3.847  8.462   0.80 57.78  ? 67  HIS A CD2 1 
ATOM   124  C  CD2 B HIS A 1 21  ? 12.219  -3.851  8.376   0.20 65.83  ? 67  HIS A CD2 1 
ATOM   125  C  CE1 A HIS A 1 21  ? 10.460  -4.804  8.528   0.80 59.06  ? 67  HIS A CE1 1 
ATOM   126  C  CE1 B HIS A 1 21  ? 10.406  -5.084  8.493   0.20 66.21  ? 67  HIS A CE1 1 
ATOM   127  N  NE2 A HIS A 1 21  ? 11.278  -3.991  9.173   0.80 59.65  ? 67  HIS A NE2 1 
ATOM   128  N  NE2 B HIS A 1 21  ? 11.083  -4.127  9.100   0.20 66.41  ? 67  HIS A NE2 1 
ATOM   129  N  N   . LEU A 1 22  ? 14.484  -3.278  3.593   1.00 57.52  ? 68  LEU A N   1 
ATOM   130  C  CA  . LEU A 1 22  ? 15.438  -3.240  2.477   1.00 57.00  ? 68  LEU A CA  1 
ATOM   131  C  C   . LEU A 1 22  ? 16.498  -2.232  2.842   1.00 56.69  ? 68  LEU A C   1 
ATOM   132  O  O   . LEU A 1 22  ? 16.196  -1.182  3.409   1.00 56.84  ? 68  LEU A O   1 
ATOM   133  C  CB  . LEU A 1 22  ? 14.705  -2.947  1.193   1.00 57.49  ? 68  LEU A CB  1 
ATOM   134  C  CG  . LEU A 1 22  ? 15.283  -3.349  -0.146  1.00 59.25  ? 68  LEU A CG  1 
ATOM   135  C  CD1 . LEU A 1 22  ? 15.408  -4.878  -0.260  1.00 59.35  ? 68  LEU A CD1 1 
ATOM   136  C  CD2 . LEU A 1 22  ? 14.435  -2.799  -1.296  1.00 58.51  ? 68  LEU A CD2 1 
ATOM   137  N  N   . GLU A 1 23  ? 17.772  -2.660  2.812   1.00 57.45  ? 69  GLU A N   1 
ATOM   138  C  CA  . GLU A 1 23  ? 18.885  -1.792  3.164   1.00 56.79  ? 69  GLU A CA  1 
ATOM   139  C  C   . GLU A 1 23  ? 18.833  -1.182  4.546   1.00 57.06  ? 69  GLU A C   1 
ATOM   140  O  O   . GLU A 1 23  ? 19.264  -0.034  4.720   1.00 57.89  ? 69  GLU A O   1 
ATOM   141  C  CB  . GLU A 1 23  ? 18.969  -0.614  2.169   1.00 56.16  ? 69  GLU A CB  1 
ATOM   142  C  CG  . GLU A 1 23  ? 19.164  -0.995  0.717   1.00 55.28  ? 69  GLU A CG  1 
ATOM   143  C  CD  . GLU A 1 23  ? 19.215  0.219   -0.203  1.00 55.61  ? 69  GLU A CD  1 
ATOM   144  O  OE1 . GLU A 1 23  ? 19.461  1.345   0.295   1.00 55.46  ? 69  GLU A OE1 1 
ATOM   145  O  OE2 . GLU A 1 23  ? 18.999  0.060   -1.425  1.00 54.22  ? 69  GLU A OE2 1 
ATOM   146  N  N   . GLY A 1 24  ? 18.303  -1.850  5.564   1.00 58.30  ? 70  GLY A N   1 
ATOM   147  C  CA  . GLY A 1 24  ? 18.187  -1.298  6.906   1.00 56.81  ? 70  GLY A CA  1 
ATOM   148  C  C   . GLY A 1 24  ? 17.020  -0.330  7.032   1.00 57.86  ? 70  GLY A C   1 
ATOM   149  O  O   . GLY A 1 24  ? 16.887  0.414   8.013   1.00 56.43  ? 70  GLY A O   1 
ATOM   150  N  N   . LYS A 1 25  ? 16.191  -0.241  5.960   1.00 56.53  ? 71  LYS A N   1 
ATOM   151  C  CA  . LYS A 1 25  ? 15.079  0.700   6.010   1.00 54.97  ? 71  LYS A CA  1 
ATOM   152  C  C   . LYS A 1 25  ? 13.741  -0.021  5.902   1.00 51.78  ? 71  LYS A C   1 
ATOM   153  O  O   . LYS A 1 25  ? 13.621  -1.169  5.474   1.00 50.15  ? 71  LYS A O   1 
ATOM   154  C  CB  . LYS A 1 25  ? 15.281  1.776   4.938   1.00 58.07  ? 71  LYS A CB  1 
ATOM   155  C  CG  . LYS A 1 25  ? 16.552  2.589   5.125   1.00 59.34  ? 71  LYS A CG  1 
ATOM   156  C  CD  . LYS A 1 25  ? 16.552  3.855   4.292   1.00 62.67  ? 71  LYS A CD  1 
ATOM   157  C  CE  . LYS A 1 25  ? 17.826  4.662   4.507   1.00 63.88  ? 71  LYS A CE  1 
ATOM   158  N  NZ  . LYS A 1 25  ? 19.001  3.864   4.017   1.00 65.54  ? 71  LYS A NZ  1 
ATOM   159  N  N   . VAL A 1 26  ? 12.717  0.681   6.374   1.00 48.08  ? 72  VAL A N   1 
ATOM   160  C  CA  . VAL A 1 26  ? 11.357  0.201   6.293   1.00 45.55  ? 72  VAL A CA  1 
ATOM   161  C  C   . VAL A 1 26  ? 10.595  0.899   5.158   1.00 41.38  ? 72  VAL A C   1 
ATOM   162  O  O   . VAL A 1 26  ? 10.399  2.103   5.015   1.00 38.63  ? 72  VAL A O   1 
ATOM   163  C  CB  . VAL A 1 26  ? 10.566  0.367   7.610   1.00 46.79  ? 72  VAL A CB  1 
ATOM   164  C  CG1 . VAL A 1 26  ? 9.174   -0.212  7.434   1.00 46.47  ? 72  VAL A CG1 1 
ATOM   165  C  CG2 . VAL A 1 26  ? 11.299  -0.291  8.780   1.00 47.75  ? 72  VAL A CG2 1 
ATOM   166  N  N   . ILE A 1 27  ? 9.896   0.048   4.430   1.00 38.93  ? 73  ILE A N   1 
ATOM   167  C  CA  . ILE A 1 27  ? 8.951   0.444   3.416   1.00 37.13  ? 73  ILE A CA  1 
ATOM   168  C  C   . ILE A 1 27  ? 7.556   -0.038  3.804   1.00 36.69  ? 73  ILE A C   1 
ATOM   169  O  O   . ILE A 1 27  ? 7.323   -1.256  3.968   1.00 36.45  ? 73  ILE A O   1 
ATOM   170  C  CB  . ILE A 1 27  ? 9.290   -0.112  2.011   1.00 37.89  ? 73  ILE A CB  1 
ATOM   171  C  CG1 . ILE A 1 27  ? 10.749  0.206   1.609   1.00 35.81  ? 73  ILE A CG1 1 
ATOM   172  C  CG2 . ILE A 1 27  ? 8.285   0.493   1.011   1.00 35.30  ? 73  ILE A CG2 1 
ATOM   173  C  CD1 . ILE A 1 27  ? 11.227  -0.762  0.521   1.00 38.84  ? 73  ILE A CD1 1 
ATOM   174  N  N   . LEU A 1 28  ? 6.633   0.922   3.811   1.00 33.80  ? 74  LEU A N   1 
ATOM   175  C  CA  . LEU A 1 28  ? 5.222   0.596   4.025   1.00 32.72  ? 74  LEU A CA  1 
ATOM   176  C  C   . LEU A 1 28  ? 4.597   0.447   2.644   1.00 31.92  ? 74  LEU A C   1 
ATOM   177  O  O   . LEU A 1 28  ? 4.777   1.317   1.781   1.00 32.72  ? 74  LEU A O   1 
ATOM   178  C  CB  . LEU A 1 28  ? 4.522   1.701   4.787   1.00 34.84  ? 74  LEU A CB  1 
ATOM   179  C  CG  . LEU A 1 28  ? 3.342   1.335   5.653   1.00 40.53  ? 74  LEU A CG  1 
ATOM   180  C  CD1 . LEU A 1 28  ? 2.981   2.468   6.607   1.00 40.36  ? 74  LEU A CD1 1 
ATOM   181  C  CD2 . LEU A 1 28  ? 2.125   0.999   4.771   1.00 43.74  ? 74  LEU A CD2 1 
ATOM   182  N  N   . VAL A 1 29  ? 3.883   -0.632  2.419   1.00 27.55  ? 75  VAL A N   1 
ATOM   183  C  CA  . VAL A 1 29  ? 3.295   -0.899  1.140   1.00 29.08  ? 75  VAL A CA  1 
ATOM   184  C  C   . VAL A 1 29  ? 1.808   -1.138  1.286   1.00 29.78  ? 75  VAL A C   1 
ATOM   185  O  O   . VAL A 1 29  ? 1.454   -2.037  2.037   1.00 29.91  ? 75  VAL A O   1 
ATOM   186  C  CB  . VAL A 1 29  ? 3.866   -2.207  0.460   1.00 29.94  ? 75  VAL A CB  1 
ATOM   187  C  CG1 . VAL A 1 29  ? 3.179   -2.421  -0.888  1.00 29.48  ? 75  VAL A CG1 1 
ATOM   188  C  CG2 . VAL A 1 29  ? 5.364   -2.041  0.314   1.00 29.48  ? 75  VAL A CG2 1 
ATOM   189  N  N   . ALA A 1 30  ? 1.006   -0.371  0.554   1.00 30.03  ? 76  ALA A N   1 
ATOM   190  C  CA  . ALA A 1 30  ? -0.440  -0.611  0.625   1.00 29.93  ? 76  ALA A CA  1 
ATOM   191  C  C   . ALA A 1 30  ? -0.864  -1.081  -0.773  1.00 29.64  ? 76  ALA A C   1 
ATOM   192  O  O   . ALA A 1 30  ? -0.392  -0.523  -1.763  1.00 29.00  ? 76  ALA A O   1 
ATOM   193  C  CB  . ALA A 1 30  ? -1.195  0.632   1.046   1.00 27.14  ? 76  ALA A CB  1 
ATOM   194  N  N   . VAL A 1 31  ? -1.699  -2.116  -0.856  1.00 28.62  ? 77  VAL A N   1 
ATOM   195  C  CA  . VAL A 1 31  ? -2.131  -2.624  -2.136  1.00 27.54  ? 77  VAL A CA  1 
ATOM   196  C  C   . VAL A 1 31  ? -3.629  -2.541  -2.256  1.00 27.46  ? 77  VAL A C   1 
ATOM   197  O  O   . VAL A 1 31  ? -4.313  -2.969  -1.318  1.00 26.98  ? 77  VAL A O   1 
ATOM   198  C  CB  . VAL A 1 31  ? -1.674  -4.124  -2.299  1.00 31.53  ? 77  VAL A CB  1 
ATOM   199  C  CG1 . VAL A 1 31  ? -1.865  -4.586  -3.743  1.00 27.23  ? 77  VAL A CG1 1 
ATOM   200  C  CG2 . VAL A 1 31  ? -0.200  -4.281  -1.918  1.00 29.29  ? 77  VAL A CG2 1 
ATOM   201  N  N   . HIS A 1 32  ? -4.203  -1.905  -3.285  1.00 28.23  ? 78  HIS A N   1 
ATOM   202  C  CA  . HIS A 1 32  ? -5.659  -1.946  -3.403  1.00 29.99  ? 78  HIS A CA  1 
ATOM   203  C  C   . HIS A 1 32  ? -5.924  -3.359  -3.988  1.00 32.81  ? 78  HIS A C   1 
ATOM   204  O  O   . HIS A 1 32  ? -5.558  -3.675  -5.128  1.00 30.78  ? 78  HIS A O   1 
ATOM   205  C  CB  . HIS A 1 32  ? -6.183  -0.842  -4.284  1.00 30.10  ? 78  HIS A CB  1 
ATOM   206  C  CG  . HIS A 1 32  ? -7.651  -0.877  -4.568  1.00 29.33  ? 78  HIS A CG  1 
ATOM   207  N  ND1 . HIS A 1 32  ? -8.136  -1.129  -5.835  1.00 31.26  ? 78  HIS A ND1 1 
ATOM   208  C  CD2 . HIS A 1 32  ? -8.721  -0.617  -3.800  1.00 28.76  ? 78  HIS A CD2 1 
ATOM   209  C  CE1 . HIS A 1 32  ? -9.484  -1.035  -5.820  1.00 28.68  ? 78  HIS A CE1 1 
ATOM   210  N  NE2 . HIS A 1 32  ? -9.845  -0.707  -4.609  1.00 28.57  ? 78  HIS A NE2 1 
ATOM   211  N  N   . VAL A 1 33  ? -6.564  -4.207  -3.212  1.00 35.76  ? 79  VAL A N   1 
ATOM   212  C  CA  . VAL A 1 33  ? -6.786  -5.603  -3.569  1.00 38.67  ? 79  VAL A CA  1 
ATOM   213  C  C   . VAL A 1 33  ? -7.500  -5.885  -4.865  1.00 40.08  ? 79  VAL A C   1 
ATOM   214  O  O   . VAL A 1 33  ? -6.917  -6.576  -5.708  1.00 40.67  ? 79  VAL A O   1 
ATOM   215  C  CB  . VAL A 1 33  ? -7.442  -6.275  -2.335  1.00 39.82  ? 79  VAL A CB  1 
ATOM   216  C  CG1 . VAL A 1 33  ? -8.024  -7.643  -2.634  1.00 40.21  ? 79  VAL A CG1 1 
ATOM   217  C  CG2 . VAL A 1 33  ? -6.345  -6.315  -1.263  1.00 36.69  ? 79  VAL A CG2 1 
ATOM   218  N  N   . ALA A 1 34  ? -8.601  -5.239  -5.208  1.00 40.50  ? 80  ALA A N   1 
ATOM   219  C  CA  . ALA A 1 34  ? -9.325  -5.484  -6.452  1.00 39.40  ? 80  ALA A CA  1 
ATOM   220  C  C   . ALA A 1 34  ? -8.588  -5.073  -7.704  1.00 39.76  ? 80  ALA A C   1 
ATOM   221  O  O   . ALA A 1 34  ? -8.840  -5.628  -8.772  1.00 40.23  ? 80  ALA A O   1 
ATOM   222  C  CB  . ALA A 1 34  ? -10.698 -4.819  -6.362  1.00 38.37  ? 80  ALA A CB  1 
ATOM   223  N  N   . SER A 1 35  ? -7.583  -4.188  -7.638  1.00 39.50  ? 81  SER A N   1 
ATOM   224  C  CA  . SER A 1 35  ? -6.851  -3.764  -8.833  1.00 35.86  ? 81  SER A CA  1 
ATOM   225  C  C   . SER A 1 35  ? -5.376  -4.072  -8.784  1.00 32.02  ? 81  SER A C   1 
ATOM   226  O  O   . SER A 1 35  ? -4.769  -4.015  -9.852  1.00 32.98  ? 81  SER A O   1 
ATOM   227  C  CB  . SER A 1 35  ? -7.001  -2.222  -8.972  1.00 37.81  ? 81  SER A CB  1 
ATOM   228  O  OG  . SER A 1 35  ? -6.444  -1.528  -7.838  1.00 35.87  ? 81  SER A OG  1 
ATOM   229  N  N   . GLY A 1 36  ? -4.726  -4.317  -7.670  1.00 30.12  ? 82  GLY A N   1 
ATOM   230  C  CA  . GLY A 1 36  ? -3.252  -4.439  -7.712  1.00 32.09  ? 82  GLY A CA  1 
ATOM   231  C  C   . GLY A 1 36  ? -2.495  -3.109  -7.689  1.00 33.93  ? 82  GLY A C   1 
ATOM   232  O  O   . GLY A 1 36  ? -1.250  -3.054  -7.591  1.00 32.66  ? 82  GLY A O   1 
ATOM   233  N  N   . TYR A 1 37  ? -3.220  -1.982  -7.466  1.00 32.13  ? 83  TYR A N   1 
ATOM   234  C  CA  . TYR A 1 37  ? -2.609  -0.654  -7.411  1.00 29.55  ? 83  TYR A CA  1 
ATOM   235  C  C   . TYR A 1 37  ? -1.878  -0.467  -6.113  1.00 26.67  ? 83  TYR A C   1 
ATOM   236  O  O   . TYR A 1 37  ? -2.346  -0.855  -5.059  1.00 26.17  ? 83  TYR A O   1 
ATOM   237  C  CB  . TYR A 1 37  ? -3.711  0.404   -7.524  1.00 30.55  ? 83  TYR A CB  1 
ATOM   238  C  CG  . TYR A 1 37  ? -3.340  1.834   -7.214  1.00 32.31  ? 83  TYR A CG  1 
ATOM   239  C  CD1 . TYR A 1 37  ? -2.945  2.662   -8.260  1.00 33.42  ? 83  TYR A CD1 1 
ATOM   240  C  CD2 . TYR A 1 37  ? -3.413  2.356   -5.923  1.00 31.85  ? 83  TYR A CD2 1 
ATOM   241  C  CE1 . TYR A 1 37  ? -2.636  3.997   -8.032  1.00 35.05  ? 83  TYR A CE1 1 
ATOM   242  C  CE2 . TYR A 1 37  ? -3.116  3.685   -5.680  1.00 33.87  ? 83  TYR A CE2 1 
ATOM   243  C  CZ  . TYR A 1 37  ? -2.737  4.486   -6.735  1.00 35.45  ? 83  TYR A CZ  1 
ATOM   244  O  OH  . TYR A 1 37  ? -2.419  5.785   -6.547  1.00 36.79  ? 83  TYR A OH  1 
ATOM   245  N  N   . ILE A 1 38  ? -0.736  0.164   -6.090  1.00 27.17  ? 84  ILE A N   1 
ATOM   246  C  CA  . ILE A 1 38  ? 0.010   0.283   -4.850  1.00 29.28  ? 84  ILE A CA  1 
ATOM   247  C  C   . ILE A 1 38  ? 0.305   1.746   -4.497  1.00 29.53  ? 84  ILE A C   1 
ATOM   248  O  O   . ILE A 1 38  ? 0.513   2.582   -5.372  1.00 25.33  ? 84  ILE A O   1 
ATOM   249  C  CB  . ILE A 1 38  ? 1.353   -0.447  -5.085  1.00 30.37  ? 84  ILE A CB  1 
ATOM   250  C  CG1 . ILE A 1 38  ? 1.102   -1.965  -4.951  1.00 32.21  ? 84  ILE A CG1 1 
ATOM   251  C  CG2 . ILE A 1 38  ? 2.487   -0.047  -4.152  1.00 30.58  ? 84  ILE A CG2 1 
ATOM   252  C  CD1 . ILE A 1 38  ? 2.306   -2.737  -5.525  1.00 35.01  ? 84  ILE A CD1 1 
ATOM   253  N  N   . GLU A 1 39  ? 0.466   1.942   -3.212  1.00 31.01  ? 85  GLU A N   1 
ATOM   254  C  CA  . GLU A 1 39  ? 1.016   3.176   -2.665  1.00 37.05  ? 85  GLU A CA  1 
ATOM   255  C  C   . GLU A 1 39  ? 2.081   2.742   -1.648  1.00 37.87  ? 85  GLU A C   1 
ATOM   256  O  O   . GLU A 1 39  ? 1.748   1.865   -0.839  1.00 38.46  ? 85  GLU A O   1 
ATOM   257  C  CB  . GLU A 1 39  ? 0.025   4.107   -1.980  1.00 37.76  ? 85  GLU A CB  1 
ATOM   258  C  CG  . GLU A 1 39  ? -1.256  4.430   -2.695  1.00 40.26  ? 85  GLU A CG  1 
ATOM   259  C  CD  . GLU A 1 39  ? -1.500  5.928   -2.791  1.00 42.82  ? 85  GLU A CD  1 
ATOM   260  O  OE1 . GLU A 1 39  ? -0.766  6.644   -2.088  1.00 43.91  ? 85  GLU A OE1 1 
ATOM   261  O  OE2 . GLU A 1 39  ? -2.319  6.353   -3.635  1.00 42.26  ? 85  GLU A OE2 1 
ATOM   262  N  N   . ALA A 1 40  ? 3.274   3.299   -1.662  1.00 40.36  ? 86  ALA A N   1 
ATOM   263  C  CA  . ALA A 1 40  ? 4.308   2.944   -0.710  1.00 43.18  ? 86  ALA A CA  1 
ATOM   264  C  C   . ALA A 1 40  ? 5.031   4.191   -0.215  1.00 47.12  ? 86  ALA A C   1 
ATOM   265  O  O   . ALA A 1 40  ? 4.855   5.301   -0.724  1.00 48.93  ? 86  ALA A O   1 
ATOM   266  C  CB  . ALA A 1 40  ? 5.346   1.985   -1.252  1.00 42.77  ? 86  ALA A CB  1 
ATOM   267  N  N   . GLU A 1 41  ? 5.710   4.033   0.933   1.00 47.92  ? 87  GLU A N   1 
ATOM   268  C  CA  . GLU A 1 41  ? 6.449   5.146   1.519   1.00 48.22  ? 87  GLU A CA  1 
ATOM   269  C  C   . GLU A 1 41  ? 7.617   4.450   2.278   1.00 47.55  ? 87  GLU A C   1 
ATOM   270  O  O   . GLU A 1 41  ? 7.453   3.424   2.937   1.00 44.48  ? 87  GLU A O   1 
ATOM   271  C  CB  . GLU A 1 41  ? 5.731   6.038   2.503   1.00 47.48  ? 87  GLU A CB  1 
ATOM   272  C  CG  . GLU A 1 41  ? 4.590   6.971   2.307   1.00 49.94  ? 87  GLU A CG  1 
ATOM   273  C  CD  . GLU A 1 41  ? 4.810   8.305   1.637   1.00 50.58  ? 87  GLU A CD  1 
ATOM   274  O  OE1 . GLU A 1 41  ? 5.868   8.971   1.721   1.00 49.18  ? 87  GLU A OE1 1 
ATOM   275  O  OE2 . GLU A 1 41  ? 3.887   8.727   0.889   1.00 52.98  ? 87  GLU A OE2 1 
ATOM   276  N  N   . VAL A 1 42  ? 8.710   5.180   2.359   1.00 48.28  ? 88  VAL A N   1 
ATOM   277  C  CA  . VAL A 1 42  ? 9.825   4.723   3.180   1.00 49.14  ? 88  VAL A CA  1 
ATOM   278  C  C   . VAL A 1 42  ? 9.588   5.439   4.507   1.00 48.27  ? 88  VAL A C   1 
ATOM   279  O  O   . VAL A 1 42  ? 9.456   6.650   4.440   1.00 48.71  ? 88  VAL A O   1 
ATOM   280  C  CB  . VAL A 1 42  ? 11.235  5.035   2.672   1.00 47.67  ? 88  VAL A CB  1 
ATOM   281  C  CG1 . VAL A 1 42  ? 12.275  4.683   3.726   1.00 45.93  ? 88  VAL A CG1 1 
ATOM   282  C  CG2 . VAL A 1 42  ? 11.417  4.227   1.406   1.00 48.96  ? 88  VAL A CG2 1 
ATOM   283  N  N   . ILE A 1 43  ? 9.537   4.697   5.596   1.00 49.73  ? 89  ILE A N   1 
ATOM   284  C  CA  . ILE A 1 43  ? 9.303   5.381   6.879   1.00 51.69  ? 89  ILE A CA  1 
ATOM   285  C  C   . ILE A 1 43  ? 10.550  5.267   7.736   1.00 53.93  ? 89  ILE A C   1 
ATOM   286  O  O   . ILE A 1 43  ? 11.382  4.375   7.627   1.00 52.15  ? 89  ILE A O   1 
ATOM   287  C  CB  . ILE A 1 43  ? 8.047   4.837   7.580   1.00 51.01  ? 89  ILE A CB  1 
ATOM   288  C  CG1 . ILE A 1 43  ? 8.158   3.323   7.722   1.00 50.84  ? 89  ILE A CG1 1 
ATOM   289  C  CG2 . ILE A 1 43  ? 6.799   5.189   6.770   1.00 49.17  ? 89  ILE A CG2 1 
ATOM   290  C  CD1 . ILE A 1 43  ? 7.146   2.634   8.591   1.00 50.35  ? 89  ILE A CD1 1 
ATOM   291  N  N   . PRO A 1 44  ? 10.706  6.238   8.624   1.00 57.50  ? 90  PRO A N   1 
ATOM   292  C  CA  . PRO A 1 44  ? 11.848  6.311   9.530   1.00 58.99  ? 90  PRO A CA  1 
ATOM   293  C  C   . PRO A 1 44  ? 11.917  5.103   10.447  1.00 60.74  ? 90  PRO A C   1 
ATOM   294  O  O   . PRO A 1 44  ? 12.976  4.496   10.659  1.00 61.54  ? 90  PRO A O   1 
ATOM   295  C  CB  . PRO A 1 44  ? 11.656  7.598   10.303  1.00 58.41  ? 90  PRO A CB  1 
ATOM   296  C  CG  . PRO A 1 44  ? 10.434  8.270   9.796   1.00 57.74  ? 90  PRO A CG  1 
ATOM   297  C  CD  . PRO A 1 44  ? 9.742   7.352   8.843   1.00 57.34  ? 90  PRO A CD  1 
ATOM   298  N  N   . ALA A 1 45  ? 10.766  4.729   11.012  1.00 61.33  ? 91  ALA A N   1 
ATOM   299  C  CA  . ALA A 1 45  ? 10.711  3.566   11.887  1.00 60.46  ? 91  ALA A CA  1 
ATOM   300  C  C   . ALA A 1 45  ? 9.352   2.914   11.752  1.00 59.76  ? 91  ALA A C   1 
ATOM   301  O  O   . ALA A 1 45  ? 8.421   3.580   11.326  1.00 59.16  ? 91  ALA A O   1 
ATOM   302  C  CB  . ALA A 1 45  ? 10.957  3.926   13.338  1.00 60.89  ? 91  ALA A CB  1 
ATOM   303  N  N   A GLU A 1 46  ? 9.222   1.659   12.136  0.80 58.72  ? 92  GLU A N   1 
ATOM   304  N  N   B GLU A 1 46  ? 9.300   1.647   12.123  0.20 59.91  ? 92  GLU A N   1 
ATOM   305  C  CA  A GLU A 1 46  ? 7.987   0.896   12.025  0.80 57.85  ? 92  GLU A CA  1 
ATOM   306  C  CA  B GLU A 1 46  ? 8.066   0.877   12.167  0.20 59.65  ? 92  GLU A CA  1 
ATOM   307  C  C   A GLU A 1 46  ? 7.036   1.173   13.179  0.80 58.11  ? 92  GLU A C   1 
ATOM   308  C  C   B GLU A 1 46  ? 7.371   1.238   13.490  0.20 58.35  ? 92  GLU A C   1 
ATOM   309  O  O   A GLU A 1 46  ? 6.517   0.209   13.787  0.80 59.09  ? 92  GLU A O   1 
ATOM   310  O  O   B GLU A 1 46  ? 7.981   0.922   14.533  0.20 58.38  ? 92  GLU A O   1 
ATOM   311  C  CB  A GLU A 1 46  ? 8.415   -0.579  11.984  0.80 57.01  ? 92  GLU A CB  1 
ATOM   312  C  CB  B GLU A 1 46  ? 8.381   -0.610  12.102  0.20 60.75  ? 92  GLU A CB  1 
ATOM   313  C  CG  A GLU A 1 46  ? 7.650   -1.470  11.057  0.80 56.91  ? 92  GLU A CG  1 
ATOM   314  C  CG  B GLU A 1 46  ? 7.347   -1.609  12.575  0.20 62.07  ? 92  GLU A CG  1 
ATOM   315  C  CD  A GLU A 1 46  ? 8.214   -2.788  10.625  0.80 56.72  ? 92  GLU A CD  1 
ATOM   316  C  CD  B GLU A 1 46  ? 7.945   -2.962  12.926  0.20 63.13  ? 92  GLU A CD  1 
ATOM   317  O  OE1 A GLU A 1 46  ? 7.392   -3.625  10.197  0.80 57.17  ? 92  GLU A OE1 1 
ATOM   318  O  OE1 B GLU A 1 46  ? 7.260   -4.004  12.806  0.20 63.06  ? 92  GLU A OE1 1 
ATOM   319  O  OE2 A GLU A 1 46  ? 9.428   -3.092  10.649  0.80 56.75  ? 92  GLU A OE2 1 
ATOM   320  O  OE2 B GLU A 1 46  ? 9.131   -2.991  13.333  0.20 62.89  ? 92  GLU A OE2 1 
ATOM   321  N  N   . THR A 1 47  ? 6.770   2.442   13.519  1.00 55.90  ? 93  THR A N   1 
ATOM   322  C  CA  . THR A 1 47  ? 5.899   2.756   14.650  1.00 52.56  ? 93  THR A CA  1 
ATOM   323  C  C   . THR A 1 47  ? 4.412   2.891   14.377  1.00 49.24  ? 93  THR A C   1 
ATOM   324  O  O   . THR A 1 47  ? 3.951   3.059   13.254  1.00 48.48  ? 93  THR A O   1 
ATOM   325  C  CB  . THR A 1 47  ? 6.346   4.034   15.384  1.00 52.56  ? 93  THR A CB  1 
ATOM   326  O  OG1 . THR A 1 47  ? 6.169   5.185   14.566  1.00 51.05  ? 93  THR A OG1 1 
ATOM   327  C  CG2 . THR A 1 47  ? 7.836   3.975   15.727  1.00 53.53  ? 93  THR A CG2 1 
ATOM   328  N  N   . GLY A 1 48  ? 3.626   2.896   15.459  1.00 45.89  ? 94  GLY A N   1 
ATOM   329  C  CA  . GLY A 1 48  ? 2.193   3.097   15.403  1.00 42.56  ? 94  GLY A CA  1 
ATOM   330  C  C   . GLY A 1 48  ? 1.858   4.453   14.756  1.00 40.47  ? 94  GLY A C   1 
ATOM   331  O  O   . GLY A 1 48  ? 1.032   4.558   13.869  1.00 39.05  ? 94  GLY A O   1 
ATOM   332  N  N   . GLN A 1 49  ? 2.517   5.512   15.126  1.00 40.86  ? 95  GLN A N   1 
ATOM   333  C  CA  . GLN A 1 49  ? 2.409   6.848   14.580  1.00 43.48  ? 95  GLN A CA  1 
ATOM   334  C  C   . GLN A 1 49  ? 2.546   6.919   13.050  1.00 40.61  ? 95  GLN A C   1 
ATOM   335  O  O   . GLN A 1 49  ? 1.797   7.619   12.355  1.00 37.99  ? 95  GLN A O   1 
ATOM   336  C  CB  . GLN A 1 49  ? 3.508   7.737   15.177  1.00 47.18  ? 95  GLN A CB  1 
ATOM   337  C  CG  . GLN A 1 49  ? 3.605   7.893   16.656  1.00 54.45  ? 95  GLN A CG  1 
ATOM   338  C  CD  . GLN A 1 49  ? 3.735   6.755   17.628  1.00 57.24  ? 95  GLN A CD  1 
ATOM   339  O  OE1 . GLN A 1 49  ? 2.979   6.737   18.624  1.00 62.25  ? 95  GLN A OE1 1 
ATOM   340  N  NE2 . GLN A 1 49  ? 4.584   5.757   17.529  1.00 57.10  ? 95  GLN A NE2 1 
ATOM   341  N  N   . GLU A 1 50  ? 3.556   6.219   12.532  1.00 36.14  ? 96  GLU A N   1 
ATOM   342  C  CA  . GLU A 1 50  ? 3.831   6.170   11.119  1.00 34.35  ? 96  GLU A CA  1 
ATOM   343  C  C   . GLU A 1 50  ? 2.733   5.437   10.383  1.00 30.42  ? 96  GLU A C   1 
ATOM   344  O  O   . GLU A 1 50  ? 2.339   6.001   9.358   1.00 30.40  ? 96  GLU A O   1 
ATOM   345  C  CB  . GLU A 1 50  ? 5.173   5.469   10.778  1.00 36.44  ? 96  GLU A CB  1 
ATOM   346  C  CG  . GLU A 1 50  ? 6.363   6.274   11.234  1.00 39.27  ? 96  GLU A CG  1 
ATOM   347  C  CD  . GLU A 1 50  ? 6.617   7.516   10.415  1.00 42.41  ? 96  GLU A CD  1 
ATOM   348  O  OE1 . GLU A 1 50  ? 6.016   7.867   9.392   1.00 42.31  ? 96  GLU A OE1 1 
ATOM   349  O  OE2 . GLU A 1 50  ? 7.520   8.265   10.844  1.00 46.69  ? 96  GLU A OE2 1 
ATOM   350  N  N   . THR A 1 51  ? 2.239   4.363   10.971  1.00 26.61  ? 97  THR A N   1 
ATOM   351  C  CA  . THR A 1 51  ? 1.189   3.591   10.318  1.00 30.38  ? 97  THR A CA  1 
ATOM   352  C  C   . THR A 1 51  ? -0.133  4.367   10.338  1.00 30.11  ? 97  THR A C   1 
ATOM   353  O  O   . THR A 1 51  ? -0.794  4.418   9.303   1.00 30.21  ? 97  THR A O   1 
ATOM   354  C  CB  . THR A 1 51  ? 0.879   2.213   10.987  1.00 30.36  ? 97  THR A CB  1 
ATOM   355  O  OG1 . THR A 1 51  ? 2.085   1.463   11.026  1.00 30.00  ? 97  THR A OG1 1 
ATOM   356  C  CG2 . THR A 1 51  ? -0.241  1.463   10.321  1.00 27.03  ? 97  THR A CG2 1 
ATOM   357  N  N   . ALA A 1 52  ? -0.487  4.919   11.484  1.00 29.78  ? 98  ALA A N   1 
ATOM   358  C  CA  . ALA A 1 52  ? -1.651  5.802   11.607  1.00 30.07  ? 98  ALA A CA  1 
ATOM   359  C  C   . ALA A 1 52  ? -1.615  6.949   10.598  1.00 29.49  ? 98  ALA A C   1 
ATOM   360  O  O   . ALA A 1 52  ? -2.560  7.222   9.853   1.00 29.79  ? 98  ALA A O   1 
ATOM   361  C  CB  . ALA A 1 52  ? -1.731  6.440   13.008  1.00 28.79  ? 98  ALA A CB  1 
ATOM   362  N  N   . TYR A 1 53  ? -0.487  7.627   10.529  1.00 30.59  ? 99  TYR A N   1 
ATOM   363  C  CA  . TYR A 1 53  ? -0.328  8.741   9.586   1.00 30.98  ? 99  TYR A CA  1 
ATOM   364  C  C   . TYR A 1 53  ? -0.569  8.333   8.152   1.00 29.90  ? 99  TYR A C   1 
ATOM   365  O  O   . TYR A 1 53  ? -1.195  8.982   7.301   1.00 27.88  ? 99  TYR A O   1 
ATOM   366  C  CB  . TYR A 1 53  ? 1.073   9.342   9.815   1.00 31.09  ? 99  TYR A CB  1 
ATOM   367  C  CG  . TYR A 1 53  ? 1.268   10.598  8.985   1.00 32.52  ? 99  TYR A CG  1 
ATOM   368  C  CD1 . TYR A 1 53  ? 0.468   11.726  9.255   1.00 33.31  ? 99  TYR A CD1 1 
ATOM   369  C  CD2 . TYR A 1 53  ? 2.199   10.680  7.969   1.00 31.18  ? 99  TYR A CD2 1 
ATOM   370  C  CE1 . TYR A 1 53  ? 0.598   12.901  8.538   1.00 30.36  ? 99  TYR A CE1 1 
ATOM   371  C  CE2 . TYR A 1 53  ? 2.344   11.848  7.234   1.00 32.53  ? 99  TYR A CE2 1 
ATOM   372  C  CZ  . TYR A 1 53  ? 1.536   12.931  7.530   1.00 33.03  ? 99  TYR A CZ  1 
ATOM   373  O  OH  . TYR A 1 53  ? 1.675   14.073  6.798   1.00 35.17  ? 99  TYR A OH  1 
ATOM   374  N  N   . PHE A 1 54  ? 0.061   7.201   7.777   1.00 29.68  ? 100 PHE A N   1 
ATOM   375  C  CA  . PHE A 1 54  ? -0.003  6.655   6.422   1.00 26.83  ? 100 PHE A CA  1 
ATOM   376  C  C   . PHE A 1 54  ? -1.463  6.352   6.145   1.00 23.47  ? 100 PHE A C   1 
ATOM   377  O  O   . PHE A 1 54  ? -1.965  6.656   5.046   1.00 22.22  ? 100 PHE A O   1 
ATOM   378  C  CB  . PHE A 1 54  ? 0.932   5.379   6.308   1.00 28.48  ? 100 PHE A CB  1 
ATOM   379  C  CG  . PHE A 1 54  ? 0.771   4.748   4.965   1.00 30.27  ? 100 PHE A CG  1 
ATOM   380  C  CD1 . PHE A 1 54  ? -0.317  3.963   4.658   1.00 30.19  ? 100 PHE A CD1 1 
ATOM   381  C  CD2 . PHE A 1 54  ? 1.752   4.950   3.993   1.00 32.51  ? 100 PHE A CD2 1 
ATOM   382  C  CE1 . PHE A 1 54  ? -0.446  3.412   3.390   1.00 33.25  ? 100 PHE A CE1 1 
ATOM   383  C  CE2 . PHE A 1 54  ? 1.626   4.423   2.719   1.00 33.49  ? 100 PHE A CE2 1 
ATOM   384  C  CZ  . PHE A 1 54  ? 0.499   3.678   2.409   1.00 33.68  ? 100 PHE A CZ  1 
ATOM   385  N  N   . LEU A 1 55  ? -2.143  5.698   7.067   1.00 21.19  ? 101 LEU A N   1 
ATOM   386  C  CA  . LEU A 1 55  ? -3.555  5.381   6.905   1.00 27.36  ? 101 LEU A CA  1 
ATOM   387  C  C   . LEU A 1 55  ? -4.447  6.625   6.677   1.00 29.16  ? 101 LEU A C   1 
ATOM   388  O  O   . LEU A 1 55  ? -5.392  6.615   5.862   1.00 27.10  ? 101 LEU A O   1 
ATOM   389  C  CB  . LEU A 1 55  ? -4.128  4.623   8.122   1.00 28.84  ? 101 LEU A CB  1 
ATOM   390  C  CG  . LEU A 1 55  ? -3.740  3.143   8.236   1.00 33.82  ? 101 LEU A CG  1 
ATOM   391  C  CD1 . LEU A 1 55  ? -4.187  2.490   9.535   1.00 32.84  ? 101 LEU A CD1 1 
ATOM   392  C  CD2 . LEU A 1 55  ? -4.320  2.313   7.073   1.00 34.39  ? 101 LEU A CD2 1 
ATOM   393  N  N   . LEU A 1 56  ? -4.245  7.631   7.533   1.00 29.01  ? 102 LEU A N   1 
ATOM   394  C  CA  . LEU A 1 56  ? -5.016  8.887   7.390   1.00 32.09  ? 102 LEU A CA  1 
ATOM   395  C  C   . LEU A 1 56  ? -4.757  9.504   6.028   1.00 29.70  ? 102 LEU A C   1 
ATOM   396  O  O   . LEU A 1 56  ? -5.689  9.848   5.270   1.00 25.90  ? 102 LEU A O   1 
ATOM   397  C  CB  . LEU A 1 56  ? -4.693  9.692   8.637   1.00 34.60  ? 102 LEU A CB  1 
ATOM   398  C  CG  . LEU A 1 56  ? -5.172  11.126  8.787   1.00 41.23  ? 102 LEU A CG  1 
ATOM   399  C  CD1 . LEU A 1 56  ? -6.685  11.182  8.587   1.00 38.98  ? 102 LEU A CD1 1 
ATOM   400  C  CD2 . LEU A 1 56  ? -4.679  11.612  10.181  1.00 39.12  ? 102 LEU A CD2 1 
ATOM   401  N  N   . LYS A 1 57  ? -3.499  9.480   5.531   1.00 29.04  ? 103 LYS A N   1 
ATOM   402  C  CA  . LYS A 1 57  ? -3.241  9.992   4.201   1.00 28.65  ? 103 LYS A CA  1 
ATOM   403  C  C   . LYS A 1 57  ? -3.982  9.180   3.135   1.00 29.39  ? 103 LYS A C   1 
ATOM   404  O  O   . LYS A 1 57  ? -4.553  9.724   2.187   1.00 27.02  ? 103 LYS A O   1 
ATOM   405  C  CB  . LYS A 1 57  ? -1.768  10.016  3.812   1.00 30.98  ? 103 LYS A CB  1 
ATOM   406  C  CG  . LYS A 1 57  ? -0.868  11.083  4.360   1.00 35.01  ? 103 LYS A CG  1 
ATOM   407  C  CD  . LYS A 1 57  ? 0.467   11.179  3.635   1.00 38.48  ? 103 LYS A CD  1 
ATOM   408  C  CE  . LYS A 1 57  ? 1.476   10.205  4.272   1.00 41.06  ? 103 LYS A CE  1 
ATOM   409  N  NZ  . LYS A 1 57  ? 2.769   10.280  3.500   1.00 44.69  ? 103 LYS A NZ  1 
ATOM   410  N  N   . LEU A 1 58  ? -3.825  7.837   3.203   1.00 28.55  ? 104 LEU A N   1 
ATOM   411  C  CA  . LEU A 1 58  ? -4.427  6.961   2.217   1.00 27.54  ? 104 LEU A CA  1 
ATOM   412  C  C   . LEU A 1 58  ? -5.937  7.241   2.209   1.00 27.35  ? 104 LEU A C   1 
ATOM   413  O  O   . LEU A 1 58  ? -6.553  7.337   1.133   1.00 27.43  ? 104 LEU A O   1 
ATOM   414  C  CB  . LEU A 1 58  ? -4.222  5.448   2.553   1.00 27.44  ? 104 LEU A CB  1 
ATOM   415  C  CG  . LEU A 1 58  ? -4.716  4.453   1.483   1.00 28.63  ? 104 LEU A CG  1 
ATOM   416  C  CD1 . LEU A 1 58  ? -3.784  4.526   0.291   1.00 25.34  ? 104 LEU A CD1 1 
ATOM   417  C  CD2 . LEU A 1 58  ? -4.699  2.994   1.988   1.00 30.95  ? 104 LEU A CD2 1 
ATOM   418  N  N   . ALA A 1 59  ? -6.582  7.196   3.380   1.00 24.20  ? 105 ALA A N   1 
ATOM   419  C  CA  . ALA A 1 59  ? -8.028  7.396   3.398   1.00 26.94  ? 105 ALA A CA  1 
ATOM   420  C  C   . ALA A 1 59  ? -8.512  8.786   2.915   1.00 29.14  ? 105 ALA A C   1 
ATOM   421  O  O   . ALA A 1 59  ? -9.661  8.826   2.439   1.00 27.54  ? 105 ALA A O   1 
ATOM   422  C  CB  . ALA A 1 59  ? -8.523  7.209   4.834   1.00 25.72  ? 105 ALA A CB  1 
ATOM   423  N  N   . GLY A 1 60  ? -7.654  9.823   2.791   1.00 27.75  ? 106 GLY A N   1 
ATOM   424  C  CA  . GLY A 1 60  ? -8.180  11.100  2.239   1.00 29.92  ? 106 GLY A CA  1 
ATOM   425  C  C   . GLY A 1 60  ? -8.071  11.161  0.754   1.00 30.41  ? 106 GLY A C   1 
ATOM   426  O  O   . GLY A 1 60  ? -8.411  12.067  -0.013  1.00 28.74  ? 106 GLY A O   1 
ATOM   427  N  N   . ARG A 1 61  ? -7.377  10.120  0.239   1.00 32.37  ? 107 ARG A N   1 
ATOM   428  C  CA  . ARG A 1 61  ? -7.075  9.989   -1.187  1.00 31.92  ? 107 ARG A CA  1 
ATOM   429  C  C   . ARG A 1 61  ? -7.916  8.924   -1.833  1.00 31.89  ? 107 ARG A C   1 
ATOM   430  O  O   . ARG A 1 61  ? -8.235  9.071   -3.026  1.00 32.04  ? 107 ARG A O   1 
ATOM   431  C  CB  . ARG A 1 61  ? -5.557  9.858   -1.356  1.00 35.38  ? 107 ARG A CB  1 
ATOM   432  C  CG  . ARG A 1 61  ? -4.831  11.160  -0.913  1.00 38.80  ? 107 ARG A CG  1 
ATOM   433  C  CD  . ARG A 1 61  ? -3.361  10.971  -0.539  1.00 38.12  ? 107 ARG A CD  1 
ATOM   434  N  NE  . ARG A 1 61  ? -2.763  12.217  -0.015  1.00 39.52  ? 107 ARG A NE  1 
ATOM   435  C  CZ  . ARG A 1 61  ? -3.120  12.910  1.100   1.00 37.63  ? 107 ARG A CZ  1 
ATOM   436  N  NH1 . ARG A 1 61  ? -4.141  12.482  1.891   1.00 32.85  ? 107 ARG A NH1 1 
ATOM   437  N  NH2 . ARG A 1 61  ? -2.425  14.027  1.325   1.00 30.24  ? 107 ARG A NH2 1 
ATOM   438  N  N   . TRP A 1 62  ? -8.288  7.841   -1.155  1.00 30.41  ? 108 TRP A N   1 
ATOM   439  C  CA  . TRP A 1 62  ? -9.021  6.773   -1.856  1.00 30.64  ? 108 TRP A CA  1 
ATOM   440  C  C   . TRP A 1 62  ? -10.106 6.379   -0.899  1.00 30.55  ? 108 TRP A C   1 
ATOM   441  O  O   . TRP A 1 62  ? -9.821  6.602   0.269   1.00 30.40  ? 108 TRP A O   1 
ATOM   442  C  CB  . TRP A 1 62  ? -8.112  5.556   -2.181  1.00 30.61  ? 108 TRP A CB  1 
ATOM   443  C  CG  . TRP A 1 62  ? -7.085  5.831   -3.242  1.00 27.49  ? 108 TRP A CG  1 
ATOM   444  C  CD1 . TRP A 1 62  ? -5.754  6.062   -3.059  1.00 27.49  ? 108 TRP A CD1 1 
ATOM   445  C  CD2 . TRP A 1 62  ? -7.329  5.918   -4.648  1.00 27.31  ? 108 TRP A CD2 1 
ATOM   446  N  NE1 . TRP A 1 62  ? -5.150  6.333   -4.272  1.00 28.78  ? 108 TRP A NE1 1 
ATOM   447  C  CE2 . TRP A 1 62  ? -6.101  6.238   -5.264  1.00 29.35  ? 108 TRP A CE2 1 
ATOM   448  C  CE3 . TRP A 1 62  ? -8.459  5.802   -5.440  1.00 27.50  ? 108 TRP A CE3 1 
ATOM   449  C  CZ2 . TRP A 1 62  ? -5.968  6.394   -6.632  1.00 29.83  ? 108 TRP A CZ2 1 
ATOM   450  C  CZ3 . TRP A 1 62  ? -8.354  5.959   -6.809  1.00 29.69  ? 108 TRP A CZ3 1 
ATOM   451  C  CH2 . TRP A 1 62  ? -7.109  6.277   -7.387  1.00 30.84  ? 108 TRP A CH2 1 
ATOM   452  N  N   . PRO A 1 63  ? -11.220 5.806   -1.315  1.00 31.50  ? 109 PRO A N   1 
ATOM   453  C  CA  . PRO A 1 63  ? -12.237 5.421   -0.383  1.00 33.87  ? 109 PRO A CA  1 
ATOM   454  C  C   . PRO A 1 63  ? -11.786 4.222   0.435   1.00 38.40  ? 109 PRO A C   1 
ATOM   455  O  O   . PRO A 1 63  ? -11.894 3.109   -0.106  1.00 42.13  ? 109 PRO A O   1 
ATOM   456  C  CB  . PRO A 1 63  ? -13.446 5.158   -1.271  1.00 34.51  ? 109 PRO A CB  1 
ATOM   457  C  CG  . PRO A 1 63  ? -12.934 4.987   -2.660  1.00 33.94  ? 109 PRO A CG  1 
ATOM   458  C  CD  . PRO A 1 63  ? -11.558 5.559   -2.728  1.00 32.37  ? 109 PRO A CD  1 
ATOM   459  N  N   . VAL A 1 64  ? -11.244 4.366   1.646   1.00 36.91  ? 110 VAL A N   1 
ATOM   460  C  CA  . VAL A 1 64  ? -10.731 3.187   2.327   1.00 38.34  ? 110 VAL A CA  1 
ATOM   461  C  C   . VAL A 1 64  ? -11.750 2.626   3.308   1.00 40.26  ? 110 VAL A C   1 
ATOM   462  O  O   . VAL A 1 64  ? -12.005 3.259   4.350   1.00 40.89  ? 110 VAL A O   1 
ATOM   463  C  CB  . VAL A 1 64  ? -9.378  3.472   3.018   1.00 36.46  ? 110 VAL A CB  1 
ATOM   464  C  CG1 . VAL A 1 64  ? -8.816  2.210   3.608   1.00 33.48  ? 110 VAL A CG1 1 
ATOM   465  C  CG2 . VAL A 1 64  ? -8.342  4.050   2.057   1.00 34.02  ? 110 VAL A CG2 1 
ATOM   466  N  N   . LYS A 1 65  ? -12.334 1.454   3.013   1.00 37.61  ? 111 LYS A N   1 
ATOM   467  C  CA  . LYS A 1 65  ? -13.305 0.895   3.949   1.00 35.43  ? 111 LYS A CA  1 
ATOM   468  C  C   . LYS A 1 65  ? -12.671 -0.087  4.919   1.00 36.68  ? 111 LYS A C   1 
ATOM   469  O  O   . LYS A 1 65  ? -12.864 -0.019  6.154   1.00 35.46  ? 111 LYS A O   1 
ATOM   470  C  CB  . LYS A 1 65  ? -14.446 0.234   3.177   1.00 36.60  ? 111 LYS A CB  1 
ATOM   471  N  N   . THR A 1 66  ? -11.882 -1.037  4.378   1.00 34.62  ? 112 THR A N   1 
ATOM   472  C  CA  . THR A 1 66  ? -11.306 -2.048  5.274   1.00 37.69  ? 112 THR A CA  1 
ATOM   473  C  C   . THR A 1 66  ? -9.841  -2.281  4.935   1.00 34.99  ? 112 THR A C   1 
ATOM   474  O  O   . THR A 1 66  ? -9.434  -2.113  3.787   1.00 33.95  ? 112 THR A O   1 
ATOM   475  C  CB  . THR A 1 66  ? -12.011 -3.433  5.210   1.00 39.43  ? 112 THR A CB  1 
ATOM   476  O  OG1 . THR A 1 66  ? -11.931 -3.843  3.840   1.00 42.83  ? 112 THR A OG1 1 
ATOM   477  C  CG2 . THR A 1 66  ? -13.472 -3.373  5.567   1.00 39.67  ? 112 THR A CG2 1 
ATOM   478  N  N   . VAL A 1 67  ? -9.029  -2.459  5.958   1.00 34.56  ? 113 VAL A N   1 
ATOM   479  C  CA  . VAL A 1 67  ? -7.605  -2.668  5.732   1.00 35.77  ? 113 VAL A CA  1 
ATOM   480  C  C   . VAL A 1 67  ? -7.229  -4.051  6.271   1.00 37.12  ? 113 VAL A C   1 
ATOM   481  O  O   . VAL A 1 67  ? -7.484  -4.417  7.417   1.00 35.39  ? 113 VAL A O   1 
ATOM   482  C  CB  . VAL A 1 67  ? -6.731  -1.551  6.305   1.00 35.11  ? 113 VAL A CB  1 
ATOM   483  C  CG1 . VAL A 1 67  ? -5.246  -1.828  6.059   1.00 34.50  ? 113 VAL A CG1 1 
ATOM   484  C  CG2 . VAL A 1 67  ? -6.986  -0.210  5.630   1.00 35.02  ? 113 VAL A CG2 1 
ATOM   485  N  N   . HIS A 1 68  ? -6.602  -4.828  5.388   1.00 38.28  ? 114 HIS A N   1 
ATOM   486  C  CA  . HIS A 1 68  ? -6.120  -6.160  5.765   1.00 40.24  ? 114 HIS A CA  1 
ATOM   487  C  C   . HIS A 1 68  ? -4.619  -6.027  5.958   1.00 37.98  ? 114 HIS A C   1 
ATOM   488  O  O   . HIS A 1 68  ? -4.036  -5.127  5.358   1.00 37.74  ? 114 HIS A O   1 
ATOM   489  C  CB  . HIS A 1 68  ? -6.437  -7.247  4.715   1.00 44.25  ? 114 HIS A CB  1 
ATOM   490  C  CG  . HIS A 1 68  ? -6.047  -8.620  5.204   1.00 49.62  ? 114 HIS A CG  1 
ATOM   491  N  ND1 . HIS A 1 68  ? -4.920  -9.303  4.774   1.00 50.42  ? 114 HIS A ND1 1 
ATOM   492  C  CD2 . HIS A 1 68  ? -6.648  -9.441  6.116   1.00 50.57  ? 114 HIS A CD2 1 
ATOM   493  C  CE1 . HIS A 1 68  ? -4.850  -10.469 5.401   1.00 51.10  ? 114 HIS A CE1 1 
ATOM   494  N  NE2 . HIS A 1 68  ? -5.893  -10.574 6.206   1.00 51.75  ? 114 HIS A NE2 1 
ATOM   495  N  N   . THR A 1 69  ? -4.007  -6.831  6.798   1.00 35.16  ? 115 THR A N   1 
ATOM   496  C  CA  . THR A 1 69  ? -2.568  -6.865  6.977   1.00 33.35  ? 115 THR A CA  1 
ATOM   497  C  C   . THR A 1 69  ? -2.064  -8.300  7.276   1.00 36.20  ? 115 THR A C   1 
ATOM   498  O  O   . THR A 1 69  ? -2.905  -9.118  7.677   1.00 35.41  ? 115 THR A O   1 
ATOM   499  C  CB  . THR A 1 69  ? -2.108  -5.985  8.140   1.00 30.40  ? 115 THR A CB  1 
ATOM   500  O  OG1 . THR A 1 69  ? -0.665  -5.982  8.169   1.00 24.99  ? 115 THR A OG1 1 
ATOM   501  C  CG2 . THR A 1 69  ? -2.725  -6.477  9.446   1.00 28.07  ? 115 THR A CG2 1 
ATOM   502  N  N   . ASP A 1 70  ? -0.774  -8.559  7.091   1.00 36.23  ? 116 ASP A N   1 
ATOM   503  C  CA  . ASP A 1 70  ? -0.265  -9.900  7.417   1.00 39.96  ? 116 ASP A CA  1 
ATOM   504  C  C   . ASP A 1 70  ? 0.370   -9.864  8.822   1.00 39.21  ? 116 ASP A C   1 
ATOM   505  O  O   . ASP A 1 70  ? 0.800   -10.922 9.312   1.00 39.10  ? 116 ASP A O   1 
ATOM   506  C  CB  . ASP A 1 70  ? 0.709   -10.453 6.369   1.00 42.34  ? 116 ASP A CB  1 
ATOM   507  C  CG  . ASP A 1 70  ? -0.029  -10.996 5.145   1.00 45.54  ? 116 ASP A CG  1 
ATOM   508  O  OD1 . ASP A 1 70  ? -1.270  -11.174 5.244   1.00 46.77  ? 116 ASP A OD1 1 
ATOM   509  O  OD2 . ASP A 1 70  ? 0.520   -11.211 4.045   1.00 46.06  ? 116 ASP A OD2 1 
ATOM   510  N  N   . ASN A 1 71  ? 0.437   -8.707  9.458   1.00 32.49  ? 117 ASN A N   1 
ATOM   511  C  CA  . ASN A 1 71  ? 0.884   -8.603  10.834  1.00 33.26  ? 117 ASN A CA  1 
ATOM   512  C  C   . ASN A 1 71  ? -0.099  -7.776  11.662  1.00 34.62  ? 117 ASN A C   1 
ATOM   513  O  O   . ASN A 1 71  ? 0.028   -6.580  11.978  1.00 32.56  ? 117 ASN A O   1 
ATOM   514  C  CB  . ASN A 1 71  ? 2.291   -8.034  10.946  1.00 31.89  ? 117 ASN A CB  1 
ATOM   515  C  CG  . ASN A 1 71  ? 2.870   -8.056  12.331  1.00 32.21  ? 117 ASN A CG  1 
ATOM   516  O  OD1 . ASN A 1 71  ? 4.067   -7.776  12.507  1.00 33.90  ? 117 ASN A OD1 1 
ATOM   517  N  ND2 . ASN A 1 71  ? 2.156   -8.351  13.402  1.00 31.31  ? 117 ASN A ND2 1 
ATOM   518  N  N   . GLY A 1 72  ? -1.088  -8.503  12.163  1.00 35.69  ? 118 GLY A N   1 
ATOM   519  C  CA  . GLY A 1 72  ? -2.198  -8.096  12.985  1.00 36.45  ? 118 GLY A CA  1 
ATOM   520  C  C   . GLY A 1 72  ? -1.805  -7.235  14.172  1.00 36.95  ? 118 GLY A C   1 
ATOM   521  O  O   . GLY A 1 72  ? -2.465  -6.202  14.444  1.00 37.68  ? 118 GLY A O   1 
ATOM   522  N  N   . SER A 1 73  ? -0.606  -7.440  14.726  1.00 35.09  ? 119 SER A N   1 
ATOM   523  C  CA  . SER A 1 73  ? -0.224  -6.678  15.896  1.00 36.46  ? 119 SER A CA  1 
ATOM   524  C  C   . SER A 1 73  ? 0.179   -5.240  15.538  1.00 38.13  ? 119 SER A C   1 
ATOM   525  O  O   . SER A 1 73  ? 0.237   -4.402  16.409  1.00 37.38  ? 119 SER A O   1 
ATOM   526  C  CB  . SER A 1 73  ? 0.893   -7.319  16.713  1.00 31.73  ? 119 SER A CB  1 
ATOM   527  O  OG  . SER A 1 73  ? 2.046   -7.246  15.915  1.00 30.29  ? 119 SER A OG  1 
ATOM   528  N  N   . ASN A 1 74  ? 0.456   -4.949  14.287  1.00 41.10  ? 120 ASN A N   1 
ATOM   529  C  CA  . ASN A 1 74  ? 0.755   -3.646  13.759  1.00 42.98  ? 120 ASN A CA  1 
ATOM   530  C  C   . ASN A 1 74  ? -0.415  -2.670  14.024  1.00 41.67  ? 120 ASN A C   1 
ATOM   531  O  O   . ASN A 1 74  ? -0.213  -1.467  13.899  1.00 43.02  ? 120 ASN A O   1 
ATOM   532  C  CB  . ASN A 1 74  ? 0.829   -3.703  12.249  1.00 44.53  ? 120 ASN A CB  1 
ATOM   533  C  CG  . ASN A 1 74  ? 1.879   -4.253  11.350  1.00 47.36  ? 120 ASN A CG  1 
ATOM   534  O  OD1 . ASN A 1 74  ? 3.090   -4.246  11.642  1.00 45.19  ? 120 ASN A OD1 1 
ATOM   535  N  ND2 . ASN A 1 74  ? 1.422   -4.668  10.126  1.00 44.95  ? 120 ASN A ND2 1 
ATOM   536  N  N   . PHE A 1 75  ? -1.632  -3.130  14.131  1.00 40.59  ? 121 PHE A N   1 
ATOM   537  C  CA  . PHE A 1 75  ? -2.849  -2.384  14.237  1.00 42.31  ? 121 PHE A CA  1 
ATOM   538  C  C   . PHE A 1 75  ? -3.427  -2.343  15.652  1.00 43.20  ? 121 PHE A C   1 
ATOM   539  O  O   . PHE A 1 75  ? -4.617  -2.087  15.804  1.00 43.97  ? 121 PHE A O   1 
ATOM   540  C  CB  . PHE A 1 75  ? -3.936  -2.971  13.316  1.00 40.07  ? 121 PHE A CB  1 
ATOM   541  C  CG  . PHE A 1 75  ? -3.766  -2.757  11.848  1.00 38.78  ? 121 PHE A CG  1 
ATOM   542  C  CD1 . PHE A 1 75  ? -2.941  -1.790  11.331  1.00 37.51  ? 121 PHE A CD1 1 
ATOM   543  C  CD2 . PHE A 1 75  ? -4.518  -3.531  10.963  1.00 39.66  ? 121 PHE A CD2 1 
ATOM   544  C  CE1 . PHE A 1 75  ? -2.799  -1.593  9.975   1.00 38.40  ? 121 PHE A CE1 1 
ATOM   545  C  CE2 . PHE A 1 75  ? -4.386  -3.366  9.592   1.00 40.06  ? 121 PHE A CE2 1 
ATOM   546  C  CZ  . PHE A 1 75  ? -3.546  -2.368  9.110   1.00 40.29  ? 121 PHE A CZ  1 
ATOM   547  N  N   . THR A 1 76  ? -2.576  -2.531  16.662  1.00 43.73  ? 122 THR A N   1 
ATOM   548  C  CA  . THR A 1 76  ? -3.091  -2.560  18.020  1.00 44.01  ? 122 THR A CA  1 
ATOM   549  C  C   . THR A 1 76  ? -2.757  -1.257  18.762  1.00 42.14  ? 122 THR A C   1 
ATOM   550  O  O   . THR A 1 76  ? -3.270  -1.116  19.881  1.00 42.95  ? 122 THR A O   1 
ATOM   551  C  CB  . THR A 1 76  ? -2.519  -3.723  18.859  1.00 44.38  ? 122 THR A CB  1 
ATOM   552  O  OG1 . THR A 1 76  ? -1.176  -3.340  19.282  1.00 42.97  ? 122 THR A OG1 1 
ATOM   553  C  CG2 . THR A 1 76  ? -2.418  -5.001  18.087  1.00 45.85  ? 122 THR A CG2 1 
ATOM   554  N  N   . SER A 1 77  ? -1.874  -0.436  18.231  1.00 39.07  ? 123 SER A N   1 
ATOM   555  C  CA  . SER A 1 77  ? -1.587  0.781   18.982  1.00 41.55  ? 123 SER A CA  1 
ATOM   556  C  C   . SER A 1 77  ? -2.839  1.702   18.995  1.00 42.12  ? 123 SER A C   1 
ATOM   557  O  O   . SER A 1 77  ? -3.829  1.606   18.279  1.00 38.88  ? 123 SER A O   1 
ATOM   558  C  CB  . SER A 1 77  ? -0.392  1.560   18.480  1.00 39.58  ? 123 SER A CB  1 
ATOM   559  O  OG  . SER A 1 77  ? -0.754  2.189   17.248  1.00 39.90  ? 123 SER A OG  1 
ATOM   560  N  N   . THR A 1 78  ? -2.808  2.508   20.054  1.00 43.02  ? 124 THR A N   1 
ATOM   561  C  CA  . THR A 1 78  ? -3.818  3.533   20.326  1.00 44.10  ? 124 THR A CA  1 
ATOM   562  C  C   . THR A 1 78  ? -3.790  4.505   19.142  1.00 40.93  ? 124 THR A C   1 
ATOM   563  O  O   . THR A 1 78  ? -4.847  4.779   18.609  1.00 39.85  ? 124 THR A O   1 
ATOM   564  C  CB  . THR A 1 78  ? -3.434  4.255   21.634  1.00 44.44  ? 124 THR A CB  1 
ATOM   565  O  OG1 . THR A 1 78  ? -4.053  3.530   22.678  1.00 46.49  ? 124 THR A OG1 1 
ATOM   566  C  CG2 . THR A 1 78  ? -3.879  5.705   21.705  1.00 46.99  ? 124 THR A CG2 1 
ATOM   567  N  N   . THR A 1 79  ? -2.581  4.866   18.716  1.00 38.76  ? 125 THR A N   1 
ATOM   568  C  CA  . THR A 1 79  ? -2.478  5.776   17.595  1.00 41.04  ? 125 THR A CA  1 
ATOM   569  C  C   . THR A 1 79  ? -3.033  5.189   16.307  1.00 38.64  ? 125 THR A C   1 
ATOM   570  O  O   . THR A 1 79  ? -3.835  5.946   15.733  1.00 36.87  ? 125 THR A O   1 
ATOM   571  C  CB  . THR A 1 79  ? -1.061  6.354   17.492  1.00 44.35  ? 125 THR A CB  1 
ATOM   572  O  OG1 . THR A 1 79  ? -0.151  5.413   16.906  1.00 47.74  ? 125 THR A OG1 1 
ATOM   573  C  CG2 . THR A 1 79  ? -0.514  6.580   18.906  1.00 44.23  ? 125 THR A CG2 1 
ATOM   574  N  N   . VAL A 1 80  ? -2.964  3.886   16.019  1.00 35.54  ? 126 VAL A N   1 
ATOM   575  C  CA  . VAL A 1 80  ? -3.574  3.341   14.810  1.00 32.08  ? 126 VAL A CA  1 
ATOM   576  C  C   . VAL A 1 80  ? -5.078  3.255   14.961  1.00 31.18  ? 126 VAL A C   1 
ATOM   577  O  O   . VAL A 1 80  ? -5.816  3.601   14.045  1.00 30.06  ? 126 VAL A O   1 
ATOM   578  C  CB  . VAL A 1 80  ? -2.987  1.965   14.413  1.00 32.17  ? 126 VAL A CB  1 
ATOM   579  C  CG1 . VAL A 1 80  ? -3.740  1.264   13.253  1.00 29.61  ? 126 VAL A CG1 1 
ATOM   580  C  CG2 . VAL A 1 80  ? -1.505  2.089   14.125  1.00 30.04  ? 126 VAL A CG2 1 
ATOM   581  N  N   . LYS A 1 81  ? -5.615  2.763   16.052  1.00 30.93  ? 127 LYS A N   1 
ATOM   582  C  CA  . LYS A 1 81  ? -7.062  2.703   16.223  1.00 34.59  ? 127 LYS A CA  1 
ATOM   583  C  C   . LYS A 1 81  ? -7.730  4.091   16.151  1.00 32.86  ? 127 LYS A C   1 
ATOM   584  O  O   . LYS A 1 81  ? -8.790  4.188   15.542  1.00 32.74  ? 127 LYS A O   1 
ATOM   585  C  CB  . LYS A 1 81  ? -7.387  2.075   17.586  1.00 37.74  ? 127 LYS A CB  1 
ATOM   586  C  CG  . LYS A 1 81  ? -6.821  0.676   17.671  1.00 41.24  ? 127 LYS A CG  1 
ATOM   587  C  CD  . LYS A 1 81  ? -7.132  -0.083  18.950  1.00 44.67  ? 127 LYS A CD  1 
ATOM   588  C  CE  . LYS A 1 81  ? -7.395  -1.546  18.519  1.00 48.34  ? 127 LYS A CE  1 
ATOM   589  N  NZ  . LYS A 1 81  ? -7.225  -2.474  19.701  1.00 51.43  ? 127 LYS A NZ  1 
ATOM   590  N  N   . ALA A 1 82  ? -7.069  5.116   16.676  1.00 29.66  ? 128 ALA A N   1 
ATOM   591  C  CA  . ALA A 1 82  ? -7.568  6.483   16.638  1.00 31.04  ? 128 ALA A CA  1 
ATOM   592  C  C   . ALA A 1 82  ? -7.641  6.976   15.195  1.00 30.00  ? 128 ALA A C   1 
ATOM   593  O  O   . ALA A 1 82  ? -8.745  7.410   14.811  1.00 29.89  ? 128 ALA A O   1 
ATOM   594  C  CB  . ALA A 1 82  ? -6.727  7.410   17.512  1.00 27.51  ? 128 ALA A CB  1 
ATOM   595  N  N   . ALA A 1 83  ? -6.626  6.649   14.375  1.00 27.25  ? 129 ALA A N   1 
ATOM   596  C  CA  . ALA A 1 83  ? -6.694  7.066   12.977  1.00 26.40  ? 129 ALA A CA  1 
ATOM   597  C  C   . ALA A 1 83  ? -7.790  6.303   12.262  1.00 29.77  ? 129 ALA A C   1 
ATOM   598  O  O   . ALA A 1 83  ? -8.476  6.922   11.425  1.00 29.03  ? 129 ALA A O   1 
ATOM   599  C  CB  . ALA A 1 83  ? -5.342  6.930   12.279  1.00 25.55  ? 129 ALA A CB  1 
HETATM 600  N  N   . CAF A 1 84  ? -7.924  4.985   12.495  1.00 26.78  ? 130 CAF A N   1 
HETATM 601  C  CA  . CAF A 1 84  ? -9.017  4.237   11.893  1.00 28.71  ? 130 CAF A CA  1 
HETATM 602  C  CB  . CAF A 1 84  ? -8.882  2.682   12.131  1.00 25.39  ? 130 CAF A CB  1 
HETATM 603  C  C   . CAF A 1 84  ? -10.396 4.659   12.404  1.00 27.55  ? 130 CAF A C   1 
HETATM 604  O  O   . CAF A 1 84  ? -11.333 4.725   11.612  1.00 26.45  ? 130 CAF A O   1 
HETATM 605  S  SG  . CAF A 1 84  ? -7.370  2.073   11.274  1.00 29.17  ? 130 CAF A SG  1 
HETATM 606  AS AS  . CAF A 1 84  ? -7.994  -0.184  11.415  1.00 44.11  ? 130 CAF A AS  1 
ATOM   607  N  N   . TRP A 1 85  ? -10.540 4.888   13.685  1.00 30.59  ? 131 TRP A N   1 
ATOM   608  C  CA  . TRP A 1 85  ? -11.775 5.484   14.222  1.00 33.47  ? 131 TRP A CA  1 
ATOM   609  C  C   . TRP A 1 85  ? -12.157 6.796   13.527  1.00 32.72  ? 131 TRP A C   1 
ATOM   610  O  O   . TRP A 1 85  ? -13.223 6.890   12.927  1.00 32.27  ? 131 TRP A O   1 
ATOM   611  C  CB  . TRP A 1 85  ? -11.586 5.730   15.728  1.00 34.61  ? 131 TRP A CB  1 
ATOM   612  C  CG  . TRP A 1 85  ? -12.666 6.648   16.271  1.00 37.80  ? 131 TRP A CG  1 
ATOM   613  C  CD1 . TRP A 1 85  ? -13.953 6.288   16.540  1.00 37.45  ? 131 TRP A CD1 1 
ATOM   614  C  CD2 . TRP A 1 85  ? -12.534 8.044   16.562  1.00 37.90  ? 131 TRP A CD2 1 
ATOM   615  N  NE1 . TRP A 1 85  ? -14.629 7.399   17.007  1.00 38.12  ? 131 TRP A NE1 1 
ATOM   616  C  CE2 . TRP A 1 85  ? -13.798 8.477   17.039  1.00 39.49  ? 131 TRP A CE2 1 
ATOM   617  C  CE3 . TRP A 1 85  ? -11.480 8.962   16.492  1.00 37.28  ? 131 TRP A CE3 1 
ATOM   618  C  CZ2 . TRP A 1 85  ? -14.047 9.796   17.442  1.00 39.25  ? 131 TRP A CZ2 1 
ATOM   619  C  CZ3 . TRP A 1 85  ? -11.739 10.289  16.825  1.00 39.54  ? 131 TRP A CZ3 1 
ATOM   620  C  CH2 . TRP A 1 85  ? -12.999 10.691  17.318  1.00 39.81  ? 131 TRP A CH2 1 
ATOM   621  N  N   . TRP A 1 86  ? -11.215 7.730   13.386  1.00 32.44  ? 132 TRP A N   1 
ATOM   622  C  CA  . TRP A 1 86  ? -11.506 9.037   12.796  1.00 31.63  ? 132 TRP A CA  1 
ATOM   623  C  C   . TRP A 1 86  ? -11.878 8.919   11.341  1.00 31.07  ? 132 TRP A C   1 
ATOM   624  O  O   . TRP A 1 86  ? -12.792 9.557   10.810  1.00 27.69  ? 132 TRP A O   1 
ATOM   625  C  CB  . TRP A 1 86  ? -10.268 9.976   12.939  1.00 30.66  ? 132 TRP A CB  1 
ATOM   626  C  CG  . TRP A 1 86  ? -10.686 11.396  12.626  1.00 31.74  ? 132 TRP A CG  1 
ATOM   627  C  CD1 . TRP A 1 86  ? -11.219 12.308  13.526  1.00 29.72  ? 132 TRP A CD1 1 
ATOM   628  C  CD2 . TRP A 1 86  ? -10.635 12.035  11.340  1.00 30.37  ? 132 TRP A CD2 1 
ATOM   629  N  NE1 . TRP A 1 86  ? -11.488 13.459  12.838  1.00 31.04  ? 132 TRP A NE1 1 
ATOM   630  C  CE2 . TRP A 1 86  ? -11.143 13.364  11.530  1.00 31.39  ? 132 TRP A CE2 1 
ATOM   631  C  CE3 . TRP A 1 86  ? -10.212 11.661  10.079  1.00 27.87  ? 132 TRP A CE3 1 
ATOM   632  C  CZ2 . TRP A 1 86  ? -11.216 14.283  10.497  1.00 30.10  ? 132 TRP A CZ2 1 
ATOM   633  C  CZ3 . TRP A 1 86  ? -10.288 12.555  9.039   1.00 31.53  ? 132 TRP A CZ3 1 
ATOM   634  C  CH2 . TRP A 1 86  ? -10.824 13.870  9.238   1.00 31.52  ? 132 TRP A CH2 1 
ATOM   635  N  N   . ALA A 1 87  ? -11.046 8.096   10.634  1.00 29.27  ? 133 ALA A N   1 
ATOM   636  C  CA  . ALA A 1 87  ? -11.266 7.972   9.180   1.00 27.11  ? 133 ALA A CA  1 
ATOM   637  C  C   . ALA A 1 87  ? -12.402 7.021   8.863   1.00 26.77  ? 133 ALA A C   1 
ATOM   638  O  O   . ALA A 1 87  ? -12.790 6.894   7.704   1.00 25.80  ? 133 ALA A O   1 
ATOM   639  C  CB  . ALA A 1 87  ? -9.970  7.604   8.494   1.00 28.61  ? 133 ALA A CB  1 
ATOM   640  N  N   . GLY A 1 88  ? -12.992 6.321   9.840   1.00 25.85  ? 134 GLY A N   1 
ATOM   641  C  CA  . GLY A 1 88  ? -14.096 5.430   9.441   1.00 29.21  ? 134 GLY A CA  1 
ATOM   642  C  C   . GLY A 1 88  ? -13.620 4.066   8.948   1.00 30.97  ? 134 GLY A C   1 
ATOM   643  O  O   . GLY A 1 88  ? -14.309 3.461   8.128   1.00 32.15  ? 134 GLY A O   1 
ATOM   644  N  N   . ILE A 1 89  ? -12.380 3.672   9.162   1.00 32.57  ? 135 ILE A N   1 
ATOM   645  C  CA  . ILE A 1 89  ? -11.846 2.427   8.631   1.00 34.49  ? 135 ILE A CA  1 
ATOM   646  C  C   . ILE A 1 89  ? -12.088 1.231   9.566   1.00 35.64  ? 135 ILE A C   1 
ATOM   647  O  O   . ILE A 1 89  ? -11.935 1.393   10.755  1.00 33.28  ? 135 ILE A O   1 
ATOM   648  C  CB  . ILE A 1 89  ? -10.303 2.522   8.453   1.00 33.23  ? 135 ILE A CB  1 
ATOM   649  C  CG1 . ILE A 1 89  ? -9.991  3.757   7.606   1.00 31.07  ? 135 ILE A CG1 1 
ATOM   650  C  CG2 . ILE A 1 89  ? -9.698  1.225   7.866   1.00 29.62  ? 135 ILE A CG2 1 
ATOM   651  C  CD1 . ILE A 1 89  ? -8.528  4.080   7.455   1.00 28.26  ? 135 ILE A CD1 1 
ATOM   652  N  N   . LYS A 1 90  ? -12.416 0.059   9.061   1.00 40.91  ? 136 LYS A N   1 
ATOM   653  C  CA  . LYS A 1 90  ? -12.437 -1.170  9.852   1.00 47.09  ? 136 LYS A CA  1 
ATOM   654  C  C   . LYS A 1 90  ? -11.355 -2.159  9.374   1.00 48.74  ? 136 LYS A C   1 
ATOM   655  O  O   . LYS A 1 90  ? -10.732 -2.151  8.294   1.00 45.28  ? 136 LYS A O   1 
ATOM   656  C  CB  . LYS A 1 90  ? -13.800 -1.855  9.892   1.00 50.39  ? 136 LYS A CB  1 
ATOM   657  C  CG  . LYS A 1 90  ? -14.909 -1.086  10.594  1.00 52.96  ? 136 LYS A CG  1 
ATOM   658  C  CD  . LYS A 1 90  ? -14.843 -1.135  12.103  1.00 56.23  ? 136 LYS A CD  1 
ATOM   659  C  CE  . LYS A 1 90  ? -15.812 -0.212  12.829  1.00 58.70  ? 136 LYS A CE  1 
ATOM   660  N  NZ  . LYS A 1 90  ? -17.067 0.078   12.061  1.00 60.18  ? 136 LYS A NZ  1 
ATOM   661  N  N   . GLN A 1 91  ? -11.043 -3.067  10.282  1.00 53.67  ? 137 GLN A N   1 
ATOM   662  C  CA  . GLN A 1 91  ? -10.019 -4.099  10.015  1.00 60.05  ? 137 GLN A CA  1 
ATOM   663  C  C   . GLN A 1 91  ? -10.659 -5.233  9.224   1.00 63.16  ? 137 GLN A C   1 
ATOM   664  O  O   . GLN A 1 91  ? -11.689 -5.738  9.669   1.00 61.80  ? 137 GLN A O   1 
ATOM   665  C  CB  . GLN A 1 91  ? -9.340  -4.502  11.314  1.00 58.97  ? 137 GLN A CB  1 
ATOM   666  C  CG  . GLN A 1 91  ? -8.424  -5.696  11.233  1.00 59.15  ? 137 GLN A CG  1 
ATOM   667  C  CD  . GLN A 1 91  ? -7.388  -5.748  12.333  1.00 58.25  ? 137 GLN A CD  1 
ATOM   668  O  OE1 . GLN A 1 91  ? -7.639  -5.410  13.489  1.00 58.60  ? 137 GLN A OE1 1 
ATOM   669  N  NE2 . GLN A 1 91  ? -6.175  -6.120  11.961  1.00 56.67  ? 137 GLN A NE2 1 
ATOM   670  N  N   . GLU A 1 92  ? -10.137 -5.510  8.030   1.00 68.66  ? 138 GLU A N   1 
ATOM   671  C  CA  . GLU A 1 92  ? -10.739 -6.551  7.184   1.00 75.21  ? 138 GLU A CA  1 
ATOM   672  C  C   . GLU A 1 92  ? -10.576 -7.932  7.821   1.00 78.68  ? 138 GLU A C   1 
ATOM   673  O  O   . GLU A 1 92  ? -9.483  -8.287  8.282   1.00 78.17  ? 138 GLU A O   1 
ATOM   674  C  CB  . GLU A 1 92  ? -10.168 -6.518  5.768   1.00 76.08  ? 138 GLU A CB  1 
ATOM   675  C  CG  . GLU A 1 92  ? -10.553 -7.631  4.802   1.00 76.12  ? 138 GLU A CG  1 
ATOM   676  C  CD  . GLU A 1 92  ? -12.046 -7.721  4.572   1.00 76.67  ? 138 GLU A CD  1 
ATOM   677  O  OE1 . GLU A 1 92  ? -12.726 -6.827  4.025   1.00 76.67  ? 138 GLU A OE1 1 
ATOM   678  O  OE2 . GLU A 1 92  ? -12.617 -8.751  4.971   1.00 77.40  ? 138 GLU A OE2 1 
ATOM   679  N  N   . PHE A 1 93  ? -11.677 -8.681  7.883   1.00 83.02  ? 139 PHE A N   1 
ATOM   680  C  CA  . PHE A 1 93  ? -11.610 -10.006 8.500   1.00 87.51  ? 139 PHE A CA  1 
ATOM   681  C  C   . PHE A 1 93  ? -11.833 -11.132 7.498   1.00 87.86  ? 139 PHE A C   1 
ATOM   682  O  O   . PHE A 1 93  ? -12.092 -12.253 7.921   1.00 87.84  ? 139 PHE A O   1 
ATOM   683  C  CB  . PHE A 1 93  ? -12.587 -10.183 9.669   1.00 89.71  ? 139 PHE A CB  1 
ATOM   684  C  CG  . PHE A 1 93  ? -12.208 -9.351  10.861  1.00 91.82  ? 139 PHE A CG  1 
ATOM   685  C  CD1 . PHE A 1 93  ? -12.909 -8.196  11.157  1.00 92.27  ? 139 PHE A CD1 1 
ATOM   686  C  CD2 . PHE A 1 93  ? -11.129 -9.705  11.649  1.00 92.57  ? 139 PHE A CD2 1 
ATOM   687  C  CE1 . PHE A 1 93  ? -12.553 -7.417  12.240  1.00 92.73  ? 139 PHE A CE1 1 
ATOM   688  C  CE2 . PHE A 1 93  ? -10.767 -8.911  12.721  1.00 93.30  ? 139 PHE A CE2 1 
ATOM   689  C  CZ  . PHE A 1 93  ? -11.483 -7.771  13.031  1.00 93.10  ? 139 PHE A CZ  1 
ATOM   690  N  N   . GLY A 1 94  ? -11.715 -10.829 6.221   1.00 88.36  ? 140 GLY A N   1 
ATOM   691  C  CA  . GLY A 1 94  ? -11.866 -11.808 5.151   1.00 88.24  ? 140 GLY A CA  1 
ATOM   692  C  C   . GLY A 1 94  ? -10.529 -12.036 4.450   1.00 88.32  ? 140 GLY A C   1 
ATOM   693  O  O   . GLY A 1 94  ? -10.262 -11.427 3.396   1.00 87.34  ? 140 GLY A O   1 
ATOM   694  N  N   . GLN A 1 102 ? -5.383  -14.436 -1.489  1.00 120.85 ? 148 GLN A N   1 
ATOM   695  C  CA  . GLN A 1 102 ? -4.180  -13.675 -1.044  1.00 120.84 ? 148 GLN A CA  1 
ATOM   696  C  C   . GLN A 1 102 ? -3.097  -13.667 -2.114  1.00 120.63 ? 148 GLN A C   1 
ATOM   697  O  O   . GLN A 1 102 ? -1.989  -13.168 -1.920  1.00 120.37 ? 148 GLN A O   1 
ATOM   698  C  CB  . GLN A 1 102 ? -3.654  -14.278 0.249   1.00 120.64 ? 148 GLN A CB  1 
ATOM   699  N  N   . GLY A 1 103 ? -3.429  -14.241 -3.267  1.00 120.25 ? 149 GLY A N   1 
ATOM   700  C  CA  . GLY A 1 103 ? -2.532  -14.362 -4.395  1.00 119.32 ? 149 GLY A CA  1 
ATOM   701  C  C   . GLY A 1 103 ? -2.070  -13.052 -5.000  1.00 118.59 ? 149 GLY A C   1 
ATOM   702  O  O   . GLY A 1 103 ? -0.901  -12.931 -5.367  1.00 118.46 ? 149 GLY A O   1 
ATOM   703  N  N   . VAL A 1 104 ? -2.944  -12.068 -5.125  1.00 117.95 ? 150 VAL A N   1 
ATOM   704  C  CA  . VAL A 1 104 ? -2.609  -10.772 -5.696  1.00 117.21 ? 150 VAL A CA  1 
ATOM   705  C  C   . VAL A 1 104 ? -1.548  -10.029 -4.898  1.00 116.29 ? 150 VAL A C   1 
ATOM   706  O  O   . VAL A 1 104 ? -0.543  -9.578  -5.446  1.00 115.93 ? 150 VAL A O   1 
ATOM   707  C  CB  . VAL A 1 104 ? -3.871  -9.919  -5.811  1.00 117.63 ? 150 VAL A CB  1 
ATOM   708  N  N   . ILE A 1 105 ? -1.742  -9.912  -3.595  1.00 115.22 ? 151 ILE A N   1 
ATOM   709  C  CA  . ILE A 1 105 ? -0.820  -9.235  -2.695  1.00 114.30 ? 151 ILE A CA  1 
ATOM   710  C  C   . ILE A 1 105 ? 0.557   -9.867  -2.627  1.00 113.14 ? 151 ILE A C   1 
ATOM   711  O  O   . ILE A 1 105 ? 1.558   -9.142  -2.602  1.00 112.36 ? 151 ILE A O   1 
ATOM   712  C  CB  . ILE A 1 105 ? -1.443  -9.169  -1.287  1.00 114.54 ? 151 ILE A CB  1 
ATOM   713  C  CG1 . ILE A 1 105 ? -2.737  -8.342  -1.391  1.00 114.34 ? 151 ILE A CG1 1 
ATOM   714  C  CG2 . ILE A 1 105 ? -0.510  -8.588  -0.243  1.00 114.66 ? 151 ILE A CG2 1 
ATOM   715  C  CD1 . ILE A 1 105 ? -3.690  -8.673  -0.267  1.00 114.28 ? 151 ILE A CD1 1 
ATOM   716  N  N   . GLU A 1 106 ? 0.640   -11.192 -2.642  1.00 112.31 ? 152 GLU A N   1 
ATOM   717  C  CA  . GLU A 1 106 ? 1.956   -11.842 -2.623  1.00 111.74 ? 152 GLU A CA  1 
ATOM   718  C  C   . GLU A 1 106 ? 2.714   -11.492 -3.897  1.00 110.04 ? 152 GLU A C   1 
ATOM   719  O  O   . GLU A 1 106 ? 3.900   -11.159 -3.844  1.00 109.24 ? 152 GLU A O   1 
ATOM   720  C  CB  . GLU A 1 106 ? 1.820   -13.341 -2.380  1.00 113.24 ? 152 GLU A CB  1 
ATOM   721  C  CG  . GLU A 1 106 ? 1.466   -13.679 -0.936  1.00 114.59 ? 152 GLU A CG  1 
ATOM   722  C  CD  . GLU A 1 106 ? 0.909   -15.078 -0.758  1.00 115.40 ? 152 GLU A CD  1 
ATOM   723  O  OE1 . GLU A 1 106 ? 1.256   -15.984 -1.548  1.00 115.53 ? 152 GLU A OE1 1 
ATOM   724  O  OE2 . GLU A 1 106 ? 0.112   -15.268 0.192   1.00 115.90 ? 152 GLU A OE2 1 
ATOM   725  N  N   . SER A 1 107 ? 2.017   -11.500 -5.029  1.00 107.96 ? 153 SER A N   1 
ATOM   726  C  CA  . SER A 1 107 ? 2.581   -11.134 -6.317  1.00 106.50 ? 153 SER A CA  1 
ATOM   727  C  C   . SER A 1 107 ? 3.021   -9.670  -6.357  1.00 104.73 ? 153 SER A C   1 
ATOM   728  O  O   . SER A 1 107 ? 4.163   -9.378  -6.712  1.00 103.78 ? 153 SER A O   1 
ATOM   729  C  CB  . SER A 1 107 ? 1.584   -11.409 -7.436  1.00 106.97 ? 153 SER A CB  1 
ATOM   730  N  N   . MET A 1 108 ? 2.154   -8.753  -5.937  1.00 102.54 ? 154 MET A N   1 
ATOM   731  C  CA  . MET A 1 108 ? 2.461   -7.341  -5.856  1.00 100.13 ? 154 MET A CA  1 
ATOM   732  C  C   . MET A 1 108 ? 3.642   -6.960  -4.967  1.00 98.46  ? 154 MET A C   1 
ATOM   733  O  O   . MET A 1 108 ? 4.354   -6.020  -5.354  1.00 98.72  ? 154 MET A O   1 
ATOM   734  C  CB  . MET A 1 108 ? 1.247   -6.533  -5.369  1.00 99.53  ? 154 MET A CB  1 
ATOM   735  C  CG  . MET A 1 108 ? 0.663   -5.694  -6.480  1.00 99.07  ? 154 MET A CG  1 
ATOM   736  S  SD  . MET A 1 108 ? -0.497  -6.553  -7.536  1.00 98.50  ? 154 MET A SD  1 
ATOM   737  C  CE  . MET A 1 108 ? 0.133   -6.159  -9.159  1.00 98.38  ? 154 MET A CE  1 
ATOM   738  N  N   . ASN A 1 109 ? 3.836   -7.595  -3.815  1.00 95.72  ? 155 ASN A N   1 
ATOM   739  C  CA  . ASN A 1 109 ? 4.966   -7.209  -2.972  1.00 93.69  ? 155 ASN A CA  1 
ATOM   740  C  C   . ASN A 1 109 ? 6.285   -7.675  -3.554  1.00 92.55  ? 155 ASN A C   1 
ATOM   741  O  O   . ASN A 1 109 ? 7.134   -6.813  -3.756  1.00 92.10  ? 155 ASN A O   1 
ATOM   742  C  CB  . ASN A 1 109 ? 4.789   -7.623  -1.516  1.00 92.97  ? 155 ASN A CB  1 
ATOM   743  C  CG  . ASN A 1 109 ? 4.169   -6.507  -0.686  1.00 92.72  ? 155 ASN A CG  1 
ATOM   744  O  OD1 . ASN A 1 109 ? 2.951   -6.310  -0.669  1.00 91.81  ? 155 ASN A OD1 1 
ATOM   745  N  ND2 . ASN A 1 109 ? 5.016   -5.770  0.023   1.00 92.28  ? 155 ASN A ND2 1 
ATOM   746  N  N   . LYS A 1 110 ? 6.431   -8.939  -3.941  1.00 91.31  ? 156 LYS A N   1 
ATOM   747  C  CA  . LYS A 1 110 ? 7.662   -9.459  -4.514  1.00 89.33  ? 156 LYS A CA  1 
ATOM   748  C  C   . LYS A 1 110 ? 7.998   -8.753  -5.818  1.00 86.17  ? 156 LYS A C   1 
ATOM   749  O  O   . LYS A 1 110 ? 9.158   -8.455  -6.079  1.00 85.61  ? 156 LYS A O   1 
ATOM   750  C  CB  . LYS A 1 110 ? 7.645   -10.981 -4.698  1.00 91.96  ? 156 LYS A CB  1 
ATOM   751  C  CG  . LYS A 1 110 ? 8.574   -11.718 -3.738  1.00 93.20  ? 156 LYS A CG  1 
ATOM   752  C  CD  . LYS A 1 110 ? 10.039  -11.472 -4.084  1.00 94.18  ? 156 LYS A CD  1 
ATOM   753  C  CE  . LYS A 1 110 ? 10.957  -11.806 -2.919  1.00 95.02  ? 156 LYS A CE  1 
ATOM   754  N  NZ  . LYS A 1 110 ? 10.743  -13.198 -2.437  1.00 95.35  ? 156 LYS A NZ  1 
ATOM   755  N  N   . GLU A 1 111 ? 6.981   -8.411  -6.584  1.00 82.69  ? 157 GLU A N   1 
ATOM   756  C  CA  . GLU A 1 111 ? 7.126   -7.623  -7.792  1.00 80.25  ? 157 GLU A CA  1 
ATOM   757  C  C   . GLU A 1 111 ? 7.714   -6.241  -7.504  1.00 76.04  ? 157 GLU A C   1 
ATOM   758  O  O   . GLU A 1 111 ? 8.537   -5.700  -8.243  1.00 75.24  ? 157 GLU A O   1 
ATOM   759  C  CB  . GLU A 1 111 ? 5.731   -7.449  -8.416  1.00 83.04  ? 157 GLU A CB  1 
ATOM   760  C  CG  . GLU A 1 111 ? 5.794   -7.406  -9.935  1.00 86.48  ? 157 GLU A CG  1 
ATOM   761  C  CD  . GLU A 1 111 ? 4.735   -6.449  -10.450 1.00 89.00  ? 157 GLU A CD  1 
ATOM   762  O  OE1 . GLU A 1 111 ? 5.121   -5.292  -10.752 1.00 90.65  ? 157 GLU A OE1 1 
ATOM   763  O  OE2 . GLU A 1 111 ? 3.564   -6.888  -10.514 1.00 89.80  ? 157 GLU A OE2 1 
ATOM   764  N  N   . LEU A 1 112 ? 7.302   -5.642  -6.382  1.00 70.25  ? 158 LEU A N   1 
ATOM   765  C  CA  . LEU A 1 112 ? 7.761   -4.342  -5.955  1.00 64.52  ? 158 LEU A CA  1 
ATOM   766  C  C   . LEU A 1 112 ? 9.253   -4.347  -5.691  1.00 61.04  ? 158 LEU A C   1 
ATOM   767  O  O   . LEU A 1 112 ? 9.986   -3.478  -6.182  1.00 58.12  ? 158 LEU A O   1 
ATOM   768  C  CB  . LEU A 1 112 ? 7.012   -3.815  -4.709  1.00 62.70  ? 158 LEU A CB  1 
ATOM   769  C  CG  . LEU A 1 112 ? 7.223   -2.309  -4.460  1.00 60.41  ? 158 LEU A CG  1 
ATOM   770  C  CD1 . LEU A 1 112 ? 6.794   -1.484  -5.666  1.00 58.55  ? 158 LEU A CD1 1 
ATOM   771  C  CD2 . LEU A 1 112 ? 6.509   -1.913  -3.182  1.00 60.31  ? 158 LEU A CD2 1 
ATOM   772  N  N   . LYS A 1 113 ? 9.689   -5.368  -4.952  1.00 59.37  ? 159 LYS A N   1 
ATOM   773  C  CA  . LYS A 1 113 ? 11.129  -5.520  -4.694  1.00 58.90  ? 159 LYS A CA  1 
ATOM   774  C  C   . LYS A 1 113 ? 11.912  -5.807  -5.974  1.00 55.13  ? 159 LYS A C   1 
ATOM   775  O  O   . LYS A 1 113 ? 13.034  -5.325  -6.152  1.00 53.63  ? 159 LYS A O   1 
ATOM   776  C  CB  . LYS A 1 113 ? 11.389  -6.590  -3.639  1.00 62.19  ? 159 LYS A CB  1 
ATOM   777  C  CG  . LYS A 1 113 ? 11.740  -5.976  -2.279  1.00 65.30  ? 159 LYS A CG  1 
ATOM   778  C  CD  . LYS A 1 113 ? 11.383  -6.947  -1.160  1.00 67.22  ? 159 LYS A CD  1 
ATOM   779  C  CE  . LYS A 1 113 ? 12.095  -6.613  0.146   1.00 68.41  ? 159 LYS A CE  1 
ATOM   780  N  NZ  . LYS A 1 113 ? 11.604  -7.562  1.190   1.00 70.04  ? 159 LYS A NZ  1 
ATOM   781  N  N   . LYS A 1 114 ? 11.286  -6.481  -6.929  1.00 52.27  ? 160 LYS A N   1 
ATOM   782  C  CA  . LYS A 1 114 ? 11.911  -6.766  -8.203  1.00 52.27  ? 160 LYS A CA  1 
ATOM   783  C  C   . LYS A 1 114 ? 12.185  -5.435  -8.893  1.00 49.18  ? 160 LYS A C   1 
ATOM   784  O  O   . LYS A 1 114 ? 13.360  -5.038  -8.947  1.00 48.74  ? 160 LYS A O   1 
ATOM   785  C  CB  . LYS A 1 114 ? 11.107  -7.738  -9.076  1.00 54.50  ? 160 LYS A CB  1 
ATOM   786  C  CG  . LYS A 1 114 ? 11.883  -8.074  -10.349 1.00 58.06  ? 160 LYS A CG  1 
ATOM   787  C  CD  . LYS A 1 114 ? 11.030  -8.756  -11.396 1.00 61.39  ? 160 LYS A CD  1 
ATOM   788  C  CE  . LYS A 1 114 ? 11.918  -9.410  -12.469 1.00 63.83  ? 160 LYS A CE  1 
ATOM   789  N  NZ  . LYS A 1 114 ? 11.105  -10.501 -13.134 1.00 65.96  ? 160 LYS A NZ  1 
ATOM   790  N  N   . ILE A 1 115 ? 11.131  -4.672  -9.180  1.00 47.31  ? 161 ILE A N   1 
ATOM   791  C  CA  . ILE A 1 115 ? 11.275  -3.323  -9.742  1.00 45.33  ? 161 ILE A CA  1 
ATOM   792  C  C   . ILE A 1 115 ? 12.154  -2.446  -8.867  1.00 42.91  ? 161 ILE A C   1 
ATOM   793  O  O   . ILE A 1 115 ? 13.091  -1.762  -9.365  1.00 40.20  ? 161 ILE A O   1 
ATOM   794  C  CB  . ILE A 1 115 ? 9.913   -2.652  -9.977  1.00 48.42  ? 161 ILE A CB  1 
ATOM   795  C  CG1 . ILE A 1 115 ? 9.034   -3.498  -10.898 1.00 46.71  ? 161 ILE A CG1 1 
ATOM   796  C  CG2 . ILE A 1 115 ? 10.100  -1.250  -10.546 1.00 47.66  ? 161 ILE A CG2 1 
ATOM   797  C  CD1 . ILE A 1 115 ? 7.560   -3.327  -10.620 1.00 50.72  ? 161 ILE A CD1 1 
ATOM   798  N  N   . ILE A 1 116 ? 12.033  -2.561  -7.521  1.00 41.34  ? 162 ILE A N   1 
ATOM   799  C  CA  . ILE A 1 116 ? 13.003  -1.740  -6.765  1.00 42.66  ? 162 ILE A CA  1 
ATOM   800  C  C   . ILE A 1 116 ? 14.401  -2.161  -7.194  1.00 44.83  ? 162 ILE A C   1 
ATOM   801  O  O   . ILE A 1 116 ? 15.195  -1.281  -7.553  1.00 45.17  ? 162 ILE A O   1 
ATOM   802  C  CB  . ILE A 1 116 ? 12.878  -1.749  -5.252  1.00 42.96  ? 162 ILE A CB  1 
ATOM   803  C  CG1 . ILE A 1 116 ? 11.542  -1.131  -4.801  1.00 43.87  ? 162 ILE A CG1 1 
ATOM   804  C  CG2 . ILE A 1 116 ? 14.052  -1.036  -4.594  1.00 41.31  ? 162 ILE A CG2 1 
ATOM   805  C  CD1 . ILE A 1 116 ? 11.343  -1.155  -3.306  1.00 43.63  ? 162 ILE A CD1 1 
ATOM   806  N  N   . GLY A 1 117 ? 14.687  -3.488  -7.227  1.00 46.57  ? 163 GLY A N   1 
ATOM   807  C  CA  . GLY A 1 117 ? 16.006  -3.947  -7.634  1.00 45.58  ? 163 GLY A CA  1 
ATOM   808  C  C   . GLY A 1 117 ? 16.399  -3.421  -9.000  1.00 46.78  ? 163 GLY A C   1 
ATOM   809  O  O   . GLY A 1 117 ? 17.505  -2.911  -9.164  1.00 44.96  ? 163 GLY A O   1 
ATOM   810  N  N   . GLN A 1 118 ? 15.505  -3.489  -9.974  1.00 49.50  ? 164 GLN A N   1 
ATOM   811  C  CA  . GLN A 1 118 ? 15.829  -2.956  -11.288 1.00 55.69  ? 164 GLN A CA  1 
ATOM   812  C  C   . GLN A 1 118 ? 15.986  -1.450  -11.428 1.00 58.23  ? 164 GLN A C   1 
ATOM   813  O  O   . GLN A 1 118 ? 16.698  -1.061  -12.368 1.00 58.73  ? 164 GLN A O   1 
ATOM   814  C  CB  . GLN A 1 118 ? 14.688  -3.410  -12.213 1.00 58.21  ? 164 GLN A CB  1 
ATOM   815  C  CG  . GLN A 1 118 ? 14.700  -4.931  -12.308 1.00 61.50  ? 164 GLN A CG  1 
ATOM   816  C  CD  . GLN A 1 118 ? 13.404  -5.393  -12.937 1.00 64.77  ? 164 GLN A CD  1 
ATOM   817  O  OE1 . GLN A 1 118 ? 12.397  -4.677  -12.871 1.00 66.44  ? 164 GLN A OE1 1 
ATOM   818  N  NE2 . GLN A 1 118 ? 13.494  -6.568  -13.554 1.00 65.92  ? 164 GLN A NE2 1 
ATOM   819  N  N   . VAL A 1 119 ? 15.379  -0.582  -10.587 1.00 57.77  ? 165 VAL A N   1 
ATOM   820  C  CA  . VAL A 1 119 ? 15.601  0.854   -10.799 1.00 56.38  ? 165 VAL A CA  1 
ATOM   821  C  C   . VAL A 1 119 ? 16.566  1.392   -9.761  1.00 56.92  ? 165 VAL A C   1 
ATOM   822  O  O   . VAL A 1 119 ? 16.870  2.584   -9.773  1.00 56.60  ? 165 VAL A O   1 
ATOM   823  C  CB  . VAL A 1 119 ? 14.290  1.658   -10.778 1.00 56.72  ? 165 VAL A CB  1 
ATOM   824  C  CG1 . VAL A 1 119 ? 13.329  1.132   -11.838 1.00 55.81  ? 165 VAL A CG1 1 
ATOM   825  C  CG2 . VAL A 1 119 ? 13.573  1.671   -9.417  1.00 53.43  ? 165 VAL A CG2 1 
ATOM   826  N  N   . ARG A 1 120 ? 17.101  0.566   -8.864  1.00 57.45  ? 166 ARG A N   1 
ATOM   827  C  CA  . ARG A 1 120 ? 17.895  1.041   -7.734  1.00 58.48  ? 166 ARG A CA  1 
ATOM   828  C  C   . ARG A 1 120 ? 19.041  1.968   -8.087  1.00 60.24  ? 166 ARG A C   1 
ATOM   829  O  O   . ARG A 1 120 ? 19.346  2.871   -7.292  1.00 58.89  ? 166 ARG A O   1 
ATOM   830  C  CB  . ARG A 1 120 ? 18.372  -0.092  -6.824  1.00 57.38  ? 166 ARG A CB  1 
ATOM   831  C  CG  . ARG A 1 120 ? 19.109  0.308   -5.547  1.00 56.45  ? 166 ARG A CG  1 
ATOM   832  C  CD  . ARG A 1 120 ? 18.307  1.149   -4.599  1.00 55.23  ? 166 ARG A CD  1 
ATOM   833  N  NE  . ARG A 1 120 ? 18.847  1.706   -3.371  1.00 53.04  ? 166 ARG A NE  1 
ATOM   834  C  CZ  . ARG A 1 120 ? 19.409  2.885   -3.204  1.00 52.23  ? 166 ARG A CZ  1 
ATOM   835  N  NH1 . ARG A 1 120 ? 19.539  3.662   -4.281  1.00 53.44  ? 166 ARG A NH1 1 
ATOM   836  N  NH2 . ARG A 1 120 ? 19.849  3.354   -2.052  1.00 50.07  ? 166 ARG A NH2 1 
ATOM   837  N  N   . ASP A 1 121 ? 19.658  1.816   -9.248  1.00 62.91  ? 167 ASP A N   1 
ATOM   838  C  CA  . ASP A 1 121 ? 20.771  2.625   -9.708  1.00 65.22  ? 167 ASP A CA  1 
ATOM   839  C  C   . ASP A 1 121 ? 20.333  3.858   -10.487 1.00 66.34  ? 167 ASP A C   1 
ATOM   840  O  O   . ASP A 1 121 ? 21.150  4.567   -11.082 1.00 67.37  ? 167 ASP A O   1 
ATOM   841  C  CB  . ASP A 1 121 ? 21.688  1.814   -10.633 1.00 65.95  ? 167 ASP A CB  1 
ATOM   842  N  N   . GLN A 1 122 ? 19.029  4.140   -10.518 1.00 66.57  ? 168 GLN A N   1 
ATOM   843  C  CA  . GLN A 1 122 ? 18.508  5.319   -11.187 1.00 65.42  ? 168 GLN A CA  1 
ATOM   844  C  C   . GLN A 1 122 ? 18.364  6.437   -10.144 1.00 63.80  ? 168 GLN A C   1 
ATOM   845  O  O   . GLN A 1 122 ? 17.835  7.492   -10.468 1.00 63.26  ? 168 GLN A O   1 
ATOM   846  C  CB  . GLN A 1 122 ? 17.174  5.090   -11.886 1.00 66.37  ? 168 GLN A CB  1 
ATOM   847  C  CG  . GLN A 1 122 ? 17.238  4.637   -13.322 1.00 68.37  ? 168 GLN A CG  1 
ATOM   848  C  CD  . GLN A 1 122 ? 16.136  4.931   -14.289 1.00 68.19  ? 168 GLN A CD  1 
ATOM   849  O  OE1 . GLN A 1 122 ? 15.998  5.961   -14.930 1.00 67.13  ? 168 GLN A OE1 1 
ATOM   850  N  NE2 . GLN A 1 122 ? 15.226  4.006   -14.637 1.00 70.41  ? 168 GLN A NE2 1 
ATOM   851  N  N   . ALA A 1 123 ? 18.815  6.202   -8.917  1.00 61.80  ? 169 ALA A N   1 
ATOM   852  C  CA  . ALA A 1 123 ? 18.658  7.167   -7.843  1.00 60.75  ? 169 ALA A CA  1 
ATOM   853  C  C   . ALA A 1 123 ? 19.643  6.939   -6.704  1.00 59.77  ? 169 ALA A C   1 
ATOM   854  O  O   . ALA A 1 123 ? 19.917  5.793   -6.352  1.00 57.81  ? 169 ALA A O   1 
ATOM   855  C  CB  . ALA A 1 123 ? 17.237  7.037   -7.280  1.00 59.52  ? 169 ALA A CB  1 
ATOM   856  N  N   . GLU A 1 124 ? 20.029  8.016   -6.029  1.00 59.62  ? 170 GLU A N   1 
ATOM   857  C  CA  . GLU A 1 124 ? 20.876  7.836   -4.858  1.00 61.67  ? 170 GLU A CA  1 
ATOM   858  C  C   . GLU A 1 124 ? 20.150  7.168   -3.696  1.00 60.48  ? 170 GLU A C   1 
ATOM   859  O  O   . GLU A 1 124 ? 20.575  6.097   -3.244  1.00 62.35  ? 170 GLU A O   1 
ATOM   860  C  CB  . GLU A 1 124 ? 21.423  9.185   -4.382  1.00 64.92  ? 170 GLU A CB  1 
ATOM   861  C  CG  . GLU A 1 124 ? 22.628  9.026   -3.468  1.00 69.31  ? 170 GLU A CG  1 
ATOM   862  C  CD  . GLU A 1 124 ? 23.400  10.319  -3.292  1.00 72.11  ? 170 GLU A CD  1 
ATOM   863  O  OE1 . GLU A 1 124 ? 24.313  10.305  -2.425  1.00 74.30  ? 170 GLU A OE1 1 
ATOM   864  O  OE2 . GLU A 1 124 ? 23.124  11.315  -3.997  1.00 72.33  ? 170 GLU A OE2 1 
ATOM   865  N  N   . HIS A 1 125 ? 19.053  7.741   -3.187  1.00 56.55  ? 171 HIS A N   1 
ATOM   866  C  CA  . HIS A 1 125 ? 18.412  7.107   -2.042  1.00 52.57  ? 171 HIS A CA  1 
ATOM   867  C  C   . HIS A 1 125 ? 17.348  6.089   -2.366  1.00 47.62  ? 171 HIS A C   1 
ATOM   868  O  O   . HIS A 1 125 ? 16.621  6.116   -3.338  1.00 45.22  ? 171 HIS A O   1 
ATOM   869  C  CB  . HIS A 1 125 ? 17.863  8.162   -1.067  1.00 55.82  ? 171 HIS A CB  1 
ATOM   870  C  CG  . HIS A 1 125 ? 18.763  9.352   -0.968  1.00 59.66  ? 171 HIS A CG  1 
ATOM   871  N  ND1 . HIS A 1 125 ? 19.955  9.364   -0.268  1.00 61.45  ? 171 HIS A ND1 1 
ATOM   872  C  CD2 . HIS A 1 125 ? 18.669  10.557  -1.573  1.00 61.49  ? 171 HIS A CD2 1 
ATOM   873  C  CE1 . HIS A 1 125 ? 20.517  10.545  -0.386  1.00 62.48  ? 171 HIS A CE1 1 
ATOM   874  N  NE2 . HIS A 1 125 ? 19.753  11.294  -1.178  1.00 62.91  ? 171 HIS A NE2 1 
ATOM   875  N  N   . LEU A 1 126 ? 17.199  5.148   -1.430  1.00 43.17  ? 172 LEU A N   1 
ATOM   876  C  CA  . LEU A 1 126 ? 16.174  4.131   -1.534  1.00 42.06  ? 172 LEU A CA  1 
ATOM   877  C  C   . LEU A 1 126 ? 14.786  4.763   -1.732  1.00 40.66  ? 172 LEU A C   1 
ATOM   878  O  O   . LEU A 1 126 ? 13.930  4.247   -2.464  1.00 39.44  ? 172 LEU A O   1 
ATOM   879  C  CB  . LEU A 1 126 ? 16.195  3.260   -0.257  1.00 40.79  ? 172 LEU A CB  1 
ATOM   880  C  CG  . LEU A 1 126 ? 15.187  2.115   -0.263  1.00 39.79  ? 172 LEU A CG  1 
ATOM   881  C  CD1 . LEU A 1 126 ? 15.341  1.267   -1.512  1.00 38.72  ? 172 LEU A CD1 1 
ATOM   882  C  CD2 . LEU A 1 126 ? 15.242  1.235   0.974   1.00 39.62  ? 172 LEU A CD2 1 
ATOM   883  N  N   . LYS A 1 127 ? 14.500  5.835   -1.000  1.00 38.85  ? 173 LYS A N   1 
ATOM   884  C  CA  . LYS A 1 127 ? 13.159  6.423   -0.990  1.00 39.16  ? 173 LYS A CA  1 
ATOM   885  C  C   . LYS A 1 127 ? 12.765  6.886   -2.377  1.00 34.35  ? 173 LYS A C   1 
ATOM   886  O  O   . LYS A 1 127 ? 11.622  6.665   -2.745  1.00 35.42  ? 173 LYS A O   1 
ATOM   887  C  CB  . LYS A 1 127 ? 13.086  7.464   0.137   1.00 41.78  ? 173 LYS A CB  1 
ATOM   888  C  CG  . LYS A 1 127 ? 13.842  8.731   -0.217  1.00 45.94  ? 173 LYS A CG  1 
ATOM   889  C  CD  . LYS A 1 127 ? 13.836  9.812   0.848   1.00 49.45  ? 173 LYS A CD  1 
ATOM   890  C  CE  . LYS A 1 127 ? 12.431  10.067  1.392   1.00 52.02  ? 173 LYS A CE  1 
ATOM   891  N  NZ  . LYS A 1 127 ? 12.272  11.457  1.948   1.00 55.46  ? 173 LYS A NZ  1 
ATOM   892  N  N   . THR A 1 128 ? 13.598  7.437   -3.214  1.00 31.88  ? 174 THR A N   1 
ATOM   893  C  CA  . THR A 1 128 ? 13.369  7.789   -4.589  1.00 32.19  ? 174 THR A CA  1 
ATOM   894  C  C   . THR A 1 128 ? 13.136  6.529   -5.431  1.00 31.88  ? 174 THR A C   1 
ATOM   895  O  O   . THR A 1 128 ? 12.168  6.459   -6.213  1.00 29.61  ? 174 THR A O   1 
ATOM   896  C  CB  . THR A 1 128 ? 14.553  8.545   -5.230  1.00 29.86  ? 174 THR A CB  1 
ATOM   897  O  OG1 . THR A 1 128 ? 14.823  9.620   -4.373  1.00 30.55  ? 174 THR A OG1 1 
ATOM   898  C  CG2 . THR A 1 128 ? 14.313  9.186   -6.591  1.00 27.08  ? 174 THR A CG2 1 
ATOM   899  N  N   . ALA A 1 129 ? 13.993  5.529   -5.178  1.00 31.40  ? 175 ALA A N   1 
ATOM   900  C  CA  . ALA A 1 129 ? 13.878  4.260   -5.938  1.00 32.06  ? 175 ALA A CA  1 
ATOM   901  C  C   . ALA A 1 129 ? 12.544  3.592   -5.704  1.00 29.00  ? 175 ALA A C   1 
ATOM   902  O  O   . ALA A 1 129 ? 11.846  3.168   -6.612  1.00 30.47  ? 175 ALA A O   1 
ATOM   903  C  CB  . ALA A 1 129 ? 15.059  3.316   -5.600  1.00 33.61  ? 175 ALA A CB  1 
ATOM   904  N  N   . VAL A 1 130 ? 12.037  3.587   -4.494  1.00 29.36  ? 176 VAL A N   1 
ATOM   905  C  CA  . VAL A 1 130 ? 10.707  3.070   -4.165  1.00 29.58  ? 176 VAL A CA  1 
ATOM   906  C  C   . VAL A 1 130 ? 9.620   3.778   -4.940  1.00 30.18  ? 176 VAL A C   1 
ATOM   907  O  O   . VAL A 1 130 ? 8.775   3.147   -5.575  1.00 30.56  ? 176 VAL A O   1 
ATOM   908  C  CB  . VAL A 1 130 ? 10.458  3.259   -2.640  1.00 30.73  ? 176 VAL A CB  1 
ATOM   909  C  CG1 . VAL A 1 130 ? 9.046   2.846   -2.215  1.00 24.49  ? 176 VAL A CG1 1 
ATOM   910  C  CG2 . VAL A 1 130 ? 11.572  2.454   -1.933  1.00 29.14  ? 176 VAL A CG2 1 
ATOM   911  N  N   . GLN A 1 131 ? 9.666   5.133   -4.947  1.00 28.73  ? 177 GLN A N   1 
ATOM   912  C  CA  . GLN A 1 131 ? 8.684   5.881   -5.713  1.00 25.75  ? 177 GLN A CA  1 
ATOM   913  C  C   . GLN A 1 131 ? 8.815   5.644   -7.191  1.00 24.13  ? 177 GLN A C   1 
ATOM   914  O  O   . GLN A 1 131 ? 7.815   5.551   -7.909  1.00 20.59  ? 177 GLN A O   1 
ATOM   915  C  CB  . GLN A 1 131 ? 8.808   7.381   -5.345  1.00 28.71  ? 177 GLN A CB  1 
ATOM   916  C  CG  . GLN A 1 131 ? 8.472   7.785   -3.933  1.00 24.69  ? 177 GLN A CG  1 
ATOM   917  C  CD  . GLN A 1 131 ? 7.347   6.996   -3.325  1.00 26.16  ? 177 GLN A CD  1 
ATOM   918  O  OE1 . GLN A 1 131 ? 6.328   6.627   -3.918  1.00 27.30  ? 177 GLN A OE1 1 
ATOM   919  N  NE2 . GLN A 1 131 ? 7.528   6.688   -2.054  1.00 26.39  ? 177 GLN A NE2 1 
ATOM   920  N  N   . MET A 1 132 ? 10.039  5.533   -7.707  1.00 26.31  ? 178 MET A N   1 
ATOM   921  C  CA  . MET A 1 132 ? 10.165  5.129   -9.147  1.00 27.47  ? 178 MET A CA  1 
ATOM   922  C  C   . MET A 1 132 ? 9.569   3.765   -9.425  1.00 25.50  ? 178 MET A C   1 
ATOM   923  O  O   . MET A 1 132 ? 8.786   3.645   -10.378 1.00 25.01  ? 178 MET A O   1 
ATOM   924  C  CB  . MET A 1 132 ? 11.625  5.076   -9.554  1.00 29.81  ? 178 MET A CB  1 
ATOM   925  C  CG  . MET A 1 132 ? 12.340  6.406   -9.541  1.00 30.33  ? 178 MET A CG  1 
ATOM   926  S  SD  . MET A 1 132 ? 14.100  6.235   -9.855  1.00 31.42  ? 178 MET A SD  1 
ATOM   927  C  CE  . MET A 1 132 ? 14.555  7.929   -10.208 1.00 37.65  ? 178 MET A CE  1 
ATOM   928  N  N   . ALA A 1 133 ? 9.581   2.847   -8.444  1.00 26.53  ? 179 ALA A N   1 
ATOM   929  C  CA  . ALA A 1 133 ? 9.038   1.494   -8.665  1.00 25.04  ? 179 ALA A CA  1 
ATOM   930  C  C   . ALA A 1 133 ? 7.553   1.483   -8.509  1.00 26.96  ? 179 ALA A C   1 
ATOM   931  O  O   . ALA A 1 133 ? 6.815   0.721   -9.177  1.00 28.77  ? 179 ALA A O   1 
ATOM   932  C  CB  . ALA A 1 133 ? 9.658   0.535   -7.627  1.00 25.65  ? 179 ALA A CB  1 
ATOM   933  N  N   . VAL A 1 134 ? 7.082   2.364   -7.570  1.00 25.82  ? 180 VAL A N   1 
ATOM   934  C  CA  . VAL A 1 134 ? 5.635   2.528   -7.459  1.00 24.62  ? 180 VAL A CA  1 
ATOM   935  C  C   . VAL A 1 134 ? 5.069   3.011   -8.791  1.00 24.25  ? 180 VAL A C   1 
ATOM   936  O  O   . VAL A 1 134 ? 4.105   2.452   -9.276  1.00 26.83  ? 180 VAL A O   1 
ATOM   937  C  CB  . VAL A 1 134 ? 5.172   3.496   -6.334  1.00 23.59  ? 180 VAL A CB  1 
ATOM   938  C  CG1 . VAL A 1 134 ? 3.691   3.820   -6.435  1.00 19.87  ? 180 VAL A CG1 1 
ATOM   939  C  CG2 . VAL A 1 134 ? 5.500   2.836   -4.994  1.00 23.73  ? 180 VAL A CG2 1 
ATOM   940  N  N   . PHE A 1 135 ? 5.669   4.020   -9.372  1.00 26.02  ? 181 PHE A N   1 
ATOM   941  C  CA  . PHE A 1 135 ? 5.282   4.576   -10.646 1.00 28.17  ? 181 PHE A CA  1 
ATOM   942  C  C   . PHE A 1 135 ? 5.302   3.504   -11.734 1.00 28.72  ? 181 PHE A C   1 
ATOM   943  O  O   . PHE A 1 135 ? 4.299   3.328   -12.435 1.00 27.31  ? 181 PHE A O   1 
ATOM   944  C  CB  . PHE A 1 135 ? 6.254   5.698   -10.943 1.00 28.73  ? 181 PHE A CB  1 
ATOM   945  C  CG  . PHE A 1 135 ? 6.160   6.405   -12.261 1.00 31.82  ? 181 PHE A CG  1 
ATOM   946  C  CD1 . PHE A 1 135 ? 6.615   5.820   -13.436 1.00 32.22  ? 181 PHE A CD1 1 
ATOM   947  C  CD2 . PHE A 1 135 ? 5.694   7.741   -12.300 1.00 32.30  ? 181 PHE A CD2 1 
ATOM   948  C  CE1 . PHE A 1 135 ? 6.579   6.481   -14.645 1.00 32.95  ? 181 PHE A CE1 1 
ATOM   949  C  CE2 . PHE A 1 135 ? 5.665   8.406   -13.503 1.00 32.97  ? 181 PHE A CE2 1 
ATOM   950  C  CZ  . PHE A 1 135 ? 6.095   7.776   -14.672 1.00 34.51  ? 181 PHE A CZ  1 
ATOM   951  N  N   . ILE A 1 136 ? 6.464   2.872   -11.918 1.00 29.47  ? 182 ILE A N   1 
ATOM   952  C  CA  . ILE A 1 136 ? 6.557   1.775   -12.887 1.00 31.14  ? 182 ILE A CA  1 
ATOM   953  C  C   . ILE A 1 136 ? 5.478   0.762   -12.670 1.00 29.75  ? 182 ILE A C   1 
ATOM   954  O  O   . ILE A 1 136 ? 4.666   0.478   -13.547 1.00 30.92  ? 182 ILE A O   1 
ATOM   955  C  CB  . ILE A 1 136 ? 7.957   1.097   -12.909 1.00 31.61  ? 182 ILE A CB  1 
ATOM   956  C  CG1 . ILE A 1 136 ? 8.873   2.062   -13.681 1.00 28.86  ? 182 ILE A CG1 1 
ATOM   957  C  CG2 . ILE A 1 136 ? 7.935   -0.273  -13.646 1.00 31.74  ? 182 ILE A CG2 1 
ATOM   958  C  CD1 . ILE A 1 136 ? 10.285  2.001   -13.134 1.00 33.28  ? 182 ILE A CD1 1 
ATOM   959  N  N   . HIS A 1 137 ? 5.291   0.329   -11.413 1.00 32.16  ? 183 HIS A N   1 
ATOM   960  C  CA  . HIS A 1 137 ? 4.234   -0.690  -11.233 1.00 31.59  ? 183 HIS A CA  1 
ATOM   961  C  C   . HIS A 1 137 ? 2.859   -0.233  -11.585 1.00 33.73  ? 183 HIS A C   1 
ATOM   962  O  O   . HIS A 1 137 ? 2.018   -1.044  -12.025 1.00 33.97  ? 183 HIS A O   1 
ATOM   963  C  CB  . HIS A 1 137 ? 4.365   -1.126  -9.738  1.00 33.00  ? 183 HIS A CB  1 
ATOM   964  C  CG  . HIS A 1 137 ? 3.243   -2.080  -9.463  1.00 35.45  ? 183 HIS A CG  1 
ATOM   965  N  ND1 . HIS A 1 137 ? 2.004   -1.685  -9.106  1.00 37.08  ? 183 HIS A ND1 1 
ATOM   966  C  CD2 . HIS A 1 137 ? 3.204   -3.443  -9.582  1.00 36.01  ? 183 HIS A CD2 1 
ATOM   967  C  CE1 . HIS A 1 137 ? 1.187   -2.727  -8.958  1.00 38.24  ? 183 HIS A CE1 1 
ATOM   968  N  NE2 . HIS A 1 137 ? 1.926   -3.808  -9.252  1.00 39.98  ? 183 HIS A NE2 1 
ATOM   969  N  N   . ASN A 1 138 ? 2.449   1.025   -11.226 1.00 32.06  ? 184 ASN A N   1 
ATOM   970  C  CA  . ASN A 1 138 ? 1.018   1.366   -11.403 1.00 31.46  ? 184 ASN A CA  1 
ATOM   971  C  C   . ASN A 1 138 ? 0.660   1.609   -12.861 1.00 30.70  ? 184 ASN A C   1 
ATOM   972  O  O   . ASN A 1 138 ? -0.519  1.501   -13.221 1.00 31.73  ? 184 ASN A O   1 
ATOM   973  C  CB  . ASN A 1 138 ? 0.621   2.623   -10.553 1.00 28.29  ? 184 ASN A CB  1 
ATOM   974  C  CG  . ASN A 1 138 ? 0.598   2.280   -9.071  1.00 30.05  ? 184 ASN A CG  1 
ATOM   975  O  OD1 . ASN A 1 138 ? 0.349   1.115   -8.628  1.00 30.49  ? 184 ASN A OD1 1 
ATOM   976  N  ND2 . ASN A 1 138 ? 0.892   3.287   -8.242  1.00 28.17  ? 184 ASN A ND2 1 
ATOM   977  N  N   . LYS A 1 139 ? 1.609   1.993   -13.672 1.00 34.93  ? 185 LYS A N   1 
ATOM   978  C  CA  . LYS A 1 139 ? 1.446   2.261   -15.095 1.00 42.26  ? 185 LYS A CA  1 
ATOM   979  C  C   . LYS A 1 139 ? 1.562   1.088   -16.069 1.00 46.76  ? 185 LYS A C   1 
ATOM   980  O  O   . LYS A 1 139 ? 0.954   1.106   -17.135 1.00 46.02  ? 185 LYS A O   1 
ATOM   981  C  CB  . LYS A 1 139 ? 2.459   3.355   -15.482 1.00 40.70  ? 185 LYS A CB  1 
ATOM   982  C  CG  . LYS A 1 139 ? 1.873   4.727   -15.023 1.00 42.35  ? 185 LYS A CG  1 
ATOM   983  C  CD  . LYS A 1 139 ? 2.736   5.819   -15.603 1.00 44.21  ? 185 LYS A CD  1 
ATOM   984  C  CE  . LYS A 1 139 ? 2.559   7.159   -14.902 1.00 45.36  ? 185 LYS A CE  1 
ATOM   985  N  NZ  . LYS A 1 139 ? 1.337   7.867   -15.368 1.00 44.65  ? 185 LYS A NZ  1 
ATOM   986  N  N   . LYS A 1 140 ? 2.385   0.085   -15.810 1.00 52.39  ? 186 LYS A N   1 
ATOM   987  C  CA  . LYS A 1 140 ? 2.542   -1.118  -16.608 1.00 57.23  ? 186 LYS A CA  1 
ATOM   988  C  C   . LYS A 1 140 ? 1.216   -1.790  -16.943 1.00 60.12  ? 186 LYS A C   1 
ATOM   989  O  O   . LYS A 1 140 ? 0.513   -2.345  -16.100 1.00 58.06  ? 186 LYS A O   1 
ATOM   990  C  CB  . LYS A 1 140 ? 3.395   -2.133  -15.837 1.00 57.73  ? 186 LYS A CB  1 
ATOM   991  C  CG  . LYS A 1 140 ? 4.375   -2.978  -16.603 1.00 58.77  ? 186 LYS A CG  1 
ATOM   992  C  CD  . LYS A 1 140 ? 5.298   -3.816  -15.700 1.00 57.30  ? 186 LYS A CD  1 
ATOM   993  C  CE  . LYS A 1 140 ? 6.741   -3.380  -15.941 1.00 56.38  ? 186 LYS A CE  1 
ATOM   994  N  NZ  . LYS A 1 140 ? 7.684   -3.847  -14.881 1.00 54.74  ? 186 LYS A NZ  1 
ATOM   995  N  N   . ARG A 1 141 ? 0.867   -1.768  -18.227 1.00 65.65  ? 187 ARG A N   1 
ATOM   996  C  CA  . ARG A 1 141 ? -0.344  -2.484  -18.670 1.00 71.30  ? 187 ARG A CA  1 
ATOM   997  C  C   . ARG A 1 141 ? -0.085  -3.988  -18.600 1.00 72.81  ? 187 ARG A C   1 
ATOM   998  O  O   . ARG A 1 141 ? 1.029   -4.463  -18.780 1.00 71.53  ? 187 ARG A O   1 
ATOM   999  C  CB  . ARG A 1 141 ? -0.782  -1.978  -20.029 1.00 72.77  ? 187 ARG A CB  1 
ATOM   1000 C  CG  . ARG A 1 141 ? -1.176  -0.487  -19.947 1.00 75.58  ? 187 ARG A CG  1 
ATOM   1001 C  CD  . ARG A 1 141 ? -1.932  -0.140  -21.198 1.00 77.46  ? 187 ARG A CD  1 
ATOM   1002 N  NE  . ARG A 1 141 ? -2.757  1.015   -21.269 1.00 79.78  ? 187 ARG A NE  1 
ATOM   1003 C  CZ  . ARG A 1 141 ? -2.434  2.290   -21.441 1.00 81.90  ? 187 ARG A CZ  1 
ATOM   1004 N  NH1 . ARG A 1 141 ? -1.171  2.682   -21.529 1.00 81.86  ? 187 ARG A NH1 1 
ATOM   1005 N  NH2 . ARG A 1 141 ? -3.428  3.189   -21.511 1.00 81.91  ? 187 ARG A NH2 1 
ATOM   1006 N  N   . LYS A 1 142 ? -1.077  -4.734  -18.134 1.00 76.49  ? 188 LYS A N   1 
ATOM   1007 C  CA  . LYS A 1 142 ? -1.010  -6.167  -17.937 1.00 80.32  ? 188 LYS A CA  1 
ATOM   1008 C  C   . LYS A 1 142 ? -2.106  -6.902  -18.702 1.00 82.43  ? 188 LYS A C   1 
ATOM   1009 O  O   . LYS A 1 142 ? -3.203  -7.140  -18.199 1.00 82.38  ? 188 LYS A O   1 
ATOM   1010 C  CB  . LYS A 1 142 ? -1.099  -6.524  -16.448 1.00 81.71  ? 188 LYS A CB  1 
ATOM   1011 C  CG  . LYS A 1 142 ? -0.175  -5.751  -15.530 1.00 82.63  ? 188 LYS A CG  1 
ATOM   1012 C  CD  . LYS A 1 142 ? 0.153   -6.423  -14.217 1.00 83.47  ? 188 LYS A CD  1 
ATOM   1013 C  CE  . LYS A 1 142 ? 1.333   -5.726  -13.548 1.00 83.99  ? 188 LYS A CE  1 
ATOM   1014 N  NZ  . LYS A 1 142 ? 1.729   -6.308  -12.235 1.00 83.97  ? 188 LYS A NZ  1 
ATOM   1015 N  N   . GLY A 1 143 ? -1.814  -7.231  -19.963 1.00 84.50  ? 189 GLY A N   1 
ATOM   1016 C  CA  . GLY A 1 143 ? -2.732  -7.961  -20.829 1.00 84.94  ? 189 GLY A CA  1 
ATOM   1017 C  C   . GLY A 1 143 ? -2.243  -8.060  -22.267 1.00 85.11  ? 189 GLY A C   1 
ATOM   1018 O  O   . GLY A 1 143 ? -1.033  -8.223  -22.521 1.00 84.73  ? 189 GLY A O   1 
ATOM   1019 N  N   . GLY A 1 147 ? -5.766  -5.211  -21.870 1.00 68.82  ? 193 GLY A N   1 
ATOM   1020 C  CA  . GLY A 1 147 ? -4.834  -5.292  -20.699 1.00 69.75  ? 193 GLY A CA  1 
ATOM   1021 C  C   . GLY A 1 147 ? -4.550  -3.908  -20.131 1.00 69.52  ? 193 GLY A C   1 
ATOM   1022 O  O   . GLY A 1 147 ? -3.739  -3.146  -20.661 1.00 71.00  ? 193 GLY A O   1 
ATOM   1023 N  N   . TYR A 1 148 ? -5.252  -3.539  -19.066 1.00 68.18  ? 194 TYR A N   1 
ATOM   1024 C  CA  . TYR A 1 148 ? -5.065  -2.229  -18.455 1.00 65.60  ? 194 TYR A CA  1 
ATOM   1025 C  C   . TYR A 1 148 ? -4.004  -2.281  -17.371 1.00 60.20  ? 194 TYR A C   1 
ATOM   1026 O  O   . TYR A 1 148 ? -3.418  -3.319  -17.066 1.00 58.64  ? 194 TYR A O   1 
ATOM   1027 C  CB  . TYR A 1 148 ? -6.395  -1.694  -17.902 1.00 70.37  ? 194 TYR A CB  1 
ATOM   1028 C  CG  . TYR A 1 148 ? -7.389  -1.469  -19.025 1.00 74.76  ? 194 TYR A CG  1 
ATOM   1029 C  CD1 . TYR A 1 148 ? -8.232  -2.507  -19.408 1.00 76.74  ? 194 TYR A CD1 1 
ATOM   1030 C  CD2 . TYR A 1 148 ? -7.457  -0.277  -19.729 1.00 76.28  ? 194 TYR A CD2 1 
ATOM   1031 C  CE1 . TYR A 1 148 ? -9.135  -2.345  -20.440 1.00 78.88  ? 194 TYR A CE1 1 
ATOM   1032 C  CE2 . TYR A 1 148 ? -8.354  -0.101  -20.760 1.00 78.46  ? 194 TYR A CE2 1 
ATOM   1033 C  CZ  . TYR A 1 148 ? -9.195  -1.141  -21.115 1.00 79.84  ? 194 TYR A CZ  1 
ATOM   1034 O  OH  . TYR A 1 148 ? -10.104 -1.049  -22.155 1.00 80.67  ? 194 TYR A OH  1 
ATOM   1035 N  N   . SER A 1 149 ? -3.616  -1.099  -16.902 1.00 53.41  ? 195 SER A N   1 
ATOM   1036 C  CA  . SER A 1 149 ? -2.681  -1.009  -15.779 1.00 46.87  ? 195 SER A CA  1 
ATOM   1037 C  C   . SER A 1 149 ? -3.465  -1.056  -14.481 1.00 43.02  ? 195 SER A C   1 
ATOM   1038 O  O   . SER A 1 149 ? -4.672  -0.772  -14.454 1.00 40.99  ? 195 SER A O   1 
ATOM   1039 C  CB  . SER A 1 149 ? -1.928  0.329   -15.873 1.00 45.87  ? 195 SER A CB  1 
ATOM   1040 O  OG  . SER A 1 149 ? -2.883  1.348   -15.592 1.00 45.59  ? 195 SER A OG  1 
ATOM   1041 N  N   . ALA A 1 150 ? -2.781  -1.313  -13.370 1.00 40.05  ? 196 ALA A N   1 
ATOM   1042 C  CA  . ALA A 1 150 ? -3.401  -1.189  -12.048 1.00 37.36  ? 196 ALA A CA  1 
ATOM   1043 C  C   . ALA A 1 150 ? -4.002  0.209   -11.815 1.00 37.01  ? 196 ALA A C   1 
ATOM   1044 O  O   . ALA A 1 150 ? -5.131  0.358   -11.293 1.00 35.54  ? 196 ALA A O   1 
ATOM   1045 C  CB  . ALA A 1 150 ? -2.310  -1.439  -11.007 1.00 36.96  ? 196 ALA A CB  1 
ATOM   1046 N  N   . GLY A 1 151 ? -3.296  1.269   -12.216 1.00 35.10  ? 197 GLY A N   1 
ATOM   1047 C  CA  . GLY A 1 151 ? -3.817  2.605   -12.033 1.00 38.08  ? 197 GLY A CA  1 
ATOM   1048 C  C   . GLY A 1 151 ? -5.086  2.870   -12.841 1.00 39.61  ? 197 GLY A C   1 
ATOM   1049 O  O   . GLY A 1 151 ? -6.036  3.464   -12.308 1.00 37.66  ? 197 GLY A O   1 
ATOM   1050 N  N   . GLU A 1 152 ? -5.150  2.338   -14.062 1.00 42.64  ? 198 GLU A N   1 
ATOM   1051 C  CA  . GLU A 1 152 ? -6.405  2.363   -14.828 1.00 43.68  ? 198 GLU A CA  1 
ATOM   1052 C  C   . GLU A 1 152 ? -7.479  1.514   -14.186 1.00 42.82  ? 198 GLU A C   1 
ATOM   1053 O  O   . GLU A 1 152 ? -8.631  1.965   -14.133 1.00 42.52  ? 198 GLU A O   1 
ATOM   1054 C  CB  . GLU A 1 152 ? -6.154  1.913   -16.281 1.00 45.46  ? 198 GLU A CB  1 
ATOM   1055 C  CG  . GLU A 1 152 ? -5.355  2.922   -17.088 1.00 46.29  ? 198 GLU A CG  1 
ATOM   1056 C  CD  . GLU A 1 152 ? -4.704  2.364   -18.343 1.00 46.58  ? 198 GLU A CD  1 
ATOM   1057 O  OE1 . GLU A 1 152 ? -4.378  1.173   -18.429 1.00 44.16  ? 198 GLU A OE1 1 
ATOM   1058 O  OE2 . GLU A 1 152 ? -4.507  3.188   -19.276 1.00 47.43  ? 198 GLU A OE2 1 
ATOM   1059 N  N   . ARG A 1 153 ? -7.168  0.303   -13.707 1.00 44.13  ? 199 ARG A N   1 
ATOM   1060 C  CA  . ARG A 1 153 ? -8.181  -0.521  -13.047 1.00 44.27  ? 199 ARG A CA  1 
ATOM   1061 C  C   . ARG A 1 153 ? -8.694  0.171   -11.786 1.00 43.20  ? 199 ARG A C   1 
ATOM   1062 O  O   . ARG A 1 153 ? -9.915  0.220   -11.586 1.00 42.62  ? 199 ARG A O   1 
ATOM   1063 C  CB  . ARG A 1 153 ? -7.662  -1.886  -12.599 1.00 47.41  ? 199 ARG A CB  1 
ATOM   1064 C  CG  . ARG A 1 153 ? -7.147  -2.800  -13.690 1.00 52.26  ? 199 ARG A CG  1 
ATOM   1065 C  CD  . ARG A 1 153 ? -7.000  -4.240  -13.253 1.00 54.10  ? 199 ARG A CD  1 
ATOM   1066 N  NE  . ARG A 1 153 ? -5.766  -4.551  -12.537 1.00 55.48  ? 199 ARG A NE  1 
ATOM   1067 C  CZ  . ARG A 1 153 ? -4.568  -4.512  -13.111 1.00 55.34  ? 199 ARG A CZ  1 
ATOM   1068 N  NH1 . ARG A 1 153 ? -4.476  -4.177  -14.384 1.00 54.72  ? 199 ARG A NH1 1 
ATOM   1069 N  NH2 . ARG A 1 153 ? -3.491  -4.818  -12.413 1.00 55.55  ? 199 ARG A NH2 1 
ATOM   1070 N  N   . ILE A 1 154 ? -7.781  0.701   -10.923 1.00 41.53  ? 200 ILE A N   1 
ATOM   1071 C  CA  . ILE A 1 154 ? -8.363  1.321   -9.719  1.00 39.73  ? 200 ILE A CA  1 
ATOM   1072 C  C   . ILE A 1 154 ? -9.292  2.460   -10.109 1.00 38.91  ? 200 ILE A C   1 
ATOM   1073 O  O   . ILE A 1 154 ? -10.390 2.496   -9.555  1.00 38.27  ? 200 ILE A O   1 
ATOM   1074 C  CB  . ILE A 1 154 ? -7.351  1.688   -8.643  1.00 38.60  ? 200 ILE A CB  1 
ATOM   1075 C  CG1 . ILE A 1 154 ? -8.045  2.016   -7.312  1.00 36.97  ? 200 ILE A CG1 1 
ATOM   1076 C  CG2 . ILE A 1 154 ? -6.446  2.842   -9.090  1.00 38.94  ? 200 ILE A CG2 1 
ATOM   1077 C  CD1 . ILE A 1 154 ? -7.148  2.359   -6.148  1.00 33.24  ? 200 ILE A CD1 1 
ATOM   1078 N  N   . VAL A 1 155 ? -9.011  3.378   -11.034 1.00 41.65  ? 201 VAL A N   1 
ATOM   1079 C  CA  . VAL A 1 155 ? -10.040 4.412   -11.252 1.00 44.19  ? 201 VAL A CA  1 
ATOM   1080 C  C   . VAL A 1 155 ? -11.268 3.825   -11.922 1.00 44.52  ? 201 VAL A C   1 
ATOM   1081 O  O   . VAL A 1 155 ? -12.360 4.239   -11.557 1.00 41.01  ? 201 VAL A O   1 
ATOM   1082 C  CB  . VAL A 1 155 ? -9.569  5.724   -11.881 1.00 46.22  ? 201 VAL A CB  1 
ATOM   1083 C  CG1 . VAL A 1 155 ? -8.157  6.094   -11.405 1.00 45.18  ? 201 VAL A CG1 1 
ATOM   1084 C  CG2 . VAL A 1 155 ? -9.652  5.738   -13.401 1.00 45.60  ? 201 VAL A CG2 1 
ATOM   1085 N  N   . ASP A 1 156 ? -11.139 2.887   -12.858 1.00 48.37  ? 202 ASP A N   1 
ATOM   1086 C  CA  . ASP A 1 156 ? -12.296 2.187   -13.420 1.00 50.09  ? 202 ASP A CA  1 
ATOM   1087 C  C   . ASP A 1 156 ? -13.162 1.577   -12.322 1.00 51.48  ? 202 ASP A C   1 
ATOM   1088 O  O   . ASP A 1 156 ? -14.340 1.928   -12.225 1.00 50.94  ? 202 ASP A O   1 
ATOM   1089 C  CB  . ASP A 1 156 ? -11.822 1.086   -14.375 1.00 52.67  ? 202 ASP A CB  1 
ATOM   1090 C  CG  . ASP A 1 156 ? -12.969 0.440   -15.149 1.00 54.02  ? 202 ASP A CG  1 
ATOM   1091 O  OD1 . ASP A 1 156 ? -13.801 1.219   -15.660 1.00 53.55  ? 202 ASP A OD1 1 
ATOM   1092 O  OD2 . ASP A 1 156 ? -13.018 -0.800  -15.278 1.00 53.94  ? 202 ASP A OD2 1 
ATOM   1093 N  N   . ILE A 1 157 ? -12.583 0.739   -11.444 1.00 51.10  ? 203 ILE A N   1 
ATOM   1094 C  CA  . ILE A 1 157 ? -13.368 0.160   -10.355 1.00 51.13  ? 203 ILE A CA  1 
ATOM   1095 C  C   . ILE A 1 157 ? -13.984 1.256   -9.508  1.00 51.82  ? 203 ILE A C   1 
ATOM   1096 O  O   . ILE A 1 157 ? -15.184 1.160   -9.270  1.00 51.86  ? 203 ILE A O   1 
ATOM   1097 C  CB  . ILE A 1 157 ? -12.551 -0.836  -9.509  1.00 50.49  ? 203 ILE A CB  1 
ATOM   1098 C  CG1 . ILE A 1 157 ? -12.094 -2.020  -10.372 1.00 50.37  ? 203 ILE A CG1 1 
ATOM   1099 C  CG2 . ILE A 1 157 ? -13.277 -1.377  -8.300  1.00 49.43  ? 203 ILE A CG2 1 
ATOM   1100 C  CD1 . ILE A 1 157 ? -10.956 -2.807  -9.758  1.00 49.21  ? 203 ILE A CD1 1 
ATOM   1101 N  N   . ILE A 1 158 ? -13.269 2.307   -9.102  1.00 52.50  ? 204 ILE A N   1 
ATOM   1102 C  CA  . ILE A 1 158 ? -13.913 3.353   -8.298  1.00 54.44  ? 204 ILE A CA  1 
ATOM   1103 C  C   . ILE A 1 158 ? -14.969 4.144   -9.075  1.00 55.69  ? 204 ILE A C   1 
ATOM   1104 O  O   . ILE A 1 158 ? -16.029 4.446   -8.513  1.00 53.77  ? 204 ILE A O   1 
ATOM   1105 C  CB  . ILE A 1 158 ? -12.902 4.321   -7.656  1.00 53.40  ? 204 ILE A CB  1 
ATOM   1106 C  CG1 . ILE A 1 158 ? -11.817 3.545   -6.865  1.00 54.29  ? 204 ILE A CG1 1 
ATOM   1107 C  CG2 . ILE A 1 158 ? -13.602 5.319   -6.747  1.00 51.11  ? 204 ILE A CG2 1 
ATOM   1108 C  CD1 . ILE A 1 158 ? -12.358 2.812   -5.649  1.00 52.31  ? 204 ILE A CD1 1 
ATOM   1109 N  N   . ALA A 1 159 ? -14.721 4.496   -10.331 1.00 57.50  ? 205 ALA A N   1 
ATOM   1110 C  CA  . ALA A 1 159 ? -15.696 5.271   -11.098 1.00 62.09  ? 205 ALA A CA  1 
ATOM   1111 C  C   . ALA A 1 159 ? -17.020 4.537   -11.286 1.00 65.55  ? 205 ALA A C   1 
ATOM   1112 O  O   . ALA A 1 159 ? -18.093 5.110   -11.109 1.00 66.25  ? 205 ALA A O   1 
ATOM   1113 C  CB  . ALA A 1 159 ? -15.119 5.673   -12.446 1.00 59.94  ? 205 ALA A CB  1 
ATOM   1114 N  N   . THR A 1 160 ? -16.977 3.264   -11.644 1.00 70.03  ? 206 THR A N   1 
ATOM   1115 C  CA  . THR A 1 160 ? -18.159 2.438   -11.781 1.00 74.66  ? 206 THR A CA  1 
ATOM   1116 C  C   . THR A 1 160 ? -18.919 2.385   -10.465 1.00 78.21  ? 206 THR A C   1 
ATOM   1117 O  O   . THR A 1 160 ? -20.118 2.663   -10.424 1.00 78.88  ? 206 THR A O   1 
ATOM   1118 C  CB  . THR A 1 160 ? -17.806 1.012   -12.240 1.00 73.94  ? 206 THR A CB  1 
ATOM   1119 O  OG1 . THR A 1 160 ? -17.160 1.073   -13.520 1.00 73.74  ? 206 THR A OG1 1 
ATOM   1120 C  CG2 . THR A 1 160 ? -19.055 0.160   -12.374 1.00 73.99  ? 206 THR A CG2 1 
ATOM   1121 N  N   . ASP A 1 161 ? -18.223 2.083   -9.376  1.00 82.36  ? 207 ASP A N   1 
ATOM   1122 C  CA  . ASP A 1 161 ? -18.835 1.980   -8.062  1.00 86.30  ? 207 ASP A CA  1 
ATOM   1123 C  C   . ASP A 1 161 ? -19.537 3.247   -7.608  1.00 89.12  ? 207 ASP A C   1 
ATOM   1124 O  O   . ASP A 1 161 ? -20.574 3.131   -6.945  1.00 89.51  ? 207 ASP A O   1 
ATOM   1125 C  CB  . ASP A 1 161 ? -17.781 1.559   -7.033  1.00 86.67  ? 207 ASP A CB  1 
ATOM   1126 C  CG  . ASP A 1 161 ? -18.414 1.234   -5.700  1.00 87.23  ? 207 ASP A CG  1 
ATOM   1127 O  OD1 . ASP A 1 161 ? -19.167 0.242   -5.633  1.00 87.87  ? 207 ASP A OD1 1 
ATOM   1128 O  OD2 . ASP A 1 161 ? -18.174 1.972   -4.727  1.00 87.87  ? 207 ASP A OD2 1 
ATOM   1129 N  N   . ILE A 1 162 ? -19.029 4.431   -7.930  1.00 92.32  ? 208 ILE A N   1 
ATOM   1130 C  CA  . ILE A 1 162 ? -19.649 5.684   -7.530  1.00 95.86  ? 208 ILE A CA  1 
ATOM   1131 C  C   . ILE A 1 162 ? -21.065 5.762   -8.102  1.00 97.94  ? 208 ILE A C   1 
ATOM   1132 O  O   . ILE A 1 162 ? -22.028 6.126   -7.440  1.00 97.44  ? 208 ILE A O   1 
ATOM   1133 C  CB  . ILE A 1 162 ? -18.890 6.937   -8.015  1.00 96.14  ? 208 ILE A CB  1 
ATOM   1134 C  CG1 . ILE A 1 162 ? -17.537 7.067   -7.312  1.00 96.18  ? 208 ILE A CG1 1 
ATOM   1135 C  CG2 . ILE A 1 162 ? -19.730 8.196   -7.781  1.00 96.04  ? 208 ILE A CG2 1 
ATOM   1136 C  CD1 . ILE A 1 162 ? -16.593 8.064   -7.941  1.00 95.91  ? 208 ILE A CD1 1 
ATOM   1137 N  N   . GLN A 1 163 ? -21.144 5.438   -9.387  1.00 100.42 ? 209 GLN A N   1 
ATOM   1138 C  CA  . GLN A 1 163 ? -22.383 5.492   -10.142 1.00 102.97 ? 209 GLN A CA  1 
ATOM   1139 C  C   . GLN A 1 163 ? -23.218 4.236   -9.963  1.00 104.19 ? 209 GLN A C   1 
ATOM   1140 O  O   . GLN A 1 163 ? -23.449 3.457   -10.885 1.00 104.21 ? 209 GLN A O   1 
ATOM   1141 C  CB  . GLN A 1 163 ? -22.000 5.747   -11.603 1.00 103.65 ? 209 GLN A CB  1 
ATOM   1142 C  CG  . GLN A 1 163 ? -21.229 7.049   -11.784 1.00 104.48 ? 209 GLN A CG  1 
ATOM   1143 C  CD  . GLN A 1 163 ? -20.626 7.168   -13.165 1.00 105.28 ? 209 GLN A CD  1 
ATOM   1144 O  OE1 . GLN A 1 163 ? -20.386 6.148   -13.823 1.00 105.71 ? 209 GLN A OE1 1 
ATOM   1145 N  NE2 . GLN A 1 163 ? -20.378 8.396   -13.612 1.00 105.24 ? 209 GLN A NE2 1 
ATOM   1146 N  N   . THR A 1 164 ? -23.698 4.036   -8.740  1.00 105.29 ? 210 THR A N   1 
ATOM   1147 C  CA  . THR A 1 164 ? -24.503 2.917   -8.314  1.00 105.90 ? 210 THR A CA  1 
ATOM   1148 C  C   . THR A 1 164 ? -23.721 1.609   -8.314  1.00 106.28 ? 210 THR A C   1 
ATOM   1149 O  O   . THR A 1 164 ? -23.267 1.190   -7.225  1.00 106.30 ? 210 THR A O   1 
ATOM   1150 C  CB  . THR A 1 164 ? -25.737 2.790   -9.196  1.00 106.99 ? 210 THR A CB  1 
HETATM 1151 S  S   . SO4 B 2 .   ? 19.532  6.260   1.408   1.00 86.41  ? 302 SO4 A S   1 
HETATM 1152 O  O1  . SO4 B 2 .   ? 20.073  5.608   2.648   1.00 86.84  ? 302 SO4 A O1  1 
HETATM 1153 O  O2  . SO4 B 2 .   ? 18.976  5.183   0.528   1.00 86.47  ? 302 SO4 A O2  1 
HETATM 1154 O  O3  . SO4 B 2 .   ? 20.620  7.011   0.710   1.00 87.02  ? 302 SO4 A O3  1 
HETATM 1155 O  O4  . SO4 B 2 .   ? 18.482  7.268   1.791   1.00 86.82  ? 302 SO4 A O4  1 
HETATM 1156 CL CL  . CL  C 3 .   ? 18.054  10.803  -5.284  1.00 69.19  ? 303 CL  A CL  1 
HETATM 1157 AS AS  . TTO D 4 .   ? 19.568  10.502  -11.687 0.50 79.65  ? 304 TTO A AS  1 
HETATM 1158 C  C1  . TTO D 4 .   ? 19.184  9.214   -13.034 0.50 79.44  ? 304 TTO A C1  1 
HETATM 1159 C  C2  . TTO D 4 .   ? 17.852  8.777   -13.208 0.50 81.30  ? 304 TTO A C2  1 
HETATM 1160 C  C3  . TTO D 4 .   ? 17.670  7.876   -14.226 0.50 82.24  ? 304 TTO A C3  1 
HETATM 1161 C  C4  . TTO D 4 .   ? 18.658  7.373   -15.009 0.50 79.58  ? 304 TTO A C4  1 
HETATM 1162 C  C5  . TTO D 4 .   ? 19.995  7.782   -14.854 0.50 82.12  ? 304 TTO A C5  1 
HETATM 1163 C  C6  . TTO D 4 .   ? 20.281  8.759   -13.820 0.50 81.58  ? 304 TTO A C6  1 
HETATM 1164 O  O   . HOH E 5 .   ? 5.542   7.291   -7.483  1.00 24.02  ? 305 HOH A O   1 
HETATM 1165 O  O   . HOH E 5 .   ? -11.663 6.969   2.751   1.00 25.01  ? 306 HOH A O   1 
HETATM 1166 O  O   . HOH E 5 .   ? 3.730   -5.907  8.158   1.00 43.75  ? 307 HOH A O   1 
HETATM 1167 O  O   . HOH E 5 .   ? -11.846 5.871   5.149   1.00 30.28  ? 308 HOH A O   1 
HETATM 1168 O  O   . HOH E 5 .   ? -0.042  -2.083  -13.507 1.00 37.34  ? 309 HOH A O   1 
HETATM 1169 O  O   . HOH E 5 .   ? 3.911   7.393   7.792   1.00 37.17  ? 310 HOH A O   1 
HETATM 1170 O  O   . HOH E 5 .   ? 1.859   -0.080  13.213  1.00 40.34  ? 311 HOH A O   1 
HETATM 1171 O  O   . HOH E 5 .   ? 0.957   16.485  6.488   1.00 46.65  ? 312 HOH A O   1 
HETATM 1172 O  O   . HOH E 5 .   ? 13.000  11.589  -4.723  1.00 46.70  ? 313 HOH A O   1 
HETATM 1173 O  O   . HOH E 5 .   ? 16.193  6.480   -17.548 1.00 44.69  ? 314 HOH A O   1 
HETATM 1174 O  O   . HOH E 5 .   ? 0.152   -0.161  16.189  1.00 43.56  ? 315 HOH A O   1 
HETATM 1175 O  O   . HOH E 5 .   ? -9.921  -3.729  -3.466  1.00 37.16  ? 316 HOH A O   1 
HETATM 1176 O  O   . HOH E 5 .   ? 5.251   0.875   -16.720 1.00 54.32  ? 317 HOH A O   1 
HETATM 1177 O  O   . HOH E 5 .   ? 3.955   8.370   5.334   1.00 40.22  ? 318 HOH A O   1 
HETATM 1178 O  O   . HOH E 5 .   ? -10.551 2.361   -2.096  1.00 65.97  ? 319 HOH A O   1 
HETATM 1179 O  O   . HOH E 5 .   ? 2.892   -8.081  7.041   1.00 53.51  ? 320 HOH A O   1 
HETATM 1180 O  O   . HOH E 5 .   ? -3.737  6.716   -14.963 1.00 54.86  ? 321 HOH A O   1 
HETATM 1181 O  O   . HOH E 5 .   ? -1.844  4.142   -15.061 1.00 40.94  ? 322 HOH A O   1 
HETATM 1182 O  O   . HOH E 5 .   ? -5.060  6.331   -12.934 1.00 49.87  ? 323 HOH A O   1 
HETATM 1183 O  O   . HOH E 5 .   ? -15.322 0.897   7.189   1.00 49.46  ? 324 HOH A O   1 
HETATM 1184 O  O   . HOH E 5 .   ? -0.846  8.444   0.276   1.00 56.07  ? 325 HOH A O   1 
HETATM 1185 O  O   . HOH E 5 .   ? -0.854  -4.653  -11.886 1.00 58.70  ? 326 HOH A O   1 
HETATM 1186 O  O   . HOH E 5 .   ? 13.223  13.790  0.724   1.00 52.85  ? 327 HOH A O   1 
HETATM 1187 O  O   . HOH E 5 .   ? 2.196   -0.890  17.280  1.00 60.47  ? 328 HOH A O   1 
HETATM 1188 O  O   . HOH E 5 .   ? -6.163  -7.863  8.975   1.00 56.08  ? 329 HOH A O   1 
HETATM 1189 O  O   . HOH E 5 .   ? -1.472  4.181   24.438  1.00 68.33  ? 330 HOH A O   1 
HETATM 1190 O  O   . HOH E 5 .   ? -9.890  8.925   -5.048  1.00 55.75  ? 331 HOH A O   1 
HETATM 1191 O  O   . HOH E 5 .   ? -15.077 2.045   -1.309  1.00 54.06  ? 332 HOH A O   1 
HETATM 1192 O  O   . HOH E 5 .   ? 1.696   -13.470 8.615   1.00 46.78  ? 333 HOH A O   1 
HETATM 1193 O  O   . HOH E 5 .   ? -4.475  5.777   -19.362 1.00 54.55  ? 334 HOH A O   1 
HETATM 1194 O  O   . HOH E 5 .   ? -1.707  5.204   -17.359 1.00 61.76  ? 335 HOH A O   1 
HETATM 1195 O  O   . HOH E 5 .   ? -0.636  2.383   22.374  1.00 61.75  ? 336 HOH A O   1 
HETATM 1196 O  O   . HOH E 5 .   ? 3.811   -3.804  13.793  1.00 50.39  ? 337 HOH A O   1 
HETATM 1197 O  O   . HOH E 5 .   ? -16.194 3.750   -4.406  1.00 73.22  ? 338 HOH A O   1 
HETATM 1198 O  O   . HOH E 5 .   ? -14.778 7.303   5.901   1.00 57.00  ? 339 HOH A O   1 
HETATM 1199 O  O   . HOH E 5 .   ? -16.248 9.493   5.384   1.00 52.09  ? 340 HOH A O   1 
HETATM 1200 O  O   . HOH E 5 .   ? -0.505  10.278  13.581  1.00 63.11  ? 341 HOH A O   1 
HETATM 1201 O  O   . HOH E 5 .   ? 7.455   7.566   14.642  1.00 73.57  ? 342 HOH A O   1 
HETATM 1202 O  O   . HOH E 5 .   ? 13.742  3.257   7.145   1.00 59.96  ? 343 HOH A O   1 
HETATM 1203 O  O   . HOH E 5 .   ? 15.037  7.149   4.160   1.00 59.08  ? 344 HOH A O   1 
HETATM 1204 O  O   . HOH E 5 .   ? -8.096  4.786   20.434  1.00 58.50  ? 345 HOH A O   1 
HETATM 1205 O  O   . HOH E 5 .   ? -11.972 -3.195  13.058  1.00 70.41  ? 346 HOH A O   1 
HETATM 1206 O  O   . HOH E 5 .   ? 6.899   2.941   -17.023 1.00 60.98  ? 347 HOH A O   1 
HETATM 1207 O  O   . HOH E 5 .   ? 5.676   -5.660  9.817   1.00 53.63  ? 348 HOH A O   1 
HETATM 1208 O  O   . HOH E 5 .   ? -3.153  9.856   18.070  1.00 69.01  ? 349 HOH A O   1 
HETATM 1209 O  O   . HOH E 5 .   ? -7.022  -11.946 8.582   1.00 59.72  ? 350 HOH A O   1 
HETATM 1210 O  O   . HOH E 5 .   ? -10.422 2.085   15.577  1.00 53.76  ? 351 HOH A O   1 
HETATM 1211 O  O   . HOH E 5 .   ? 10.829  -8.447  4.435   1.00 58.73  ? 352 HOH A O   1 
HETATM 1212 O  O   . HOH E 5 .   ? 3.984   -0.844  14.304  1.00 50.76  ? 353 HOH A O   1 
HETATM 1213 O  O   . HOH E 5 .   ? -15.389 -2.159  -0.275  1.00 67.73  ? 354 HOH A O   1 
HETATM 1214 O  O   . HOH E 5 .   ? 19.108  -2.385  -13.767 1.00 61.05  ? 355 HOH A O   1 
HETATM 1215 O  O   . HOH E 5 .   ? 12.464  -1.346  12.231  1.00 73.02  ? 356 HOH A O   1 
HETATM 1216 O  O   . HOH E 5 .   ? 7.497   8.497   4.945   1.00 68.17  ? 357 HOH A O   1 
HETATM 1217 O  O   . HOH E 5 .   ? 0.944   1.683   -22.715 1.00 79.65  ? 358 HOH A O   1 
HETATM 1218 O  O   . HOH E 5 .   ? 2.867   -10.152 4.376   1.00 74.64  ? 359 HOH A O   1 
HETATM 1219 O  O   . HOH E 5 .   ? -6.314  -9.247  0.755   1.00 67.52  ? 360 HOH A O   1 
HETATM 1220 O  O   . HOH E 5 .   ? 11.527  -2.311  -14.602 1.00 62.63  ? 361 HOH A O   1 
HETATM 1221 O  O   . HOH E 5 .   ? -8.802  -9.395  -6.712  1.00 87.55  ? 362 HOH A O   1 
HETATM 1222 O  O   . HOH E 5 .   ? -15.482 -3.825  3.390   1.00 69.55  ? 363 HOH A O   1 
HETATM 1223 O  O   . HOH E 5 .   ? 1.997   -0.353  -20.227 1.00 61.89  ? 364 HOH A O   1 
HETATM 1224 O  O   . HOH E 5 .   ? 8.406   8.408   1.829   1.00 52.84  ? 365 HOH A O   1 
HETATM 1225 O  O   . HOH E 5 .   ? -13.568 2.363   15.959  1.00 68.44  ? 366 HOH A O   1 
HETATM 1226 O  O   . HOH E 5 .   ? 15.552  -6.892  -9.226  1.00 55.86  ? 367 HOH A O   1 
HETATM 1227 O  O   . HOH E 5 .   ? -0.299  3.375   -18.275 1.00 56.28  ? 368 HOH A O   1 
HETATM 1228 O  O   . HOH E 5 .   ? -14.965 5.345   3.338   1.00 82.31  ? 369 HOH A O   1 
HETATM 1229 O  O   . HOH E 5 .   ? 13.864  7.423   6.666   1.00 71.95  ? 370 HOH A O   1 
HETATM 1230 O  O   . HOH E 5 .   ? 1.820   6.646   -0.555  1.00 52.10  ? 371 HOH A O   1 
HETATM 1231 O  O   . HOH E 5 .   ? 17.064  -4.222  5.475   1.00 60.28  ? 372 HOH A O   1 
HETATM 1232 O  O   . HOH E 5 .   ? -15.966 -1.726  -9.680  1.00 66.79  ? 373 HOH A O   1 
HETATM 1233 O  O   . HOH E 5 .   ? -15.369 4.550   5.843   1.00 71.10  ? 374 HOH A O   1 
HETATM 1234 O  O   . HOH E 5 .   ? -3.505  8.891   15.468  1.00 47.63  ? 375 HOH A O   1 
HETATM 1235 O  O   . HOH E 5 .   ? -14.588 -4.782  -6.286  1.00 62.23  ? 376 HOH A O   1 
HETATM 1236 O  O   . HOH E 5 .   ? -0.918  7.409   -13.805 1.00 34.74  ? 377 HOH A O   1 
HETATM 1237 O  O   . HOH E 5 .   ? -15.689 -5.308  8.565   1.00 74.62  ? 378 HOH A O   1 
HETATM 1238 O  O   . HOH E 5 .   ? -1.238  4.859   -12.464 1.00 44.82  ? 379 HOH A O   1 
HETATM 1239 O  O   . HOH E 5 .   ? 15.329  11.392  -10.231 1.00 50.73  ? 380 HOH A O   1 
HETATM 1240 O  O   . HOH E 5 .   ? -17.079 -1.241  3.112   1.00 101.09 ? 381 HOH A O   1 
HETATM 1241 O  O   . HOH E 5 .   ? 22.380  -5.343  -13.428 1.00 87.99  ? 382 HOH A O   1 
HETATM 1242 O  O   . HOH E 5 .   ? 18.188  -7.391  -12.054 1.00 68.80  ? 383 HOH A O   1 
HETATM 1243 O  O   . HOH E 5 .   ? 17.427  -4.043  -15.059 1.00 71.48  ? 384 HOH A O   1 
HETATM 1244 O  O   . HOH E 5 .   ? -18.975 -0.236  0.093   1.00 81.80  ? 385 HOH A O   1 
# 
